data_7MXY
#
_entry.id   7MXY
#
_cell.length_a   1.00
_cell.length_b   1.00
_cell.length_c   1.00
_cell.angle_alpha   90.00
_cell.angle_beta   90.00
_cell.angle_gamma   90.00
#
_symmetry.space_group_name_H-M   'P 1'
#
loop_
_entity.id
_entity.type
_entity.pdbx_description
1 polymer 'Formate-nitrite transporter'
2 non-polymer (Z)-4,4,5,5,5-pentakis(fluoranyl)-1-(4-methoxy-2-oxidanyl-phenyl)-3-oxidanyl-pent-2-en-1-one
3 water water
#
_entity_poly.entity_id   1
_entity_poly.type   'polypeptide(L)'
_entity_poly.pdbx_seq_one_letter_code
;MPPNNSKYVLDPVSIKSVCGGEESYIRCVEYGKKKAHYSNLNLLAKAILAGMFVGLCAHASGIAGGLFYYHKLREIVGAS
MSVFVYGFTFPIAFMCIICTGSDLFTGNTLAVTMALYEKKVKLLDYLRVMTISLFGNYVGAVSFAFFVSYLSGAFTNVHA
VEKNHFFQFLNDIAEKKVHHTFVECVSLAVGCNIFVCLAVYFVLTLKDGAGYVFSVFFAVYAFAIAGYEHIIANIYTLNI
ALMVNTKITVYQAYIKNLLPTLLGNYIAGAIVLGLPLYFIYKEHYYNFERSKRDNNDAQMKSLSIELRN
;
_entity_poly.pdbx_strand_id   A,B,C,D,E
#
loop_
_chem_comp.id
_chem_comp.type
_chem_comp.name
_chem_comp.formula
HV6 non-polymer (Z)-4,4,5,5,5-pentakis(fluoranyl)-1-(4-methoxy-2-oxidanyl-phenyl)-3-oxidanyl-pent-2-en-1-one 'C12 H9 F5 O4'
#
# COMPACT_ATOMS: atom_id res chain seq x y z
N VAL A 9 7.53 -25.65 20.55
CA VAL A 9 8.60 -24.66 20.52
C VAL A 9 8.18 -23.46 19.69
N LEU A 10 8.32 -22.26 20.26
CA LEU A 10 8.00 -21.01 19.60
C LEU A 10 9.30 -20.23 19.46
N ASP A 11 10.05 -20.51 18.40
CA ASP A 11 11.35 -19.87 18.16
C ASP A 11 11.56 -19.75 16.66
N PRO A 12 10.83 -18.86 16.00
CA PRO A 12 11.08 -18.62 14.58
C PRO A 12 12.50 -18.12 14.37
N VAL A 13 13.11 -18.55 13.27
CA VAL A 13 14.48 -18.16 12.97
C VAL A 13 14.48 -16.74 12.45
N SER A 14 15.32 -15.89 13.04
CA SER A 14 15.40 -14.50 12.63
C SER A 14 16.02 -14.38 11.24
N ILE A 15 15.44 -13.53 10.42
CA ILE A 15 15.90 -13.31 9.05
C ILE A 15 15.98 -11.81 8.79
N LYS A 16 16.87 -11.43 7.87
CA LYS A 16 16.96 -10.07 7.38
C LYS A 16 16.95 -10.11 5.86
N SER A 17 16.15 -9.22 5.26
CA SER A 17 16.08 -9.12 3.81
C SER A 17 16.82 -7.92 3.25
N VAL A 18 17.14 -6.94 4.09
CA VAL A 18 17.86 -5.74 3.67
C VAL A 18 19.28 -5.86 4.21
N CYS A 19 20.24 -5.98 3.30
CA CYS A 19 21.66 -6.06 3.62
C CYS A 19 22.33 -4.96 2.80
N GLY A 20 22.46 -3.77 3.41
CA GLY A 20 22.87 -2.58 2.69
C GLY A 20 24.29 -2.14 3.00
N GLY A 21 24.67 -1.04 2.36
CA GLY A 21 25.97 -0.43 2.59
C GLY A 21 27.04 -0.93 1.64
N GLU A 22 28.06 -1.58 2.19
CA GLU A 22 29.14 -2.10 1.36
C GLU A 22 28.65 -3.23 0.47
N GLU A 23 27.73 -4.05 0.99
CA GLU A 23 27.22 -5.17 0.20
C GLU A 23 26.47 -4.66 -1.03
N SER A 24 25.69 -3.60 -0.88
CA SER A 24 25.01 -3.02 -2.04
C SER A 24 26.02 -2.52 -3.06
N TYR A 25 27.14 -1.97 -2.59
CA TYR A 25 28.19 -1.53 -3.49
C TYR A 25 28.78 -2.70 -4.26
N ILE A 26 29.03 -3.82 -3.57
CA ILE A 26 29.57 -4.99 -4.25
C ILE A 26 28.56 -5.49 -5.28
N ARG A 27 27.28 -5.55 -4.91
CA ARG A 27 26.25 -6.02 -5.83
C ARG A 27 26.19 -5.12 -7.06
N CYS A 28 26.24 -3.80 -6.87
CA CYS A 28 26.20 -2.89 -8.01
C CYS A 28 27.41 -3.10 -8.91
N VAL A 29 28.60 -3.23 -8.33
CA VAL A 29 29.81 -3.38 -9.14
C VAL A 29 29.75 -4.69 -9.92
N GLU A 30 29.28 -5.77 -9.29
CA GLU A 30 29.23 -7.05 -9.98
C GLU A 30 28.11 -7.08 -11.02
N TYR A 31 26.99 -6.41 -10.76
CA TYR A 31 25.94 -6.32 -11.77
C TYR A 31 26.40 -5.52 -12.97
N GLY A 32 27.23 -4.50 -12.76
CA GLY A 32 27.84 -3.80 -13.86
C GLY A 32 28.86 -4.62 -14.60
N LYS A 33 29.64 -5.43 -13.88
CA LYS A 33 30.66 -6.25 -14.51
C LYS A 33 30.07 -7.41 -15.31
N LYS A 34 28.91 -7.92 -14.89
CA LYS A 34 28.29 -9.03 -15.61
C LYS A 34 27.93 -8.63 -17.04
N LYS A 35 27.54 -7.37 -17.23
CA LYS A 35 27.18 -6.90 -18.57
C LYS A 35 28.37 -6.91 -19.52
N ALA A 36 29.59 -7.02 -19.00
CA ALA A 36 30.77 -7.02 -19.86
C ALA A 36 30.84 -8.26 -20.73
N HIS A 37 30.44 -9.42 -20.19
CA HIS A 37 30.68 -10.69 -20.86
C HIS A 37 29.58 -11.10 -21.82
N TYR A 38 28.40 -10.49 -21.74
CA TYR A 38 27.34 -10.82 -22.69
C TYR A 38 27.76 -10.48 -24.11
N SER A 39 27.30 -11.29 -25.07
CA SER A 39 27.56 -11.02 -26.46
C SER A 39 26.84 -9.74 -26.89
N ASN A 40 27.24 -9.23 -28.06
CA ASN A 40 26.67 -7.97 -28.53
C ASN A 40 25.17 -8.10 -28.76
N LEU A 41 24.75 -9.15 -29.47
CA LEU A 41 23.34 -9.30 -29.81
C LEU A 41 22.48 -9.48 -28.58
N ASN A 42 23.00 -10.15 -27.55
CA ASN A 42 22.24 -10.31 -26.32
C ASN A 42 21.95 -8.97 -25.67
N LEU A 43 22.98 -8.12 -25.57
CA LEU A 43 22.77 -6.79 -25.01
C LEU A 43 21.82 -5.98 -25.88
N LEU A 44 21.95 -6.10 -27.20
CA LEU A 44 21.05 -5.38 -28.10
C LEU A 44 19.60 -5.78 -27.86
N ALA A 45 19.35 -7.08 -27.74
CA ALA A 45 17.99 -7.56 -27.50
C ALA A 45 17.47 -7.08 -26.15
N LYS A 46 18.30 -7.16 -25.11
CA LYS A 46 17.86 -6.71 -23.79
C LYS A 46 17.54 -5.22 -23.81
N ALA A 47 18.37 -4.42 -24.48
CA ALA A 47 18.12 -2.99 -24.56
C ALA A 47 16.84 -2.69 -25.31
N ILE A 48 16.59 -3.39 -26.42
CA ILE A 48 15.37 -3.18 -27.18
C ILE A 48 14.15 -3.54 -26.32
N LEU A 49 14.24 -4.65 -25.60
CA LEU A 49 13.12 -5.06 -24.74
C LEU A 49 12.86 -4.02 -23.66
N ALA A 50 13.92 -3.50 -23.04
CA ALA A 50 13.73 -2.48 -22.01
C ALA A 50 13.10 -1.23 -22.59
N GLY A 51 13.55 -0.80 -23.76
CA GLY A 51 12.94 0.35 -24.41
C GLY A 51 11.47 0.14 -24.69
N MET A 52 11.11 -1.06 -25.17
CA MET A 52 9.71 -1.37 -25.40
C MET A 52 8.91 -1.31 -24.10
N PHE A 53 9.47 -1.84 -23.02
CA PHE A 53 8.77 -1.81 -21.73
C PHE A 53 8.53 -0.37 -21.28
N VAL A 54 9.54 0.47 -21.44
CA VAL A 54 9.39 1.88 -21.08
C VAL A 54 8.31 2.53 -21.93
N GLY A 55 8.31 2.25 -23.23
CA GLY A 55 7.26 2.77 -24.08
C GLY A 55 5.88 2.35 -23.63
N LEU A 56 5.72 1.09 -23.25
CA LEU A 56 4.42 0.58 -22.81
C LEU A 56 3.96 1.30 -21.55
N CYS A 57 4.83 1.37 -20.54
CA CYS A 57 4.43 2.00 -19.30
C CYS A 57 4.17 3.49 -19.50
N ALA A 58 4.94 4.15 -20.37
CA ALA A 58 4.71 5.55 -20.65
C ALA A 58 3.38 5.76 -21.37
N HIS A 59 3.01 4.85 -22.28
CA HIS A 59 1.71 4.93 -22.91
C HIS A 59 0.60 4.82 -21.88
N ALA A 60 0.72 3.86 -20.97
CA ALA A 60 -0.31 3.71 -19.93
C ALA A 60 -0.43 4.96 -19.09
N SER A 61 0.72 5.51 -18.66
CA SER A 61 0.70 6.71 -17.83
C SER A 61 0.12 7.89 -18.60
N GLY A 62 0.47 8.04 -19.87
CA GLY A 62 -0.08 9.13 -20.66
C GLY A 62 -1.57 9.02 -20.82
N ILE A 63 -2.08 7.81 -21.03
CA ILE A 63 -3.53 7.65 -21.17
C ILE A 63 -4.23 7.97 -19.86
N ALA A 64 -3.69 7.52 -18.74
CA ALA A 64 -4.31 7.84 -17.45
C ALA A 64 -4.28 9.34 -17.18
N GLY A 65 -3.15 9.99 -17.46
CA GLY A 65 -3.06 11.42 -17.25
C GLY A 65 -4.01 12.19 -18.14
N GLY A 66 -4.14 11.78 -19.40
CA GLY A 66 -5.12 12.40 -20.27
C GLY A 66 -6.54 12.20 -19.78
N LEU A 67 -6.83 11.01 -19.25
CA LEU A 67 -8.15 10.75 -18.69
C LEU A 67 -8.46 11.72 -17.56
N PHE A 68 -7.48 11.95 -16.68
CA PHE A 68 -7.65 12.95 -15.63
C PHE A 68 -7.37 14.37 -16.10
N TYR A 69 -7.12 14.57 -17.39
CA TYR A 69 -6.98 15.91 -17.97
C TYR A 69 -8.28 16.41 -18.59
N TYR A 70 -9.42 15.91 -18.11
CA TYR A 70 -10.71 16.37 -18.62
C TYR A 70 -10.82 17.88 -18.44
N HIS A 71 -11.35 18.55 -19.46
CA HIS A 71 -11.30 20.01 -19.47
C HIS A 71 -12.03 20.61 -18.27
N LYS A 72 -13.21 20.09 -17.96
CA LYS A 72 -13.95 20.59 -16.80
C LYS A 72 -13.18 20.34 -15.52
N LEU A 73 -12.56 19.17 -15.39
CA LEU A 73 -11.65 18.93 -14.28
C LEU A 73 -10.45 19.87 -14.35
N ARG A 74 -9.95 20.12 -15.56
CA ARG A 74 -8.76 20.96 -15.71
C ARG A 74 -8.98 22.35 -15.16
N GLU A 75 -10.13 22.96 -15.47
CA GLU A 75 -10.36 24.35 -15.07
C GLU A 75 -10.59 24.51 -13.58
N ILE A 76 -10.51 23.44 -12.79
CA ILE A 76 -10.65 23.55 -11.34
C ILE A 76 -9.48 22.84 -10.66
N VAL A 77 -8.66 22.13 -11.44
CA VAL A 77 -7.56 21.36 -10.87
C VAL A 77 -6.24 21.59 -11.59
N GLY A 78 -6.22 22.16 -12.80
CA GLY A 78 -4.98 22.23 -13.53
C GLY A 78 -4.51 20.84 -13.91
N ALA A 79 -3.19 20.68 -14.00
CA ALA A 79 -2.59 19.41 -14.39
C ALA A 79 -2.22 18.53 -13.21
N SER A 80 -2.55 18.95 -11.98
CA SER A 80 -2.03 18.26 -10.80
C SER A 80 -2.45 16.80 -10.77
N MET A 81 -3.75 16.54 -10.93
CA MET A 81 -4.23 15.16 -10.90
C MET A 81 -3.63 14.35 -12.05
N SER A 82 -3.50 14.96 -13.22
CA SER A 82 -2.97 14.24 -14.36
C SER A 82 -1.54 13.78 -14.11
N VAL A 83 -0.69 14.68 -13.61
CA VAL A 83 0.70 14.30 -13.33
C VAL A 83 0.76 13.31 -12.18
N PHE A 84 -0.11 13.48 -11.18
CA PHE A 84 -0.13 12.54 -10.07
C PHE A 84 -0.42 11.12 -10.56
N VAL A 85 -1.44 10.97 -11.40
CA VAL A 85 -1.79 9.65 -11.90
C VAL A 85 -0.71 9.13 -12.84
N TYR A 86 -0.14 10.00 -13.67
CA TYR A 86 0.96 9.60 -14.55
C TYR A 86 2.09 8.97 -13.74
N GLY A 87 2.53 9.66 -12.68
CA GLY A 87 3.59 9.14 -11.84
C GLY A 87 3.17 7.97 -10.99
N PHE A 88 1.86 7.81 -10.74
CA PHE A 88 1.40 6.66 -9.99
C PHE A 88 1.40 5.39 -10.83
N THR A 89 1.14 5.51 -12.14
CA THR A 89 1.06 4.32 -12.99
C THR A 89 2.36 4.02 -13.71
N PHE A 90 3.21 5.00 -13.95
CA PHE A 90 4.46 4.77 -14.68
C PHE A 90 5.40 3.77 -14.01
N PRO A 91 5.56 3.81 -12.68
CA PRO A 91 6.69 3.09 -12.05
C PRO A 91 6.83 1.61 -12.37
N ILE A 92 5.86 0.99 -13.05
CA ILE A 92 5.97 -0.44 -13.31
C ILE A 92 6.98 -0.77 -14.41
N ALA A 93 7.49 0.23 -15.13
CA ALA A 93 8.52 -0.04 -16.13
C ALA A 93 9.76 -0.63 -15.48
N PHE A 94 10.11 -0.17 -14.28
CA PHE A 94 11.28 -0.69 -13.58
C PHE A 94 11.11 -2.18 -13.30
N MET A 95 9.94 -2.57 -12.78
CA MET A 95 9.70 -3.99 -12.54
C MET A 95 9.72 -4.78 -13.84
N CYS A 96 9.09 -4.26 -14.88
CA CYS A 96 9.07 -4.95 -16.16
C CYS A 96 10.48 -5.20 -16.67
N ILE A 97 11.36 -4.20 -16.50
CA ILE A 97 12.73 -4.34 -16.98
C ILE A 97 13.51 -5.33 -16.12
N ILE A 98 13.42 -5.18 -14.80
CA ILE A 98 14.34 -5.92 -13.93
C ILE A 98 13.93 -7.39 -13.84
N CYS A 99 12.62 -7.66 -13.80
CA CYS A 99 12.17 -9.05 -13.67
C CYS A 99 12.56 -9.86 -14.90
N THR A 100 12.50 -9.25 -16.09
CA THR A 100 12.90 -9.93 -17.32
C THR A 100 14.40 -9.85 -17.57
N GLY A 101 15.15 -9.20 -16.69
CA GLY A 101 16.60 -9.17 -16.82
C GLY A 101 17.13 -8.28 -17.93
N SER A 102 16.35 -7.30 -18.38
CA SER A 102 16.82 -6.39 -19.41
C SER A 102 17.59 -5.24 -18.77
N ASP A 103 18.16 -4.38 -19.62
CA ASP A 103 19.00 -3.28 -19.17
C ASP A 103 18.45 -1.95 -19.70
N LEU A 104 18.63 -0.91 -18.89
CA LEU A 104 18.31 0.45 -19.30
C LEU A 104 19.54 1.33 -19.18
N PHE A 105 19.65 2.30 -20.08
CA PHE A 105 20.83 3.16 -20.11
C PHE A 105 20.98 3.93 -18.79
N THR A 106 19.88 4.46 -18.26
CA THR A 106 19.96 5.26 -17.05
C THR A 106 20.48 4.45 -15.88
N GLY A 107 19.97 3.22 -15.71
CA GLY A 107 20.47 2.36 -14.65
C GLY A 107 21.85 1.79 -14.94
N ASN A 108 22.24 1.72 -16.20
CA ASN A 108 23.59 1.29 -16.53
C ASN A 108 24.61 2.36 -16.20
N THR A 109 24.23 3.64 -16.31
CA THR A 109 25.19 4.71 -16.09
C THR A 109 25.86 4.59 -14.73
N LEU A 110 25.17 4.02 -13.74
CA LEU A 110 25.76 3.83 -12.43
C LEU A 110 26.57 2.54 -12.38
N ALA A 111 25.94 1.41 -12.69
CA ALA A 111 26.59 0.11 -12.46
C ALA A 111 27.79 -0.08 -13.37
N VAL A 112 27.63 0.14 -14.67
CA VAL A 112 28.72 -0.12 -15.60
C VAL A 112 29.85 0.87 -15.39
N THR A 113 29.50 2.12 -15.11
CA THR A 113 30.52 3.12 -14.79
C THR A 113 31.27 2.74 -13.53
N MET A 114 30.56 2.26 -12.50
CA MET A 114 31.24 1.88 -11.27
C MET A 114 32.17 0.70 -11.51
N ALA A 115 31.75 -0.25 -12.35
CA ALA A 115 32.61 -1.38 -12.67
C ALA A 115 33.81 -0.95 -13.50
N LEU A 116 33.68 0.13 -14.27
CA LEU A 116 34.84 0.67 -14.97
C LEU A 116 35.77 1.40 -14.01
N TYR A 117 35.20 2.08 -13.01
CA TYR A 117 36.02 2.74 -12.00
C TYR A 117 36.90 1.73 -11.26
N GLU A 118 36.32 0.58 -10.88
CA GLU A 118 37.06 -0.48 -10.23
C GLU A 118 38.00 -1.21 -11.17
N LYS A 119 38.05 -0.82 -12.44
CA LYS A 119 38.93 -1.42 -13.44
C LYS A 119 38.53 -2.87 -13.74
N LYS A 120 37.25 -3.18 -13.56
CA LYS A 120 36.78 -4.54 -13.83
C LYS A 120 36.38 -4.70 -15.30
N VAL A 121 35.72 -3.69 -15.85
CA VAL A 121 35.47 -3.63 -17.28
C VAL A 121 36.52 -2.74 -17.91
N LYS A 122 36.79 -2.97 -19.20
CA LYS A 122 37.74 -2.15 -19.94
C LYS A 122 36.99 -1.10 -20.74
N LEU A 123 37.71 -0.04 -21.12
CA LEU A 123 37.07 1.12 -21.71
C LEU A 123 36.37 0.77 -23.02
N LEU A 124 36.99 -0.07 -23.85
CA LEU A 124 36.35 -0.49 -25.09
C LEU A 124 35.06 -1.23 -24.81
N ASP A 125 35.09 -2.19 -23.88
CA ASP A 125 33.87 -2.92 -23.54
C ASP A 125 32.82 -2.00 -22.94
N TYR A 126 33.24 -1.08 -22.09
CA TYR A 126 32.28 -0.15 -21.47
C TYR A 126 31.62 0.72 -22.54
N LEU A 127 32.40 1.23 -23.49
CA LEU A 127 31.83 2.01 -24.58
C LEU A 127 30.87 1.18 -25.41
N ARG A 128 31.25 -0.07 -25.72
CA ARG A 128 30.35 -0.97 -26.41
C ARG A 128 29.03 -1.09 -25.67
N VAL A 129 29.10 -1.35 -24.36
CA VAL A 129 27.89 -1.61 -23.59
C VAL A 129 26.99 -0.38 -23.58
N MET A 130 27.58 0.79 -23.32
CA MET A 130 26.77 2.01 -23.27
C MET A 130 26.15 2.32 -24.62
N THR A 131 26.93 2.23 -25.69
CA THR A 131 26.42 2.53 -27.02
C THR A 131 25.29 1.58 -27.39
N ILE A 132 25.50 0.28 -27.18
CA ILE A 132 24.48 -0.71 -27.53
C ILE A 132 23.23 -0.50 -26.70
N SER A 133 23.38 -0.24 -25.40
CA SER A 133 22.21 -0.03 -24.57
C SER A 133 21.41 1.17 -25.04
N LEU A 134 22.08 2.29 -25.31
CA LEU A 134 21.38 3.48 -25.76
C LEU A 134 20.67 3.24 -27.08
N PHE A 135 21.38 2.67 -28.05
CA PHE A 135 20.80 2.43 -29.36
C PHE A 135 19.60 1.49 -29.26
N GLY A 136 19.74 0.40 -28.50
CA GLY A 136 18.65 -0.55 -28.37
C GLY A 136 17.44 0.04 -27.68
N ASN A 137 17.66 0.83 -26.63
CA ASN A 137 16.54 1.49 -25.97
C ASN A 137 15.84 2.46 -26.92
N TYR A 138 16.62 3.19 -27.72
CA TYR A 138 16.04 4.08 -28.71
C TYR A 138 15.14 3.30 -29.66
N VAL A 139 15.65 2.18 -30.19
CA VAL A 139 14.88 1.40 -31.15
C VAL A 139 13.61 0.87 -30.49
N GLY A 140 13.73 0.30 -29.29
CA GLY A 140 12.57 -0.24 -28.61
C GLY A 140 11.51 0.82 -28.35
N ALA A 141 11.93 1.99 -27.87
CA ALA A 141 10.98 3.04 -27.52
C ALA A 141 10.28 3.57 -28.76
N VAL A 142 11.03 3.86 -29.83
CA VAL A 142 10.39 4.40 -31.03
C VAL A 142 9.50 3.34 -31.67
N SER A 143 9.91 2.07 -31.62
CA SER A 143 9.10 1.01 -32.19
C SER A 143 7.78 0.87 -31.45
N PHE A 144 7.80 0.97 -30.11
CA PHE A 144 6.54 0.93 -29.39
C PHE A 144 5.72 2.18 -29.64
N ALA A 145 6.37 3.34 -29.78
CA ALA A 145 5.63 4.57 -30.04
C ALA A 145 4.89 4.49 -31.37
N PHE A 146 5.48 3.84 -32.37
CA PHE A 146 4.82 3.74 -33.66
C PHE A 146 3.81 2.60 -33.69
N PHE A 147 4.24 1.39 -33.33
CA PHE A 147 3.44 0.19 -33.57
C PHE A 147 2.36 -0.06 -32.53
N VAL A 148 2.35 0.67 -31.41
CA VAL A 148 1.39 0.38 -30.35
C VAL A 148 0.68 1.65 -29.89
N SER A 149 1.20 2.81 -30.26
CA SER A 149 0.59 4.07 -29.87
C SER A 149 0.05 4.86 -31.06
N TYR A 150 0.86 5.07 -32.10
CA TYR A 150 0.36 5.76 -33.28
C TYR A 150 -0.73 4.95 -33.98
N LEU A 151 -0.55 3.63 -34.07
CA LEU A 151 -1.54 2.79 -34.70
C LEU A 151 -2.77 2.60 -33.83
N SER A 152 -2.58 2.56 -32.50
CA SER A 152 -3.73 2.46 -31.60
C SER A 152 -4.59 3.72 -31.62
N GLY A 153 -4.06 4.82 -32.15
CA GLY A 153 -4.84 6.05 -32.22
C GLY A 153 -5.21 6.62 -30.87
N ALA A 154 -4.60 6.13 -29.80
CA ALA A 154 -5.00 6.58 -28.47
C ALA A 154 -4.74 8.07 -28.28
N PHE A 155 -3.59 8.55 -28.72
CA PHE A 155 -3.25 9.98 -28.67
C PHE A 155 -3.45 10.55 -30.06
N THR A 156 -4.69 10.91 -30.37
CA THR A 156 -5.02 11.52 -31.64
C THR A 156 -5.79 12.81 -31.38
N ASN A 157 -5.57 13.79 -32.25
CA ASN A 157 -6.25 15.07 -32.14
C ASN A 157 -7.70 14.90 -32.58
N VAL A 158 -8.64 15.06 -31.65
CA VAL A 158 -10.05 14.88 -31.95
C VAL A 158 -10.73 16.19 -32.31
N HIS A 159 -10.21 17.31 -31.81
CA HIS A 159 -10.70 18.67 -32.04
C HIS A 159 -11.96 18.97 -31.24
N ALA A 160 -12.26 18.20 -30.20
CA ALA A 160 -13.37 18.47 -29.30
C ALA A 160 -12.82 18.60 -27.89
N VAL A 161 -13.10 19.73 -27.24
CA VAL A 161 -12.57 19.97 -25.91
C VAL A 161 -13.07 18.93 -24.92
N GLU A 162 -14.20 18.29 -25.22
CA GLU A 162 -14.73 17.25 -24.35
C GLU A 162 -13.98 15.93 -24.52
N LYS A 163 -13.49 15.65 -25.72
CA LYS A 163 -12.90 14.36 -26.03
C LYS A 163 -11.39 14.40 -26.27
N ASN A 164 -10.81 15.58 -26.51
CA ASN A 164 -9.43 15.70 -26.94
C ASN A 164 -8.45 15.83 -25.78
N HIS A 165 -8.82 15.35 -24.59
CA HIS A 165 -7.97 15.57 -23.42
C HIS A 165 -6.73 14.70 -23.40
N PHE A 166 -6.76 13.53 -24.04
CA PHE A 166 -5.54 12.72 -24.15
C PHE A 166 -4.51 13.40 -25.02
N PHE A 167 -4.93 13.82 -26.22
CA PHE A 167 -4.03 14.56 -27.09
C PHE A 167 -3.57 15.86 -26.46
N GLN A 168 -4.48 16.55 -25.76
CA GLN A 168 -4.11 17.80 -25.12
C GLN A 168 -3.08 17.58 -24.02
N PHE A 169 -3.26 16.53 -23.21
CA PHE A 169 -2.29 16.22 -22.17
C PHE A 169 -0.93 15.93 -22.78
N LEU A 170 -0.90 15.09 -23.82
CA LEU A 170 0.38 14.79 -24.46
C LEU A 170 1.02 16.03 -25.04
N ASN A 171 0.22 16.87 -25.70
CA ASN A 171 0.74 18.10 -26.31
C ASN A 171 1.31 19.03 -25.25
N ASP A 172 0.61 19.20 -24.13
CA ASP A 172 1.09 20.09 -23.08
C ASP A 172 2.38 19.56 -22.47
N ILE A 173 2.45 18.25 -22.21
CA ILE A 173 3.68 17.68 -21.67
C ILE A 173 4.83 17.89 -22.64
N ALA A 174 4.58 17.67 -23.93
CA ALA A 174 5.63 17.86 -24.92
C ALA A 174 6.11 19.30 -24.96
N GLU A 175 5.18 20.26 -25.02
CA GLU A 175 5.59 21.66 -25.04
C GLU A 175 6.38 22.02 -23.78
N LYS A 176 5.97 21.49 -22.63
CA LYS A 176 6.72 21.74 -21.40
C LYS A 176 8.13 21.19 -21.50
N LYS A 177 8.30 20.03 -22.12
CA LYS A 177 9.61 19.39 -22.14
C LYS A 177 10.55 20.02 -23.15
N VAL A 178 10.05 20.82 -24.09
CA VAL A 178 10.88 21.38 -25.15
C VAL A 178 11.06 22.89 -25.04
N HIS A 179 10.65 23.49 -23.92
CA HIS A 179 10.86 24.91 -23.72
C HIS A 179 11.88 25.22 -22.63
N HIS A 180 12.52 24.21 -22.06
CA HIS A 180 13.66 24.43 -21.17
C HIS A 180 14.87 24.90 -21.96
N THR A 181 15.74 25.63 -21.29
CA THR A 181 17.05 25.93 -21.84
C THR A 181 18.02 24.78 -21.53
N PHE A 182 19.23 24.86 -22.07
CA PHE A 182 20.19 23.78 -21.88
C PHE A 182 20.41 23.50 -20.40
N VAL A 183 20.63 24.56 -19.62
CA VAL A 183 20.99 24.39 -18.21
C VAL A 183 19.86 23.69 -17.46
N GLU A 184 18.64 24.16 -17.64
CA GLU A 184 17.52 23.62 -16.85
C GLU A 184 17.27 22.16 -17.20
N CYS A 185 17.30 21.82 -18.49
CA CYS A 185 17.07 20.44 -18.88
C CYS A 185 18.18 19.53 -18.37
N VAL A 186 19.43 19.99 -18.47
CA VAL A 186 20.54 19.21 -17.92
C VAL A 186 20.32 18.97 -16.44
N SER A 187 19.90 20.00 -15.70
CA SER A 187 19.69 19.87 -14.27
C SER A 187 18.58 18.87 -13.96
N LEU A 188 17.44 18.98 -14.66
CA LEU A 188 16.34 18.06 -14.42
C LEU A 188 16.73 16.62 -14.76
N ALA A 189 17.49 16.43 -15.83
CA ALA A 189 17.96 15.09 -16.16
C ALA A 189 18.90 14.56 -15.10
N VAL A 190 19.74 15.43 -14.54
CA VAL A 190 20.62 15.02 -13.44
C VAL A 190 19.77 14.50 -12.28
N GLY A 191 18.73 15.25 -11.91
CA GLY A 191 17.87 14.79 -10.84
C GLY A 191 17.19 13.47 -11.16
N CYS A 192 16.69 13.33 -12.38
CA CYS A 192 16.01 12.10 -12.78
C CYS A 192 16.94 10.89 -12.65
N ASN A 193 18.14 11.00 -13.21
CA ASN A 193 19.04 9.85 -13.18
C ASN A 193 19.55 9.59 -11.78
N ILE A 194 19.68 10.61 -10.94
CA ILE A 194 19.95 10.36 -9.53
C ILE A 194 18.86 9.44 -8.97
N PHE A 195 17.60 9.79 -9.22
CA PHE A 195 16.50 8.96 -8.71
C PHE A 195 16.56 7.55 -9.29
N VAL A 196 16.86 7.43 -10.59
CA VAL A 196 16.82 6.12 -11.24
C VAL A 196 17.94 5.22 -10.71
N CYS A 197 19.16 5.74 -10.66
CA CYS A 197 20.27 4.96 -10.13
C CYS A 197 20.04 4.63 -8.66
N LEU A 198 19.36 5.51 -7.93
CA LEU A 198 19.06 5.24 -6.54
C LEU A 198 18.05 4.12 -6.41
N ALA A 199 17.07 4.07 -7.32
CA ALA A 199 16.16 2.93 -7.38
C ALA A 199 16.90 1.64 -7.69
N VAL A 200 17.87 1.71 -8.60
CA VAL A 200 18.68 0.53 -8.90
C VAL A 200 19.41 0.07 -7.65
N TYR A 201 19.98 1.02 -6.89
CA TYR A 201 20.63 0.66 -5.64
C TYR A 201 19.66 0.02 -4.67
N PHE A 202 18.46 0.58 -4.53
CA PHE A 202 17.47 0.01 -3.62
C PHE A 202 17.13 -1.42 -4.00
N VAL A 203 16.96 -1.68 -5.31
CA VAL A 203 16.62 -3.02 -5.73
C VAL A 203 17.79 -3.96 -5.48
N LEU A 204 19.03 -3.47 -5.63
CA LEU A 204 20.19 -4.30 -5.33
C LEU A 204 20.33 -4.61 -3.85
N THR A 205 19.83 -3.74 -2.97
CA THR A 205 19.93 -4.00 -1.53
C THR A 205 18.68 -4.63 -0.93
N LEU A 206 17.54 -4.57 -1.61
CA LEU A 206 16.30 -5.17 -1.14
C LEU A 206 16.02 -6.44 -1.94
N LYS A 207 15.70 -7.52 -1.24
CA LYS A 207 15.53 -8.83 -1.85
C LYS A 207 14.28 -9.52 -1.30
N ASP A 208 13.23 -8.74 -1.05
CA ASP A 208 12.01 -9.26 -0.46
C ASP A 208 10.82 -9.27 -1.40
N GLY A 209 10.80 -8.41 -2.41
CA GLY A 209 9.65 -8.27 -3.26
C GLY A 209 8.77 -7.13 -2.81
N ALA A 210 8.58 -7.00 -1.50
CA ALA A 210 7.85 -5.87 -0.95
C ALA A 210 8.59 -4.56 -1.20
N GLY A 211 9.78 -4.42 -0.61
CA GLY A 211 10.60 -3.27 -0.90
C GLY A 211 10.94 -3.20 -2.38
N TYR A 212 11.31 -4.33 -2.96
CA TYR A 212 11.55 -4.49 -4.38
C TYR A 212 10.54 -3.71 -5.20
N VAL A 213 9.29 -3.72 -4.74
CA VAL A 213 8.21 -3.03 -5.45
C VAL A 213 8.08 -1.59 -4.98
N PHE A 214 7.87 -1.37 -3.68
CA PHE A 214 7.46 -0.03 -3.23
C PHE A 214 8.59 0.98 -3.21
N SER A 215 9.82 0.59 -2.90
CA SER A 215 10.92 1.55 -2.97
C SER A 215 11.06 2.08 -4.38
N VAL A 216 11.05 1.16 -5.36
CA VAL A 216 11.11 1.56 -6.76
C VAL A 216 9.91 2.42 -7.13
N PHE A 217 8.72 2.02 -6.66
CA PHE A 217 7.52 2.79 -6.97
C PHE A 217 7.65 4.23 -6.49
N PHE A 218 8.06 4.40 -5.23
CA PHE A 218 8.18 5.74 -4.68
C PHE A 218 9.25 6.54 -5.43
N ALA A 219 10.40 5.93 -5.72
CA ALA A 219 11.46 6.64 -6.41
C ALA A 219 10.99 7.13 -7.78
N VAL A 220 10.40 6.23 -8.57
CA VAL A 220 9.99 6.59 -9.92
C VAL A 220 8.82 7.58 -9.88
N TYR A 221 7.90 7.42 -8.94
CA TYR A 221 6.80 8.37 -8.83
C TYR A 221 7.30 9.76 -8.48
N ALA A 222 8.27 9.85 -7.56
CA ALA A 222 8.84 11.14 -7.22
C ALA A 222 9.54 11.76 -8.40
N PHE A 223 10.31 10.96 -9.15
CA PHE A 223 11.00 11.51 -10.32
C PHE A 223 10.02 11.98 -11.37
N ALA A 224 8.92 11.23 -11.58
CA ALA A 224 7.95 11.62 -12.59
C ALA A 224 7.18 12.88 -12.18
N ILE A 225 6.72 12.93 -10.93
CA ILE A 225 5.95 14.08 -10.49
C ILE A 225 6.83 15.33 -10.43
N ALA A 226 8.09 15.17 -10.03
CA ALA A 226 8.99 16.32 -9.93
C ALA A 226 9.29 16.95 -11.28
N GLY A 227 9.02 16.25 -12.37
CA GLY A 227 9.31 16.78 -13.69
C GLY A 227 10.73 16.55 -14.17
N TYR A 228 11.51 15.74 -13.46
CA TYR A 228 12.85 15.41 -13.92
C TYR A 228 12.77 14.60 -15.22
N GLU A 229 13.75 14.81 -16.09
CA GLU A 229 13.72 14.30 -17.45
C GLU A 229 14.42 12.94 -17.53
N HIS A 230 13.69 11.93 -18.01
CA HIS A 230 14.25 10.61 -18.27
C HIS A 230 14.49 10.47 -19.77
N ILE A 231 15.71 10.07 -20.13
CA ILE A 231 16.08 10.07 -21.55
C ILE A 231 15.19 9.12 -22.33
N ILE A 232 14.97 7.91 -21.83
CA ILE A 232 14.19 6.92 -22.58
C ILE A 232 12.72 7.34 -22.67
N ALA A 233 12.14 7.73 -21.53
CA ALA A 233 10.77 8.24 -21.56
C ALA A 233 10.67 9.48 -22.43
N ASN A 234 11.71 10.31 -22.44
CA ASN A 234 11.69 11.50 -23.27
C ASN A 234 11.70 11.13 -24.76
N ILE A 235 12.52 10.16 -25.16
CA ILE A 235 12.49 9.72 -26.56
C ILE A 235 11.10 9.22 -26.91
N TYR A 236 10.53 8.36 -26.06
CA TYR A 236 9.21 7.82 -26.37
C TYR A 236 8.19 8.94 -26.53
N THR A 237 8.10 9.82 -25.54
CA THR A 237 7.08 10.86 -25.53
C THR A 237 7.25 11.80 -26.71
N LEU A 238 8.49 12.25 -26.94
CA LEU A 238 8.72 13.20 -28.02
C LEU A 238 8.43 12.57 -29.38
N ASN A 239 8.83 11.31 -29.57
CA ASN A 239 8.57 10.66 -30.85
C ASN A 239 7.08 10.47 -31.09
N ILE A 240 6.34 10.06 -30.06
CA ILE A 240 4.91 9.88 -30.24
C ILE A 240 4.23 11.23 -30.48
N ALA A 241 4.73 12.29 -29.83
CA ALA A 241 4.18 13.62 -30.07
C ALA A 241 4.42 14.08 -31.50
N LEU A 242 5.61 13.78 -32.03
CA LEU A 242 5.88 14.13 -33.43
C LEU A 242 5.02 13.30 -34.38
N MET A 243 4.81 12.03 -34.06
CA MET A 243 3.98 11.18 -34.92
C MET A 243 2.57 11.70 -35.02
N VAL A 244 2.01 12.17 -33.90
CA VAL A 244 0.62 12.65 -33.87
C VAL A 244 0.49 14.08 -34.36
N ASN A 245 1.58 14.74 -34.70
CA ASN A 245 1.55 16.11 -35.22
C ASN A 245 1.08 17.11 -34.16
N THR A 246 1.74 17.09 -33.01
CA THR A 246 1.52 18.09 -31.97
C THR A 246 2.19 19.42 -32.36
N LYS A 247 2.02 20.42 -31.50
CA LYS A 247 2.68 21.71 -31.68
C LYS A 247 4.12 21.56 -31.19
N ILE A 248 4.93 20.93 -32.03
CA ILE A 248 6.31 20.60 -31.68
C ILE A 248 7.06 20.33 -32.96
N THR A 249 8.39 20.44 -32.90
CA THR A 249 9.25 20.22 -34.05
C THR A 249 10.33 19.22 -33.67
N VAL A 250 10.91 18.58 -34.70
CA VAL A 250 11.98 17.63 -34.48
C VAL A 250 13.20 18.32 -33.88
N TYR A 251 13.45 19.57 -34.32
CA TYR A 251 14.49 20.39 -33.68
C TYR A 251 14.26 20.48 -32.18
N GLN A 252 13.03 20.84 -31.78
CA GLN A 252 12.73 20.98 -30.37
C GLN A 252 12.83 19.66 -29.63
N ALA A 253 12.57 18.54 -30.33
CA ALA A 253 12.64 17.24 -29.69
C ALA A 253 14.07 16.79 -29.44
N TYR A 254 14.94 16.95 -30.44
CA TYR A 254 16.27 16.34 -30.42
C TYR A 254 17.38 17.28 -30.00
N ILE A 255 17.42 18.49 -30.56
CA ILE A 255 18.51 19.42 -30.27
C ILE A 255 18.20 20.34 -29.09
N LYS A 256 17.08 20.14 -28.41
CA LYS A 256 16.71 20.98 -27.28
C LYS A 256 16.24 20.21 -26.06
N ASN A 257 15.92 18.92 -26.18
CA ASN A 257 15.59 18.14 -24.99
C ASN A 257 16.38 16.84 -24.87
N LEU A 258 16.60 16.13 -25.98
CA LEU A 258 17.22 14.82 -25.90
C LEU A 258 18.71 14.90 -25.58
N LEU A 259 19.44 15.80 -26.25
CA LEU A 259 20.87 15.92 -25.97
C LEU A 259 21.15 16.41 -24.57
N PRO A 260 20.59 17.54 -24.10
CA PRO A 260 20.81 17.93 -22.70
C PRO A 260 20.33 16.89 -21.72
N THR A 261 19.28 16.15 -22.06
CA THR A 261 18.72 15.20 -21.11
C THR A 261 19.66 14.03 -21.00
N LEU A 262 20.21 13.60 -22.11
CA LEU A 262 21.20 12.53 -22.09
C LEU A 262 22.44 12.94 -21.30
N LEU A 263 22.94 14.14 -21.55
CA LEU A 263 24.14 14.59 -20.83
C LEU A 263 23.89 14.65 -19.34
N GLY A 264 22.78 15.25 -18.93
CA GLY A 264 22.48 15.36 -17.50
C GLY A 264 22.31 14.00 -16.86
N ASN A 265 21.61 13.09 -17.55
CA ASN A 265 21.42 11.74 -17.02
C ASN A 265 22.74 11.02 -16.86
N TYR A 266 23.61 11.11 -17.86
CA TYR A 266 24.90 10.43 -17.79
C TYR A 266 25.75 11.00 -16.67
N ILE A 267 25.75 12.32 -16.51
CA ILE A 267 26.53 12.94 -15.45
C ILE A 267 26.00 12.51 -14.09
N ALA A 268 24.69 12.52 -13.91
CA ALA A 268 24.11 12.08 -12.65
C ALA A 268 24.49 10.64 -12.34
N GLY A 269 24.41 9.76 -13.33
CA GLY A 269 24.74 8.36 -13.10
C GLY A 269 26.22 8.16 -12.78
N ALA A 270 27.09 8.89 -13.46
CA ALA A 270 28.53 8.63 -13.41
C ALA A 270 29.27 9.53 -12.42
N ILE A 271 28.89 10.81 -12.30
CA ILE A 271 29.68 11.76 -11.53
C ILE A 271 29.00 12.05 -10.19
N VAL A 272 27.79 12.60 -10.24
CA VAL A 272 27.10 12.96 -9.00
C VAL A 272 26.97 11.75 -8.09
N LEU A 273 26.53 10.63 -8.65
CA LEU A 273 26.63 9.32 -8.01
C LEU A 273 27.67 8.51 -8.77
N GLY A 274 28.44 7.71 -8.03
CA GLY A 274 29.57 7.04 -8.63
C GLY A 274 30.86 7.39 -7.92
N LEU A 275 31.71 8.18 -8.59
CA LEU A 275 32.97 8.65 -8.04
C LEU A 275 32.85 8.92 -6.55
N PRO A 276 31.80 9.60 -6.09
CA PRO A 276 31.56 9.66 -4.64
C PRO A 276 31.53 8.30 -3.99
N LEU A 277 30.67 7.42 -4.50
CA LEU A 277 30.56 6.08 -3.94
C LEU A 277 31.84 5.29 -4.13
N TYR A 278 32.54 5.51 -5.24
CA TYR A 278 33.86 4.92 -5.43
C TYR A 278 34.79 5.30 -4.30
N PHE A 279 34.89 6.59 -4.00
CA PHE A 279 35.75 7.06 -2.93
C PHE A 279 35.32 6.45 -1.60
N ILE A 280 34.01 6.36 -1.37
CA ILE A 280 33.51 5.83 -0.10
C ILE A 280 33.91 4.37 0.07
N TYR A 281 33.75 3.56 -0.98
CA TYR A 281 33.70 2.12 -0.81
C TYR A 281 34.77 1.34 -1.57
N LYS A 282 35.75 2.00 -2.18
CA LYS A 282 36.74 1.25 -2.95
C LYS A 282 37.64 0.40 -2.06
N GLU A 283 37.97 0.88 -0.86
CA GLU A 283 38.80 0.08 0.03
C GLU A 283 38.04 -1.14 0.54
N HIS A 284 36.74 -0.98 0.83
CA HIS A 284 35.91 -2.13 1.18
C HIS A 284 35.84 -3.12 0.03
N TYR A 285 35.72 -2.61 -1.20
CA TYR A 285 35.73 -3.50 -2.37
C TYR A 285 37.04 -4.25 -2.49
N TYR A 286 38.16 -3.57 -2.26
CA TYR A 286 39.46 -4.23 -2.30
C TYR A 286 39.55 -5.33 -1.25
N ASN A 287 39.07 -5.04 -0.04
CA ASN A 287 39.07 -6.06 1.01
C ASN A 287 38.19 -7.24 0.63
N PHE A 288 37.02 -6.96 0.04
CA PHE A 288 36.17 -8.03 -0.47
C PHE A 288 36.92 -8.90 -1.46
N GLU A 289 37.62 -8.27 -2.41
CA GLU A 289 38.36 -9.03 -3.41
C GLU A 289 39.47 -9.84 -2.77
N ARG A 290 40.10 -9.32 -1.71
CA ARG A 290 41.09 -10.11 -1.00
C ARG A 290 40.51 -11.42 -0.48
N SER A 291 39.20 -11.45 -0.22
CA SER A 291 38.54 -12.66 0.22
C SER A 291 38.51 -13.70 -0.90
N PRO B 12 22.97 -14.91 -0.07
CA PRO B 12 21.62 -15.05 0.51
C PRO B 12 20.99 -16.40 0.22
N VAL B 13 20.01 -16.79 1.02
CA VAL B 13 19.29 -18.05 0.85
C VAL B 13 17.96 -17.76 0.19
N SER B 14 17.72 -18.39 -0.95
CA SER B 14 16.46 -18.18 -1.67
C SER B 14 15.31 -18.84 -0.92
N ILE B 15 14.21 -18.10 -0.77
CA ILE B 15 13.04 -18.58 -0.04
C ILE B 15 11.78 -18.24 -0.83
N LYS B 16 10.70 -18.94 -0.50
CA LYS B 16 9.40 -18.65 -1.08
C LYS B 16 8.34 -18.80 0.00
N SER B 17 7.39 -17.87 0.02
CA SER B 17 6.27 -17.90 0.96
C SER B 17 4.96 -18.29 0.28
N VAL B 18 5.00 -18.67 -0.99
CA VAL B 18 3.81 -18.97 -1.78
C VAL B 18 3.93 -20.40 -2.28
N CYS B 19 2.88 -21.20 -2.03
CA CYS B 19 2.82 -22.57 -2.48
C CYS B 19 1.95 -22.69 -3.72
N GLY B 20 1.94 -23.88 -4.31
CA GLY B 20 1.14 -24.14 -5.48
C GLY B 20 -0.32 -24.41 -5.16
N GLY B 21 -1.09 -24.64 -6.21
CA GLY B 21 -2.51 -24.92 -6.03
C GLY B 21 -2.77 -26.23 -5.31
N GLU B 22 -1.96 -27.26 -5.59
CA GLU B 22 -2.13 -28.54 -4.94
C GLU B 22 -1.94 -28.42 -3.43
N GLU B 23 -0.86 -27.75 -3.02
CA GLU B 23 -0.60 -27.57 -1.59
C GLU B 23 -1.68 -26.72 -0.93
N SER B 24 -2.15 -25.67 -1.62
CA SER B 24 -3.22 -24.86 -1.05
C SER B 24 -4.50 -25.67 -0.89
N TYR B 25 -4.80 -26.53 -1.84
CA TYR B 25 -5.96 -27.41 -1.71
C TYR B 25 -5.81 -28.35 -0.52
N ILE B 26 -4.61 -28.92 -0.36
CA ILE B 26 -4.37 -29.81 0.79
C ILE B 26 -4.56 -29.04 2.09
N ARG B 27 -4.03 -27.82 2.16
CA ARG B 27 -4.14 -27.02 3.37
C ARG B 27 -5.59 -26.69 3.67
N CYS B 28 -6.37 -26.35 2.63
CA CYS B 28 -7.79 -26.08 2.83
C CYS B 28 -8.52 -27.31 3.35
N VAL B 29 -8.22 -28.48 2.77
CA VAL B 29 -8.89 -29.70 3.19
C VAL B 29 -8.56 -30.00 4.65
N GLU B 30 -7.30 -29.83 5.05
CA GLU B 30 -6.92 -30.09 6.44
C GLU B 30 -7.54 -29.08 7.39
N TYR B 31 -7.58 -27.81 6.98
CA TYR B 31 -8.18 -26.77 7.81
C TYR B 31 -9.66 -27.04 8.03
N GLY B 32 -10.36 -27.49 6.98
CA GLY B 32 -11.74 -27.89 7.15
C GLY B 32 -11.88 -29.11 8.02
N LYS B 33 -11.01 -30.10 7.84
CA LYS B 33 -11.11 -31.33 8.63
C LYS B 33 -10.97 -31.04 10.11
N LYS B 34 -9.98 -30.25 10.50
CA LYS B 34 -9.74 -30.01 11.91
C LYS B 34 -10.94 -29.36 12.59
N LYS B 35 -11.76 -28.63 11.85
CA LYS B 35 -12.92 -27.97 12.43
C LYS B 35 -13.86 -28.96 13.10
N ALA B 36 -13.91 -30.20 12.60
CA ALA B 36 -14.88 -31.18 13.05
C ALA B 36 -14.44 -31.92 14.31
N HIS B 37 -13.43 -31.44 15.02
CA HIS B 37 -12.96 -32.07 16.24
C HIS B 37 -13.15 -31.22 17.48
N TYR B 38 -13.27 -29.90 17.35
CA TYR B 38 -13.52 -29.05 18.51
C TYR B 38 -14.84 -29.40 19.16
N SER B 39 -14.89 -29.29 20.48
CA SER B 39 -16.15 -29.50 21.17
C SER B 39 -17.14 -28.41 20.79
N ASN B 40 -18.41 -28.65 21.14
CA ASN B 40 -19.48 -27.75 20.71
C ASN B 40 -19.29 -26.36 21.30
N LEU B 41 -18.92 -26.29 22.57
CA LEU B 41 -18.82 -25.00 23.25
C LEU B 41 -17.72 -24.14 22.65
N ASN B 42 -16.57 -24.75 22.33
CA ASN B 42 -15.49 -23.98 21.70
C ASN B 42 -15.91 -23.46 20.34
N LEU B 43 -16.59 -24.30 19.55
CA LEU B 43 -17.06 -23.85 18.25
C LEU B 43 -18.04 -22.70 18.40
N LEU B 44 -18.96 -22.80 19.35
CA LEU B 44 -19.91 -21.71 19.58
C LEU B 44 -19.19 -20.43 19.97
N ALA B 45 -18.20 -20.54 20.87
CA ALA B 45 -17.48 -19.35 21.31
C ALA B 45 -16.74 -18.71 20.16
N LYS B 46 -16.07 -19.51 19.33
CA LYS B 46 -15.33 -18.96 18.22
C LYS B 46 -16.25 -18.34 17.18
N ALA B 47 -17.40 -18.97 16.93
CA ALA B 47 -18.37 -18.40 16.00
C ALA B 47 -18.91 -17.08 16.52
N ILE B 48 -19.20 -17.00 17.82
CA ILE B 48 -19.67 -15.75 18.41
C ILE B 48 -18.60 -14.68 18.30
N LEU B 49 -17.35 -15.03 18.54
CA LEU B 49 -16.27 -14.05 18.41
C LEU B 49 -16.16 -13.54 16.98
N ALA B 50 -16.25 -14.44 16.00
CA ALA B 50 -16.17 -14.03 14.61
C ALA B 50 -17.34 -13.12 14.24
N GLY B 51 -18.54 -13.45 14.71
CA GLY B 51 -19.69 -12.60 14.45
C GLY B 51 -19.53 -11.22 15.07
N MET B 52 -19.02 -11.17 16.30
CA MET B 52 -18.78 -9.89 16.95
C MET B 52 -17.76 -9.07 16.18
N PHE B 53 -16.69 -9.71 15.72
CA PHE B 53 -15.69 -8.99 14.95
C PHE B 53 -16.27 -8.43 13.66
N VAL B 54 -17.10 -9.23 12.97
CA VAL B 54 -17.72 -8.76 11.74
C VAL B 54 -18.63 -7.58 12.03
N GLY B 55 -19.43 -7.67 13.09
CA GLY B 55 -20.30 -6.57 13.46
C GLY B 55 -19.52 -5.30 13.79
N LEU B 56 -18.40 -5.45 14.50
CA LEU B 56 -17.58 -4.29 14.84
C LEU B 56 -16.99 -3.63 13.60
N CYS B 57 -16.42 -4.42 12.70
CA CYS B 57 -15.84 -3.83 11.50
C CYS B 57 -16.92 -3.27 10.59
N ALA B 58 -18.12 -3.86 10.60
CA ALA B 58 -19.23 -3.30 9.85
C ALA B 58 -19.69 -1.97 10.45
N HIS B 59 -19.68 -1.87 11.78
CA HIS B 59 -19.99 -0.60 12.44
C HIS B 59 -18.99 0.47 12.02
N ALA B 60 -17.70 0.14 12.03
CA ALA B 60 -16.68 1.09 11.61
C ALA B 60 -16.89 1.50 10.15
N SER B 61 -17.13 0.52 9.28
CA SER B 61 -17.33 0.81 7.87
C SER B 61 -18.56 1.69 7.65
N GLY B 62 -19.65 1.40 8.35
CA GLY B 62 -20.86 2.18 8.20
C GLY B 62 -20.68 3.61 8.69
N ILE B 63 -19.96 3.78 9.80
CA ILE B 63 -19.73 5.13 10.28
C ILE B 63 -18.88 5.91 9.29
N ALA B 64 -17.84 5.27 8.74
CA ALA B 64 -17.03 5.96 7.74
C ALA B 64 -17.85 6.33 6.52
N GLY B 65 -18.66 5.39 6.02
CA GLY B 65 -19.48 5.68 4.86
C GLY B 65 -20.47 6.80 5.11
N GLY B 66 -21.13 6.78 6.27
CA GLY B 66 -22.02 7.87 6.62
C GLY B 66 -21.29 9.21 6.70
N LEU B 67 -20.08 9.20 7.26
CA LEU B 67 -19.26 10.41 7.25
C LEU B 67 -19.06 10.91 5.83
N PHE B 68 -18.82 10.00 4.89
CA PHE B 68 -18.72 10.38 3.49
C PHE B 68 -20.07 10.41 2.78
N TYR B 69 -21.17 10.19 3.51
CA TYR B 69 -22.51 10.34 2.98
C TYR B 69 -23.11 11.71 3.28
N TYR B 70 -22.26 12.72 3.47
CA TYR B 70 -22.73 14.04 3.87
C TYR B 70 -23.73 14.58 2.84
N HIS B 71 -24.78 15.24 3.34
CA HIS B 71 -25.91 15.58 2.48
C HIS B 71 -25.49 16.41 1.27
N LYS B 72 -24.54 17.32 1.45
CA LYS B 72 -24.10 18.17 0.35
C LYS B 72 -23.06 17.49 -0.54
N LEU B 73 -22.33 16.50 0.00
CA LEU B 73 -21.45 15.69 -0.84
C LEU B 73 -22.24 14.71 -1.69
N ARG B 74 -23.40 14.27 -1.21
CA ARG B 74 -24.24 13.37 -2.01
C ARG B 74 -24.60 13.98 -3.35
N GLU B 75 -24.90 15.29 -3.36
CA GLU B 75 -25.42 15.93 -4.57
C GLU B 75 -24.43 15.86 -5.73
N ILE B 76 -23.16 15.60 -5.45
CA ILE B 76 -22.13 15.58 -6.47
C ILE B 76 -21.65 14.17 -6.78
N VAL B 77 -21.47 13.34 -5.75
CA VAL B 77 -20.88 12.02 -5.90
C VAL B 77 -21.77 10.97 -5.26
N GLY B 78 -23.09 11.21 -5.28
CA GLY B 78 -24.02 10.44 -4.50
C GLY B 78 -23.75 8.95 -4.40
N ALA B 79 -23.53 8.47 -3.18
CA ALA B 79 -23.34 7.07 -2.82
C ALA B 79 -21.97 6.53 -3.18
N SER B 80 -21.14 7.29 -3.89
CA SER B 80 -19.87 6.74 -4.39
C SER B 80 -18.81 6.69 -3.30
N MET B 81 -18.44 7.85 -2.77
CA MET B 81 -17.36 7.90 -1.78
C MET B 81 -17.73 7.11 -0.54
N SER B 82 -19.00 7.17 -0.13
CA SER B 82 -19.42 6.45 1.07
C SER B 82 -19.20 4.95 0.91
N VAL B 83 -19.60 4.40 -0.24
CA VAL B 83 -19.44 2.97 -0.49
C VAL B 83 -17.97 2.61 -0.61
N PHE B 84 -17.19 3.44 -1.32
CA PHE B 84 -15.77 3.16 -1.44
C PHE B 84 -15.09 3.13 -0.09
N VAL B 85 -15.43 4.07 0.79
CA VAL B 85 -14.83 4.12 2.11
C VAL B 85 -15.29 2.94 2.95
N TYR B 86 -16.57 2.57 2.83
CA TYR B 86 -17.06 1.40 3.56
C TYR B 86 -16.28 0.15 3.16
N GLY B 87 -16.05 -0.03 1.85
CA GLY B 87 -15.30 -1.17 1.37
C GLY B 87 -13.82 -1.10 1.69
N PHE B 88 -13.28 0.10 1.87
CA PHE B 88 -11.90 0.23 2.31
C PHE B 88 -11.76 -0.11 3.79
N THR B 89 -12.77 0.21 4.59
CA THR B 89 -12.68 0.02 6.04
C THR B 89 -13.03 -1.40 6.45
N PHE B 90 -14.00 -2.03 5.78
CA PHE B 90 -14.47 -3.33 6.23
C PHE B 90 -13.40 -4.42 6.28
N PRO B 91 -12.51 -4.55 5.29
CA PRO B 91 -11.69 -5.77 5.18
C PRO B 91 -10.89 -6.17 6.41
N ILE B 92 -10.82 -5.32 7.43
CA ILE B 92 -10.08 -5.68 8.63
C ILE B 92 -10.67 -6.91 9.32
N ALA B 93 -11.97 -7.18 9.10
CA ALA B 93 -12.62 -8.30 9.78
C ALA B 93 -11.95 -9.62 9.43
N PHE B 94 -11.43 -9.76 8.21
CA PHE B 94 -10.77 -11.00 7.84
C PHE B 94 -9.58 -11.25 8.76
N MET B 95 -8.79 -10.22 9.03
CA MET B 95 -7.68 -10.36 9.97
C MET B 95 -8.20 -10.61 11.38
N CYS B 96 -9.21 -9.85 11.81
CA CYS B 96 -9.72 -10.05 13.17
C CYS B 96 -10.22 -11.47 13.38
N ILE B 97 -10.59 -12.15 12.30
CA ILE B 97 -11.04 -13.53 12.42
C ILE B 97 -9.88 -14.51 12.34
N ILE B 98 -9.03 -14.38 11.33
CA ILE B 98 -7.97 -15.37 11.13
C ILE B 98 -6.95 -15.31 12.27
N CYS B 99 -6.53 -14.11 12.68
CA CYS B 99 -5.44 -14.00 13.64
C CYS B 99 -5.81 -14.52 15.02
N THR B 100 -7.08 -14.78 15.29
CA THR B 100 -7.52 -15.26 16.60
C THR B 100 -8.17 -16.63 16.55
N GLY B 101 -8.11 -17.32 15.41
CA GLY B 101 -8.63 -18.66 15.32
C GLY B 101 -10.13 -18.77 15.22
N SER B 102 -10.84 -17.66 15.11
CA SER B 102 -12.29 -17.72 14.96
C SER B 102 -12.68 -18.08 13.53
N ASP B 103 -13.93 -18.47 13.36
CA ASP B 103 -14.42 -18.93 12.07
C ASP B 103 -15.75 -18.28 11.74
N LEU B 104 -15.96 -18.03 10.46
CA LEU B 104 -17.23 -17.52 9.95
C LEU B 104 -17.87 -18.56 9.05
N PHE B 105 -19.21 -18.54 9.00
CA PHE B 105 -19.95 -19.54 8.23
C PHE B 105 -19.48 -19.57 6.78
N THR B 106 -19.19 -18.40 6.21
CA THR B 106 -18.92 -18.32 4.78
C THR B 106 -17.70 -19.14 4.39
N GLY B 107 -16.60 -19.01 5.13
CA GLY B 107 -15.42 -19.79 4.82
C GLY B 107 -15.61 -21.27 5.07
N ASN B 108 -16.43 -21.61 6.08
CA ASN B 108 -16.79 -23.00 6.30
C ASN B 108 -17.49 -23.59 5.08
N THR B 109 -18.38 -22.82 4.43
CA THR B 109 -19.13 -23.33 3.29
C THR B 109 -18.21 -23.80 2.20
N LEU B 110 -16.93 -23.45 2.23
CA LEU B 110 -15.94 -24.04 1.33
C LEU B 110 -15.12 -25.11 2.03
N ALA B 111 -14.48 -24.74 3.14
CA ALA B 111 -13.47 -25.62 3.73
C ALA B 111 -14.09 -26.91 4.23
N VAL B 112 -15.17 -26.81 5.01
CA VAL B 112 -15.70 -28.00 5.66
C VAL B 112 -16.37 -28.91 4.64
N THR B 113 -17.01 -28.33 3.62
CA THR B 113 -17.58 -29.18 2.57
C THR B 113 -16.49 -29.84 1.75
N MET B 114 -15.37 -29.14 1.51
CA MET B 114 -14.26 -29.79 0.82
C MET B 114 -13.68 -30.93 1.64
N ALA B 115 -13.63 -30.78 2.97
CA ALA B 115 -13.22 -31.87 3.83
C ALA B 115 -14.25 -32.99 3.88
N LEU B 116 -15.52 -32.68 3.62
CA LEU B 116 -16.55 -33.72 3.55
C LEU B 116 -16.47 -34.50 2.24
N TYR B 117 -16.12 -33.82 1.14
CA TYR B 117 -15.99 -34.50 -0.14
C TYR B 117 -14.93 -35.58 -0.07
N GLU B 118 -13.81 -35.29 0.57
CA GLU B 118 -12.67 -36.21 0.58
C GLU B 118 -12.81 -37.31 1.62
N LYS B 119 -13.95 -37.39 2.29
CA LYS B 119 -14.27 -38.41 3.30
C LYS B 119 -13.57 -38.14 4.63
N LYS B 120 -13.05 -36.94 4.85
CA LYS B 120 -12.36 -36.62 6.10
C LYS B 120 -13.30 -36.05 7.15
N VAL B 121 -14.57 -35.81 6.80
CA VAL B 121 -15.60 -35.39 7.74
C VAL B 121 -16.76 -36.36 7.57
N LYS B 122 -17.73 -36.28 8.46
CA LYS B 122 -18.95 -37.06 8.36
C LYS B 122 -20.16 -36.13 8.29
N LEU B 123 -21.25 -36.65 7.72
CA LEU B 123 -22.41 -35.80 7.44
C LEU B 123 -22.96 -35.20 8.70
N LEU B 124 -23.14 -36.02 9.74
CA LEU B 124 -23.56 -35.48 11.04
C LEU B 124 -22.58 -34.41 11.52
N ASP B 125 -21.28 -34.71 11.44
CA ASP B 125 -20.27 -33.74 11.85
C ASP B 125 -20.41 -32.45 11.03
N TYR B 126 -20.57 -32.59 9.72
CA TYR B 126 -20.63 -31.42 8.85
C TYR B 126 -21.83 -30.54 9.20
N LEU B 127 -23.00 -31.14 9.33
CA LEU B 127 -24.20 -30.34 9.61
C LEU B 127 -24.13 -29.73 11.01
N ARG B 128 -23.63 -30.48 12.00
CA ARG B 128 -23.46 -29.92 13.33
C ARG B 128 -22.53 -28.72 13.30
N VAL B 129 -21.38 -28.86 12.63
CA VAL B 129 -20.41 -27.77 12.58
C VAL B 129 -21.03 -26.55 11.92
N MET B 130 -21.69 -26.75 10.78
CA MET B 130 -22.27 -25.61 10.08
C MET B 130 -23.34 -24.93 10.91
N THR B 131 -24.23 -25.72 11.55
CA THR B 131 -25.30 -25.12 12.33
C THR B 131 -24.74 -24.32 13.51
N ILE B 132 -23.77 -24.90 14.23
CA ILE B 132 -23.19 -24.20 15.37
C ILE B 132 -22.50 -22.94 14.91
N SER B 133 -21.75 -23.01 13.81
CA SER B 133 -21.04 -21.84 13.31
C SER B 133 -22.02 -20.73 12.96
N LEU B 134 -23.08 -21.07 12.24
CA LEU B 134 -24.04 -20.05 11.81
C LEU B 134 -24.74 -19.43 13.02
N PHE B 135 -25.21 -20.27 13.95
CA PHE B 135 -25.93 -19.73 15.10
C PHE B 135 -25.01 -18.86 15.95
N GLY B 136 -23.75 -19.27 16.13
CA GLY B 136 -22.83 -18.46 16.90
C GLY B 136 -22.52 -17.14 16.23
N ASN B 137 -22.31 -17.16 14.90
CA ASN B 137 -22.07 -15.92 14.18
C ASN B 137 -23.27 -14.99 14.32
N TYR B 138 -24.47 -15.55 14.22
CA TYR B 138 -25.68 -14.73 14.37
C TYR B 138 -25.73 -14.10 15.75
N VAL B 139 -25.48 -14.90 16.79
CA VAL B 139 -25.54 -14.37 18.16
C VAL B 139 -24.52 -13.27 18.33
N GLY B 140 -23.27 -13.51 17.88
CA GLY B 140 -22.24 -12.50 18.03
C GLY B 140 -22.58 -11.20 17.31
N ALA B 141 -23.04 -11.32 16.06
CA ALA B 141 -23.32 -10.13 15.28
C ALA B 141 -24.47 -9.34 15.87
N VAL B 142 -25.57 -10.01 16.21
CA VAL B 142 -26.73 -9.30 16.73
C VAL B 142 -26.42 -8.71 18.11
N SER B 143 -25.67 -9.43 18.94
CA SER B 143 -25.31 -8.91 20.25
C SER B 143 -24.44 -7.67 20.13
N PHE B 144 -23.44 -7.70 19.26
CA PHE B 144 -22.63 -6.51 19.06
C PHE B 144 -23.48 -5.37 18.52
N ALA B 145 -24.26 -5.64 17.47
CA ALA B 145 -25.17 -4.63 16.95
C ALA B 145 -25.91 -3.96 18.08
N PHE B 146 -26.72 -4.71 18.81
CA PHE B 146 -27.51 -4.11 19.87
C PHE B 146 -26.60 -3.34 20.82
N PHE B 147 -25.76 -4.04 21.57
CA PHE B 147 -25.06 -3.35 22.65
C PHE B 147 -24.28 -2.16 22.10
N VAL B 148 -23.25 -2.42 21.31
CA VAL B 148 -22.36 -1.35 20.90
C VAL B 148 -23.12 -0.32 20.06
N SER B 149 -23.67 -0.75 18.92
CA SER B 149 -24.20 0.22 17.96
C SER B 149 -25.43 0.95 18.45
N TYR B 150 -26.33 0.31 19.20
CA TYR B 150 -27.59 0.93 19.57
C TYR B 150 -27.56 1.59 20.94
N LEU B 151 -26.69 1.14 21.85
CA LEU B 151 -26.53 1.91 23.09
C LEU B 151 -25.56 3.06 22.90
N SER B 152 -24.91 3.16 21.74
CA SER B 152 -24.02 4.27 21.43
C SER B 152 -24.73 5.40 20.69
N GLY B 153 -25.96 5.20 20.23
CA GLY B 153 -26.66 6.23 19.50
C GLY B 153 -25.97 6.65 18.22
N ALA B 154 -25.08 5.81 17.70
CA ALA B 154 -24.27 6.22 16.55
C ALA B 154 -25.12 6.44 15.31
N PHE B 155 -26.14 5.61 15.10
CA PHE B 155 -26.95 5.65 13.89
C PHE B 155 -28.36 6.16 14.15
N THR B 156 -28.60 6.76 15.31
CA THR B 156 -29.92 7.26 15.64
C THR B 156 -30.42 8.23 14.58
N ASN B 157 -31.74 8.44 14.58
CA ASN B 157 -32.36 9.46 13.75
C ASN B 157 -32.27 10.81 14.44
N VAL B 158 -31.56 11.75 13.81
CA VAL B 158 -31.41 13.09 14.38
C VAL B 158 -32.41 14.09 13.82
N HIS B 159 -33.15 13.74 12.77
CA HIS B 159 -34.17 14.60 12.19
C HIS B 159 -33.57 15.96 11.79
N ALA B 160 -32.42 15.90 11.12
CA ALA B 160 -31.77 17.11 10.61
C ALA B 160 -30.82 16.71 9.49
N VAL B 161 -31.11 17.15 8.27
CA VAL B 161 -30.43 16.60 7.10
C VAL B 161 -28.93 16.81 7.20
N GLU B 162 -28.50 17.98 7.66
CA GLU B 162 -27.07 18.28 7.72
C GLU B 162 -26.33 17.32 8.65
N LYS B 163 -27.01 16.82 9.68
CA LYS B 163 -26.36 15.98 10.69
C LYS B 163 -26.73 14.50 10.59
N ASN B 164 -27.77 14.16 9.82
CA ASN B 164 -28.35 12.82 9.85
C ASN B 164 -27.82 11.92 8.74
N HIS B 165 -26.55 12.08 8.36
CA HIS B 165 -26.03 11.31 7.22
C HIS B 165 -25.70 9.87 7.58
N PHE B 166 -25.39 9.58 8.85
CA PHE B 166 -25.17 8.19 9.23
C PHE B 166 -26.46 7.39 9.13
N PHE B 167 -27.54 7.91 9.71
CA PHE B 167 -28.83 7.25 9.62
C PHE B 167 -29.27 7.12 8.17
N GLN B 168 -29.06 8.16 7.37
CA GLN B 168 -29.46 8.10 5.98
C GLN B 168 -28.67 7.05 5.21
N PHE B 169 -27.36 6.97 5.44
CA PHE B 169 -26.56 5.95 4.78
C PHE B 169 -27.04 4.55 5.15
N LEU B 170 -27.26 4.31 6.44
CA LEU B 170 -27.70 2.99 6.87
C LEU B 170 -29.06 2.65 6.29
N ASN B 171 -29.99 3.62 6.33
CA ASN B 171 -31.33 3.40 5.79
C ASN B 171 -31.26 3.08 4.31
N ASP B 172 -30.43 3.81 3.56
CA ASP B 172 -30.36 3.60 2.13
C ASP B 172 -29.76 2.25 1.80
N ILE B 173 -28.70 1.86 2.51
CA ILE B 173 -28.11 0.54 2.29
C ILE B 173 -29.12 -0.55 2.63
N ALA B 174 -29.86 -0.37 3.73
CA ALA B 174 -30.84 -1.38 4.13
C ALA B 174 -31.94 -1.52 3.08
N GLU B 175 -32.44 -0.39 2.56
CA GLU B 175 -33.45 -0.47 1.51
C GLU B 175 -32.89 -1.15 0.26
N LYS B 176 -31.69 -0.77 -0.16
CA LYS B 176 -31.07 -1.41 -1.31
C LYS B 176 -30.98 -2.91 -1.12
N LYS B 177 -30.67 -3.35 0.11
CA LYS B 177 -30.53 -4.78 0.37
C LYS B 177 -31.89 -5.48 0.38
N VAL B 178 -32.92 -4.83 0.91
CA VAL B 178 -34.20 -5.50 1.12
C VAL B 178 -35.17 -5.18 -0.01
N HIS B 179 -34.68 -4.62 -1.11
CA HIS B 179 -35.52 -4.34 -2.27
C HIS B 179 -35.10 -5.13 -3.51
N HIS B 180 -34.24 -6.14 -3.37
CA HIS B 180 -33.93 -7.03 -4.48
C HIS B 180 -35.07 -8.04 -4.62
N THR B 181 -34.86 -9.03 -5.47
CA THR B 181 -35.73 -10.19 -5.57
C THR B 181 -34.95 -11.43 -5.13
N PHE B 182 -35.60 -12.58 -5.17
CA PHE B 182 -34.97 -13.81 -4.72
C PHE B 182 -33.75 -14.14 -5.58
N VAL B 183 -33.93 -14.14 -6.90
CA VAL B 183 -32.84 -14.52 -7.80
C VAL B 183 -31.68 -13.53 -7.68
N GLU B 184 -32.00 -12.23 -7.66
CA GLU B 184 -30.97 -11.21 -7.53
C GLU B 184 -30.13 -11.43 -6.27
N CYS B 185 -30.82 -11.61 -5.13
CA CYS B 185 -30.10 -11.77 -3.86
C CYS B 185 -29.29 -13.06 -3.87
N VAL B 186 -29.82 -14.13 -4.44
CA VAL B 186 -29.09 -15.38 -4.50
C VAL B 186 -27.80 -15.19 -5.30
N SER B 187 -27.90 -14.53 -6.45
CA SER B 187 -26.71 -14.29 -7.28
C SER B 187 -25.69 -13.44 -6.53
N LEU B 188 -26.16 -12.37 -5.86
CA LEU B 188 -25.24 -11.49 -5.16
C LEU B 188 -24.54 -12.22 -4.02
N ALA B 189 -25.28 -13.05 -3.28
CA ALA B 189 -24.67 -13.82 -2.21
C ALA B 189 -23.68 -14.83 -2.76
N VAL B 190 -24.00 -15.43 -3.91
CA VAL B 190 -23.06 -16.33 -4.55
C VAL B 190 -21.75 -15.60 -4.82
N GLY B 191 -21.82 -14.42 -5.42
CA GLY B 191 -20.62 -13.65 -5.69
C GLY B 191 -19.85 -13.32 -4.43
N CYS B 192 -20.57 -12.89 -3.40
CA CYS B 192 -19.94 -12.55 -2.12
C CYS B 192 -19.15 -13.73 -1.58
N ASN B 193 -19.77 -14.92 -1.53
CA ASN B 193 -19.09 -16.06 -0.94
C ASN B 193 -17.98 -16.59 -1.84
N ILE B 194 -18.09 -16.45 -3.15
CA ILE B 194 -16.95 -16.77 -4.01
C ILE B 194 -15.76 -15.90 -3.61
N PHE B 195 -16.01 -14.59 -3.43
CA PHE B 195 -14.91 -13.72 -3.00
C PHE B 195 -14.38 -14.13 -1.62
N VAL B 196 -15.27 -14.42 -0.68
CA VAL B 196 -14.85 -14.71 0.68
C VAL B 196 -14.01 -15.99 0.73
N CYS B 197 -14.50 -17.05 0.09
CA CYS B 197 -13.76 -18.30 0.07
C CYS B 197 -12.47 -18.19 -0.75
N LEU B 198 -12.44 -17.33 -1.76
CA LEU B 198 -11.19 -17.09 -2.47
C LEU B 198 -10.17 -16.41 -1.57
N ALA B 199 -10.62 -15.49 -0.72
CA ALA B 199 -9.73 -14.89 0.27
C ALA B 199 -9.25 -15.94 1.27
N VAL B 200 -10.14 -16.85 1.67
CA VAL B 200 -9.74 -17.93 2.57
C VAL B 200 -8.67 -18.79 1.91
N TYR B 201 -8.79 -19.01 0.60
CA TYR B 201 -7.77 -19.73 -0.14
C TYR B 201 -6.47 -18.94 -0.19
N PHE B 202 -6.58 -17.61 -0.35
CA PHE B 202 -5.39 -16.76 -0.37
C PHE B 202 -4.61 -16.89 0.93
N VAL B 203 -5.31 -16.84 2.07
CA VAL B 203 -4.62 -16.90 3.36
C VAL B 203 -3.97 -18.24 3.62
N LEU B 204 -4.29 -19.26 2.82
CA LEU B 204 -3.63 -20.56 2.93
C LEU B 204 -2.52 -20.74 1.90
N THR B 205 -2.63 -20.10 0.74
CA THR B 205 -1.55 -20.18 -0.24
C THR B 205 -0.44 -19.19 0.09
N LEU B 206 -0.81 -18.01 0.58
CA LEU B 206 0.17 -16.99 0.98
C LEU B 206 0.41 -17.09 2.48
N LYS B 207 1.67 -17.28 2.86
CA LYS B 207 2.06 -17.42 4.26
C LYS B 207 2.91 -16.24 4.73
N ASP B 208 2.98 -15.18 3.94
CA ASP B 208 3.69 -13.96 4.31
C ASP B 208 2.70 -12.90 4.75
N GLY B 209 3.09 -12.11 5.75
CA GLY B 209 2.18 -11.12 6.30
C GLY B 209 1.66 -10.16 5.26
N ALA B 210 2.53 -9.70 4.36
CA ALA B 210 2.11 -8.73 3.35
C ALA B 210 0.96 -9.27 2.53
N GLY B 211 1.15 -10.46 1.94
CA GLY B 211 0.05 -11.09 1.22
C GLY B 211 -1.13 -11.37 2.12
N TYR B 212 -0.87 -11.86 3.33
CA TYR B 212 -1.92 -12.18 4.28
C TYR B 212 -2.89 -11.02 4.42
N VAL B 213 -2.37 -9.80 4.60
CA VAL B 213 -3.22 -8.64 4.76
C VAL B 213 -3.82 -8.21 3.41
N PHE B 214 -2.98 -8.09 2.38
CA PHE B 214 -3.40 -7.36 1.20
C PHE B 214 -4.32 -8.18 0.30
N SER B 215 -4.08 -9.48 0.16
CA SER B 215 -4.97 -10.30 -0.67
C SER B 215 -6.38 -10.29 -0.12
N VAL B 216 -6.51 -10.50 1.20
CA VAL B 216 -7.83 -10.49 1.81
C VAL B 216 -8.43 -9.09 1.78
N PHE B 217 -7.59 -8.06 1.94
CA PHE B 217 -8.10 -6.70 1.84
C PHE B 217 -8.74 -6.45 0.49
N PHE B 218 -8.03 -6.81 -0.58
CA PHE B 218 -8.54 -6.58 -1.92
C PHE B 218 -9.80 -7.41 -2.17
N ALA B 219 -9.81 -8.66 -1.73
CA ALA B 219 -10.98 -9.51 -1.93
C ALA B 219 -12.20 -8.93 -1.23
N VAL B 220 -12.05 -8.54 0.04
CA VAL B 220 -13.20 -8.05 0.79
C VAL B 220 -13.64 -6.69 0.26
N TYR B 221 -12.68 -5.85 -0.17
CA TYR B 221 -13.05 -4.56 -0.73
C TYR B 221 -13.82 -4.73 -2.03
N ALA B 222 -13.39 -5.64 -2.90
CA ALA B 222 -14.13 -5.90 -4.12
C ALA B 222 -15.53 -6.42 -3.80
N PHE B 223 -15.62 -7.37 -2.86
CA PHE B 223 -16.92 -7.78 -2.35
C PHE B 223 -17.78 -6.58 -2.00
N ALA B 224 -17.32 -5.76 -1.06
CA ALA B 224 -18.16 -4.71 -0.49
C ALA B 224 -18.55 -3.68 -1.53
N ILE B 225 -17.61 -3.29 -2.39
CA ILE B 225 -17.91 -2.28 -3.40
C ILE B 225 -18.86 -2.83 -4.46
N ALA B 226 -18.70 -4.11 -4.82
CA ALA B 226 -19.52 -4.71 -5.86
C ALA B 226 -20.98 -4.87 -5.45
N GLY B 227 -21.31 -4.70 -4.17
CA GLY B 227 -22.68 -4.83 -3.73
C GLY B 227 -23.15 -6.24 -3.50
N TYR B 228 -22.25 -7.21 -3.51
CA TYR B 228 -22.62 -8.59 -3.27
C TYR B 228 -23.19 -8.70 -1.86
N GLU B 229 -23.74 -9.84 -1.48
CA GLU B 229 -24.43 -9.98 -0.20
C GLU B 229 -23.82 -11.00 0.73
N HIS B 230 -23.49 -10.60 1.95
CA HIS B 230 -22.81 -11.47 2.90
C HIS B 230 -23.75 -11.73 4.01
N ILE B 231 -23.89 -12.95 4.45
CA ILE B 231 -24.94 -13.33 5.37
C ILE B 231 -24.74 -12.69 6.72
N ILE B 232 -23.49 -12.65 7.23
CA ILE B 232 -23.22 -12.20 8.60
C ILE B 232 -23.24 -10.70 8.64
N ALA B 233 -22.64 -10.06 7.66
CA ALA B 233 -22.72 -8.62 7.54
C ALA B 233 -24.16 -8.17 7.34
N ASN B 234 -24.92 -8.90 6.53
CA ASN B 234 -26.32 -8.58 6.34
C ASN B 234 -27.09 -8.71 7.65
N ILE B 235 -26.81 -9.75 8.43
CA ILE B 235 -27.47 -9.91 9.72
C ILE B 235 -27.24 -8.68 10.58
N TYR B 236 -25.97 -8.29 10.71
CA TYR B 236 -25.66 -7.12 11.54
C TYR B 236 -26.35 -5.87 11.01
N THR B 237 -26.22 -5.62 9.71
CA THR B 237 -26.73 -4.38 9.14
C THR B 237 -28.24 -4.28 9.28
N LEU B 238 -28.96 -5.36 8.99
CA LEU B 238 -30.42 -5.30 9.05
C LEU B 238 -30.91 -5.26 10.49
N ASN B 239 -30.22 -5.93 11.41
CA ASN B 239 -30.64 -5.83 12.81
C ASN B 239 -30.44 -4.42 13.34
N ILE B 240 -29.31 -3.79 13.01
CA ILE B 240 -29.10 -2.41 13.43
C ILE B 240 -30.11 -1.49 12.75
N ALA B 241 -30.41 -1.73 11.47
CA ALA B 241 -31.43 -0.95 10.80
C ALA B 241 -32.81 -1.15 11.42
N LEU B 242 -33.04 -2.27 12.09
CA LEU B 242 -34.33 -2.49 12.73
C LEU B 242 -34.42 -1.84 14.10
N MET B 243 -33.38 -1.95 14.93
CA MET B 243 -33.45 -1.27 16.22
C MET B 243 -33.40 0.24 16.07
N VAL B 244 -32.63 0.75 15.11
CA VAL B 244 -32.54 2.19 14.88
C VAL B 244 -33.80 2.68 14.17
N ASN B 245 -34.64 1.75 13.71
CA ASN B 245 -35.96 2.08 13.16
C ASN B 245 -35.83 2.86 11.84
N THR B 246 -35.14 2.27 10.87
CA THR B 246 -35.13 2.80 9.52
C THR B 246 -36.42 2.39 8.82
N LYS B 247 -36.48 2.59 7.50
CA LYS B 247 -37.67 2.23 6.71
C LYS B 247 -37.52 0.83 6.13
N ILE B 248 -37.39 -0.14 7.03
CA ILE B 248 -37.42 -1.56 6.69
C ILE B 248 -38.30 -2.28 7.71
N THR B 249 -38.55 -3.55 7.44
CA THR B 249 -39.42 -4.37 8.28
C THR B 249 -38.75 -5.70 8.55
N VAL B 250 -39.11 -6.33 9.68
CA VAL B 250 -38.46 -7.56 10.09
C VAL B 250 -38.62 -8.63 9.01
N TYR B 251 -39.83 -8.75 8.46
CA TYR B 251 -40.03 -9.67 7.35
C TYR B 251 -39.18 -9.29 6.15
N GLN B 252 -39.26 -8.03 5.73
CA GLN B 252 -38.47 -7.57 4.59
C GLN B 252 -36.98 -7.74 4.82
N ALA B 253 -36.54 -7.83 6.07
CA ALA B 253 -35.14 -8.14 6.32
C ALA B 253 -34.89 -9.64 6.19
N TYR B 254 -35.46 -10.42 7.10
CA TYR B 254 -35.17 -11.85 7.13
C TYR B 254 -35.53 -12.52 5.80
N ILE B 255 -36.82 -12.56 5.48
CA ILE B 255 -37.27 -13.35 4.35
C ILE B 255 -36.71 -12.79 3.06
N LYS B 256 -36.66 -11.46 2.94
CA LYS B 256 -36.30 -10.85 1.67
C LYS B 256 -34.81 -10.91 1.38
N ASN B 257 -33.94 -10.92 2.40
CA ASN B 257 -32.52 -10.85 2.14
C ASN B 257 -31.74 -12.05 2.67
N LEU B 258 -31.95 -12.44 3.93
CA LEU B 258 -30.99 -13.34 4.56
C LEU B 258 -31.19 -14.78 4.11
N LEU B 259 -32.44 -15.21 3.93
CA LEU B 259 -32.68 -16.55 3.42
C LEU B 259 -32.09 -16.71 2.02
N PRO B 260 -32.44 -15.87 1.04
CA PRO B 260 -31.75 -15.98 -0.27
C PRO B 260 -30.26 -15.75 -0.14
N THR B 261 -29.84 -14.84 0.74
CA THR B 261 -28.41 -14.59 0.91
C THR B 261 -27.70 -15.80 1.47
N LEU B 262 -28.28 -16.44 2.48
CA LEU B 262 -27.68 -17.65 3.03
C LEU B 262 -27.62 -18.76 1.98
N LEU B 263 -28.69 -18.92 1.21
CA LEU B 263 -28.71 -19.96 0.19
C LEU B 263 -27.63 -19.72 -0.86
N GLY B 264 -27.53 -18.47 -1.34
CA GLY B 264 -26.51 -18.17 -2.33
C GLY B 264 -25.11 -18.34 -1.78
N ASN B 265 -24.89 -17.95 -0.53
CA ASN B 265 -23.59 -18.13 0.10
C ASN B 265 -23.21 -19.59 0.18
N TYR B 266 -24.14 -20.44 0.61
CA TYR B 266 -23.83 -21.87 0.71
C TYR B 266 -23.59 -22.47 -0.67
N ILE B 267 -24.38 -22.05 -1.67
CA ILE B 267 -24.20 -22.56 -3.02
C ILE B 267 -22.81 -22.18 -3.53
N ALA B 268 -22.41 -20.92 -3.34
CA ALA B 268 -21.09 -20.51 -3.79
C ALA B 268 -19.99 -21.29 -3.08
N GLY B 269 -20.14 -21.50 -1.77
CA GLY B 269 -19.11 -22.21 -1.04
C GLY B 269 -18.98 -23.66 -1.49
N ALA B 270 -20.10 -24.36 -1.60
CA ALA B 270 -20.09 -25.82 -1.78
C ALA B 270 -20.07 -26.22 -3.25
N ILE B 271 -20.99 -25.68 -4.05
CA ILE B 271 -21.16 -26.15 -5.42
C ILE B 271 -20.29 -25.38 -6.39
N VAL B 272 -20.33 -24.04 -6.34
CA VAL B 272 -19.69 -23.25 -7.39
C VAL B 272 -18.19 -23.50 -7.42
N LEU B 273 -17.55 -23.53 -6.25
CA LEU B 273 -16.11 -23.70 -6.16
C LEU B 273 -15.69 -25.00 -5.50
N GLY B 274 -16.48 -25.53 -4.55
CA GLY B 274 -16.07 -26.74 -3.86
C GLY B 274 -15.96 -27.94 -4.80
N LEU B 275 -17.01 -28.18 -5.59
CA LEU B 275 -17.01 -29.36 -6.46
C LEU B 275 -15.94 -29.29 -7.53
N PRO B 276 -15.78 -28.18 -8.27
CA PRO B 276 -14.70 -28.14 -9.26
C PRO B 276 -13.32 -28.34 -8.66
N LEU B 277 -13.04 -27.72 -7.51
CA LEU B 277 -11.74 -27.91 -6.87
C LEU B 277 -11.56 -29.35 -6.45
N TYR B 278 -12.61 -29.96 -5.91
CA TYR B 278 -12.52 -31.36 -5.50
C TYR B 278 -12.18 -32.25 -6.69
N PHE B 279 -12.88 -32.06 -7.81
CA PHE B 279 -12.60 -32.87 -8.98
C PHE B 279 -11.20 -32.60 -9.52
N ILE B 280 -10.73 -31.36 -9.40
CA ILE B 280 -9.41 -31.01 -9.90
C ILE B 280 -8.32 -31.69 -9.08
N TYR B 281 -8.50 -31.79 -7.76
CA TYR B 281 -7.40 -32.10 -6.86
C TYR B 281 -7.58 -33.38 -6.04
N LYS B 282 -8.63 -34.16 -6.29
CA LYS B 282 -8.83 -35.36 -5.48
C LYS B 282 -7.70 -36.36 -5.67
N GLU B 283 -7.19 -36.49 -6.89
CA GLU B 283 -6.11 -37.44 -7.12
C GLU B 283 -4.83 -37.01 -6.40
N HIS B 284 -4.55 -35.70 -6.43
CA HIS B 284 -3.40 -35.18 -5.70
C HIS B 284 -3.53 -35.42 -4.20
N TYR B 285 -4.73 -35.20 -3.66
CA TYR B 285 -4.94 -35.47 -2.24
C TYR B 285 -4.75 -36.95 -1.94
N TYR B 286 -5.26 -37.82 -2.81
CA TYR B 286 -5.11 -39.26 -2.58
C TYR B 286 -3.64 -39.64 -2.56
N ASN B 287 -2.85 -39.10 -3.49
CA ASN B 287 -1.43 -39.38 -3.50
C ASN B 287 -0.75 -38.88 -2.24
N PHE B 288 -1.02 -37.62 -1.87
CA PHE B 288 -0.55 -37.09 -0.60
C PHE B 288 -0.81 -38.09 0.52
N GLU B 289 -2.04 -38.58 0.61
CA GLU B 289 -2.38 -39.52 1.67
C GLU B 289 -1.55 -40.79 1.58
N ARG B 290 -1.37 -41.31 0.36
CA ARG B 290 -0.52 -42.48 0.18
C ARG B 290 0.91 -42.23 0.65
N SER B 291 1.35 -40.97 0.67
CA SER B 291 2.68 -40.61 1.15
C SER B 291 2.78 -40.64 2.67
N LYS B 292 1.71 -41.04 3.36
CA LYS B 292 1.69 -41.05 4.81
C LYS B 292 0.58 -41.97 5.31
N PRO C 12 20.60 -12.06 12.46
CA PRO C 12 19.63 -12.57 11.48
C PRO C 12 20.27 -13.43 10.39
N VAL C 13 19.53 -13.69 9.32
CA VAL C 13 20.00 -14.50 8.21
C VAL C 13 19.61 -13.81 6.91
N SER C 14 20.53 -13.81 5.95
CA SER C 14 20.29 -13.17 4.67
C SER C 14 19.43 -14.07 3.79
N ILE C 15 18.27 -13.58 3.39
CA ILE C 15 17.33 -14.32 2.57
C ILE C 15 17.02 -13.52 1.32
N LYS C 16 16.96 -14.21 0.18
CA LYS C 16 16.62 -13.60 -1.11
C LYS C 16 15.25 -14.11 -1.52
N SER C 17 14.35 -13.19 -1.84
CA SER C 17 12.99 -13.53 -2.25
C SER C 17 12.79 -13.41 -3.76
N VAL C 18 13.84 -13.07 -4.51
CA VAL C 18 13.74 -12.81 -5.93
C VAL C 18 14.74 -13.67 -6.67
N CYS C 19 14.63 -13.68 -8.00
CA CYS C 19 15.52 -14.42 -8.86
C CYS C 19 16.03 -13.50 -9.97
N GLY C 20 17.18 -13.87 -10.53
CA GLY C 20 17.84 -12.99 -11.47
C GLY C 20 17.03 -12.72 -12.72
N GLY C 21 16.49 -13.78 -13.32
CA GLY C 21 15.76 -13.65 -14.57
C GLY C 21 16.04 -14.80 -15.52
N GLU C 22 17.27 -15.34 -15.46
CA GLU C 22 17.52 -16.63 -16.09
C GLU C 22 16.73 -17.72 -15.39
N GLU C 23 16.72 -17.68 -14.06
CA GLU C 23 15.88 -18.61 -13.29
C GLU C 23 14.41 -18.33 -13.57
N SER C 24 14.05 -17.07 -13.77
CA SER C 24 12.67 -16.75 -14.14
C SER C 24 12.31 -17.37 -15.48
N TYR C 25 13.22 -17.30 -16.46
CA TYR C 25 12.95 -17.92 -17.75
C TYR C 25 12.83 -19.44 -17.62
N ILE C 26 13.70 -20.07 -16.84
CA ILE C 26 13.61 -21.51 -16.64
C ILE C 26 12.28 -21.86 -15.99
N ARG C 27 11.87 -21.07 -14.99
CA ARG C 27 10.60 -21.31 -14.33
C ARG C 27 9.44 -21.18 -15.30
N CYS C 28 9.49 -20.19 -16.19
CA CYS C 28 8.43 -20.04 -17.18
C CYS C 28 8.36 -21.23 -18.12
N VAL C 29 9.52 -21.71 -18.58
CA VAL C 29 9.53 -22.85 -19.48
C VAL C 29 8.96 -24.08 -18.78
N GLU C 30 9.37 -24.30 -17.53
CA GLU C 30 8.87 -25.46 -16.79
C GLU C 30 7.37 -25.34 -16.52
N TYR C 31 6.91 -24.13 -16.20
CA TYR C 31 5.48 -23.90 -15.99
C TYR C 31 4.69 -24.21 -17.24
N GLY C 32 5.18 -23.78 -18.40
CA GLY C 32 4.52 -24.13 -19.64
C GLY C 32 4.50 -25.63 -19.89
N LYS C 33 5.64 -26.29 -19.65
CA LYS C 33 5.71 -27.73 -19.87
C LYS C 33 4.74 -28.48 -18.96
N LYS C 34 4.59 -28.03 -17.72
CA LYS C 34 3.76 -28.76 -16.76
C LYS C 34 2.33 -28.92 -17.26
N LYS C 35 1.74 -27.85 -17.78
CA LYS C 35 0.31 -27.84 -18.05
C LYS C 35 -0.06 -28.58 -19.33
N ALA C 36 0.92 -29.05 -20.10
CA ALA C 36 0.65 -29.92 -21.24
C ALA C 36 0.52 -31.37 -20.84
N HIS C 37 0.51 -31.66 -19.54
CA HIS C 37 0.45 -33.02 -19.04
C HIS C 37 -0.88 -33.38 -18.37
N TYR C 38 -1.68 -32.40 -17.95
CA TYR C 38 -2.95 -32.71 -17.33
C TYR C 38 -3.92 -33.32 -18.34
N SER C 39 -5.01 -33.87 -17.82
CA SER C 39 -6.06 -34.42 -18.65
C SER C 39 -6.84 -33.29 -19.33
N ASN C 40 -7.58 -33.64 -20.37
CA ASN C 40 -8.42 -32.66 -21.04
C ASN C 40 -9.49 -32.13 -20.09
N LEU C 41 -10.08 -32.99 -19.29
CA LEU C 41 -11.14 -32.55 -18.38
C LEU C 41 -10.58 -31.65 -17.29
N ASN C 42 -9.43 -32.01 -16.71
CA ASN C 42 -8.81 -31.15 -15.71
C ASN C 42 -8.47 -29.79 -16.29
N LEU C 43 -7.94 -29.77 -17.51
CA LEU C 43 -7.62 -28.50 -18.18
C LEU C 43 -8.88 -27.67 -18.38
N LEU C 44 -9.95 -28.32 -18.86
CA LEU C 44 -11.20 -27.60 -19.05
C LEU C 44 -11.73 -27.03 -17.74
N ALA C 45 -11.66 -27.81 -16.66
CA ALA C 45 -12.12 -27.35 -15.37
C ALA C 45 -11.34 -26.11 -14.92
N LYS C 46 -10.01 -26.19 -15.04
CA LYS C 46 -9.19 -25.04 -14.63
C LYS C 46 -9.50 -23.82 -15.49
N ALA C 47 -9.66 -24.02 -16.80
CA ALA C 47 -9.94 -22.90 -17.68
C ALA C 47 -11.29 -22.26 -17.35
N ILE C 48 -12.29 -23.09 -17.04
CA ILE C 48 -13.62 -22.57 -16.73
C ILE C 48 -13.58 -21.81 -15.40
N LEU C 49 -12.84 -22.33 -14.42
CA LEU C 49 -12.72 -21.61 -13.17
C LEU C 49 -12.01 -20.27 -13.36
N ALA C 50 -10.99 -20.25 -14.21
CA ALA C 50 -10.31 -19.00 -14.53
C ALA C 50 -11.26 -18.00 -15.17
N GLY C 51 -12.04 -18.47 -16.15
CA GLY C 51 -13.03 -17.60 -16.77
C GLY C 51 -14.03 -17.06 -15.76
N MET C 52 -14.48 -17.92 -14.85
CA MET C 52 -15.41 -17.48 -13.82
C MET C 52 -14.78 -16.41 -12.93
N PHE C 53 -13.52 -16.59 -12.55
CA PHE C 53 -12.85 -15.60 -11.72
C PHE C 53 -12.74 -14.26 -12.42
N VAL C 54 -12.32 -14.27 -13.70
CA VAL C 54 -12.19 -13.01 -14.42
C VAL C 54 -13.54 -12.35 -14.57
N GLY C 55 -14.59 -13.14 -14.81
CA GLY C 55 -15.93 -12.58 -14.87
C GLY C 55 -16.35 -11.93 -13.56
N LEU C 56 -16.06 -12.59 -12.44
CA LEU C 56 -16.42 -12.03 -11.13
C LEU C 56 -15.71 -10.70 -10.90
N CYS C 57 -14.41 -10.66 -11.19
CA CYS C 57 -13.67 -9.43 -10.92
C CYS C 57 -14.08 -8.33 -11.89
N ALA C 58 -14.40 -8.69 -13.13
CA ALA C 58 -14.92 -7.71 -14.07
C ALA C 58 -16.25 -7.16 -13.61
N HIS C 59 -17.11 -8.00 -13.05
CA HIS C 59 -18.39 -7.53 -12.52
C HIS C 59 -18.17 -6.55 -11.38
N ALA C 60 -17.27 -6.90 -10.45
CA ALA C 60 -17.01 -6.01 -9.32
C ALA C 60 -16.45 -4.67 -9.79
N SER C 61 -15.48 -4.71 -10.71
CA SER C 61 -14.87 -3.49 -11.20
C SER C 61 -15.87 -2.64 -11.98
N GLY C 62 -16.72 -3.29 -12.78
CA GLY C 62 -17.74 -2.55 -13.51
C GLY C 62 -18.74 -1.89 -12.59
N ILE C 63 -19.10 -2.58 -11.51
CA ILE C 63 -20.04 -1.98 -10.55
C ILE C 63 -19.39 -0.77 -9.88
N ALA C 64 -18.13 -0.89 -9.48
CA ALA C 64 -17.45 0.25 -8.87
C ALA C 64 -17.36 1.42 -9.84
N GLY C 65 -17.01 1.14 -11.11
CA GLY C 65 -16.95 2.20 -12.09
C GLY C 65 -18.30 2.85 -12.31
N GLY C 66 -19.36 2.06 -12.40
CA GLY C 66 -20.69 2.62 -12.49
C GLY C 66 -21.02 3.51 -11.31
N LEU C 67 -20.62 3.08 -10.10
CA LEU C 67 -20.87 3.90 -8.92
C LEU C 67 -20.17 5.24 -9.03
N PHE C 68 -18.93 5.25 -9.53
CA PHE C 68 -18.21 6.50 -9.76
C PHE C 68 -18.53 7.13 -11.10
N TYR C 69 -19.55 6.63 -11.80
CA TYR C 69 -20.02 7.23 -13.04
C TYR C 69 -21.24 8.13 -12.84
N TYR C 70 -21.60 8.42 -11.59
CA TYR C 70 -22.75 9.27 -11.30
C TYR C 70 -22.71 10.52 -12.17
N HIS C 71 -23.89 10.93 -12.67
CA HIS C 71 -23.94 11.92 -13.73
C HIS C 71 -23.45 13.29 -13.26
N LYS C 72 -23.77 13.67 -12.02
CA LYS C 72 -23.30 14.96 -11.52
C LYS C 72 -21.77 14.96 -11.36
N LEU C 73 -21.21 13.86 -10.86
CA LEU C 73 -19.76 13.75 -10.81
C LEU C 73 -19.16 13.61 -12.20
N ARG C 74 -19.86 12.94 -13.10
CA ARG C 74 -19.38 12.75 -14.47
C ARG C 74 -19.29 14.08 -15.21
N GLU C 75 -20.23 14.99 -14.96
CA GLU C 75 -20.19 16.30 -15.59
C GLU C 75 -18.97 17.11 -15.20
N ILE C 76 -18.28 16.75 -14.12
CA ILE C 76 -17.11 17.47 -13.65
C ILE C 76 -15.83 16.73 -13.99
N VAL C 77 -15.81 15.42 -13.75
CA VAL C 77 -14.57 14.64 -13.87
C VAL C 77 -14.58 13.73 -15.08
N GLY C 78 -15.56 13.85 -15.97
CA GLY C 78 -15.63 12.91 -17.09
C GLY C 78 -15.70 11.48 -16.60
N ALA C 79 -14.95 10.61 -17.24
CA ALA C 79 -14.92 9.19 -16.89
C ALA C 79 -13.65 8.80 -16.13
N SER C 80 -12.85 9.78 -15.69
CA SER C 80 -11.55 9.46 -15.11
C SER C 80 -11.71 8.62 -13.84
N MET C 81 -12.57 9.07 -12.92
CA MET C 81 -12.71 8.36 -11.65
C MET C 81 -13.26 6.96 -11.85
N SER C 82 -14.24 6.80 -12.75
CA SER C 82 -14.79 5.48 -13.00
C SER C 82 -13.73 4.52 -13.52
N VAL C 83 -12.95 4.96 -14.51
CA VAL C 83 -11.91 4.10 -15.06
C VAL C 83 -10.86 3.77 -14.01
N PHE C 84 -10.45 4.78 -13.24
CA PHE C 84 -9.43 4.53 -12.23
C PHE C 84 -9.90 3.53 -11.19
N VAL C 85 -11.14 3.67 -10.72
CA VAL C 85 -11.64 2.74 -9.71
C VAL C 85 -11.84 1.35 -10.31
N TYR C 86 -12.25 1.26 -11.57
CA TYR C 86 -12.37 -0.03 -12.22
C TYR C 86 -11.02 -0.72 -12.28
N GLY C 87 -9.97 0.02 -12.66
CA GLY C 87 -8.65 -0.54 -12.68
C GLY C 87 -8.14 -0.92 -11.31
N PHE C 88 -8.53 -0.15 -10.29
CA PHE C 88 -8.17 -0.50 -8.91
C PHE C 88 -8.83 -1.81 -8.48
N THR C 89 -10.09 -2.01 -8.85
CA THR C 89 -10.82 -3.19 -8.39
C THR C 89 -10.43 -4.45 -9.17
N PHE C 90 -10.19 -4.31 -10.48
CA PHE C 90 -9.98 -5.48 -11.32
C PHE C 90 -8.84 -6.40 -10.88
N PRO C 91 -7.68 -5.91 -10.44
CA PRO C 91 -6.47 -6.76 -10.48
C PRO C 91 -6.56 -8.04 -9.68
N ILE C 92 -7.43 -8.14 -8.68
CA ILE C 92 -7.47 -9.32 -7.83
C ILE C 92 -7.66 -10.61 -8.63
N ALA C 93 -8.12 -10.50 -9.88
CA ALA C 93 -8.30 -11.70 -10.71
C ALA C 93 -7.01 -12.49 -10.80
N PHE C 94 -5.87 -11.80 -10.91
CA PHE C 94 -4.60 -12.51 -10.98
C PHE C 94 -4.38 -13.36 -9.75
N MET C 95 -4.67 -12.80 -8.57
CA MET C 95 -4.55 -13.56 -7.34
C MET C 95 -5.49 -14.76 -7.34
N CYS C 96 -6.74 -14.55 -7.75
CA CYS C 96 -7.69 -15.66 -7.76
C CYS C 96 -7.21 -16.79 -8.64
N ILE C 97 -6.72 -16.47 -9.84
CA ILE C 97 -6.32 -17.53 -10.76
C ILE C 97 -5.04 -18.21 -10.28
N ILE C 98 -4.05 -17.43 -9.85
CA ILE C 98 -2.78 -18.02 -9.45
C ILE C 98 -2.94 -18.90 -8.22
N CYS C 99 -3.77 -18.48 -7.27
CA CYS C 99 -3.87 -19.21 -6.01
C CYS C 99 -4.68 -20.48 -6.16
N THR C 100 -5.53 -20.57 -7.18
CA THR C 100 -6.33 -21.77 -7.41
C THR C 100 -5.69 -22.73 -8.40
N GLY C 101 -4.55 -22.38 -8.98
CA GLY C 101 -3.88 -23.24 -9.94
C GLY C 101 -4.45 -23.21 -11.34
N SER C 102 -5.31 -22.25 -11.65
CA SER C 102 -5.93 -22.15 -12.96
C SER C 102 -5.08 -21.27 -13.88
N ASP C 103 -5.44 -21.28 -15.16
CA ASP C 103 -4.74 -20.49 -16.17
C ASP C 103 -5.73 -19.80 -17.09
N LEU C 104 -5.31 -18.68 -17.66
CA LEU C 104 -6.02 -18.01 -18.73
C LEU C 104 -5.25 -18.14 -20.03
N PHE C 105 -5.95 -17.89 -21.14
CA PHE C 105 -5.31 -17.92 -22.44
C PHE C 105 -4.14 -16.95 -22.51
N THR C 106 -4.31 -15.75 -21.94
CA THR C 106 -3.29 -14.71 -22.07
C THR C 106 -1.96 -15.15 -21.49
N GLY C 107 -1.96 -15.70 -20.28
CA GLY C 107 -0.72 -16.18 -19.68
C GLY C 107 -0.15 -17.37 -20.42
N ASN C 108 -1.00 -18.27 -20.90
CA ASN C 108 -0.51 -19.41 -21.65
C ASN C 108 0.18 -18.98 -22.94
N THR C 109 -0.28 -17.88 -23.56
CA THR C 109 0.34 -17.42 -24.79
C THR C 109 1.84 -17.26 -24.64
N LEU C 110 2.31 -16.90 -23.44
CA LEU C 110 3.73 -16.85 -23.15
C LEU C 110 4.23 -18.19 -22.60
N ALA C 111 3.57 -18.70 -21.56
CA ALA C 111 4.10 -19.84 -20.82
C ALA C 111 4.27 -21.07 -21.69
N VAL C 112 3.28 -21.37 -22.54
CA VAL C 112 3.31 -22.61 -23.29
C VAL C 112 4.05 -22.41 -24.61
N THR C 113 4.09 -21.19 -25.12
CA THR C 113 4.78 -20.93 -26.35
C THR C 113 6.25 -21.01 -26.08
N MET C 114 6.69 -20.62 -24.86
CA MET C 114 8.10 -20.79 -24.50
C MET C 114 8.50 -22.26 -24.53
N ALA C 115 7.71 -23.12 -23.88
CA ALA C 115 8.01 -24.55 -23.88
C ALA C 115 7.89 -25.14 -25.28
N LEU C 116 7.11 -24.53 -26.16
CA LEU C 116 7.09 -24.95 -27.55
C LEU C 116 8.42 -24.66 -28.23
N TYR C 117 8.93 -23.43 -28.07
CA TYR C 117 10.22 -23.09 -28.66
C TYR C 117 11.32 -23.99 -28.11
N GLU C 118 11.30 -24.22 -26.79
CA GLU C 118 12.33 -25.03 -26.14
C GLU C 118 12.20 -26.52 -26.41
N LYS C 119 11.22 -26.95 -27.20
CA LYS C 119 10.97 -28.34 -27.61
C LYS C 119 10.40 -29.17 -26.46
N LYS C 120 10.04 -28.56 -25.34
CA LYS C 120 9.51 -29.29 -24.21
C LYS C 120 8.03 -29.63 -24.36
N VAL C 121 7.33 -28.98 -25.28
CA VAL C 121 5.96 -29.31 -25.61
C VAL C 121 5.86 -29.45 -27.12
N LYS C 122 5.03 -30.40 -27.55
CA LYS C 122 4.84 -30.65 -28.97
C LYS C 122 3.67 -29.85 -29.50
N LEU C 123 3.59 -29.76 -30.83
CA LEU C 123 2.61 -28.87 -31.45
C LEU C 123 1.19 -29.29 -31.10
N LEU C 124 0.90 -30.59 -31.18
CA LEU C 124 -0.46 -31.05 -30.87
C LEU C 124 -0.83 -30.75 -29.43
N ASP C 125 0.07 -31.04 -28.49
CA ASP C 125 -0.21 -30.73 -27.09
C ASP C 125 -0.35 -29.23 -26.87
N TYR C 126 0.45 -28.44 -27.58
CA TYR C 126 0.33 -26.98 -27.47
C TYR C 126 -1.03 -26.52 -27.93
N LEU C 127 -1.50 -27.05 -29.06
CA LEU C 127 -2.82 -26.68 -29.56
C LEU C 127 -3.91 -27.16 -28.61
N ARG C 128 -3.76 -28.36 -28.04
CA ARG C 128 -4.69 -28.80 -27.00
C ARG C 128 -4.79 -27.75 -25.91
N VAL C 129 -3.64 -27.43 -25.29
CA VAL C 129 -3.64 -26.52 -24.16
C VAL C 129 -4.30 -25.21 -24.55
N MET C 130 -3.90 -24.64 -25.69
CA MET C 130 -4.38 -23.32 -26.07
C MET C 130 -5.89 -23.34 -26.32
N THR C 131 -6.34 -24.29 -27.13
CA THR C 131 -7.74 -24.39 -27.47
C THR C 131 -8.60 -24.63 -26.26
N ILE C 132 -8.21 -25.54 -25.41
CA ILE C 132 -8.99 -25.84 -24.22
C ILE C 132 -9.02 -24.64 -23.29
N SER C 133 -7.89 -23.97 -23.10
CA SER C 133 -7.87 -22.78 -22.25
C SER C 133 -8.83 -21.73 -22.77
N LEU C 134 -8.78 -21.46 -24.07
CA LEU C 134 -9.65 -20.45 -24.65
C LEU C 134 -11.12 -20.82 -24.46
N PHE C 135 -11.49 -22.05 -24.82
CA PHE C 135 -12.88 -22.46 -24.74
C PHE C 135 -13.36 -22.42 -23.28
N GLY C 136 -12.54 -22.91 -22.36
CA GLY C 136 -12.96 -22.94 -20.96
C GLY C 136 -13.10 -21.55 -20.37
N ASN C 137 -12.17 -20.65 -20.69
CA ASN C 137 -12.30 -19.27 -20.24
C ASN C 137 -13.55 -18.63 -20.80
N TYR C 138 -13.86 -18.89 -22.08
CA TYR C 138 -15.08 -18.39 -22.67
C TYR C 138 -16.30 -18.89 -21.90
N VAL C 139 -16.33 -20.20 -21.64
CA VAL C 139 -17.47 -20.79 -20.94
C VAL C 139 -17.63 -20.15 -19.57
N GLY C 140 -16.52 -20.03 -18.83
CA GLY C 140 -16.60 -19.44 -17.50
C GLY C 140 -17.09 -18.00 -17.53
N ALA C 141 -16.53 -17.21 -18.44
CA ALA C 141 -16.90 -15.79 -18.50
C ALA C 141 -18.38 -15.62 -18.83
N VAL C 142 -18.85 -16.27 -19.90
CA VAL C 142 -20.25 -16.09 -20.29
C VAL C 142 -21.19 -16.69 -19.25
N SER C 143 -20.81 -17.78 -18.61
CA SER C 143 -21.69 -18.37 -17.66
C SER C 143 -21.79 -17.47 -16.48
N PHE C 144 -20.72 -16.90 -16.01
CA PHE C 144 -20.84 -15.96 -14.89
C PHE C 144 -21.66 -14.74 -15.31
N ALA C 145 -21.43 -14.24 -16.53
CA ALA C 145 -22.14 -13.06 -17.00
C ALA C 145 -23.65 -13.29 -16.94
N PHE C 146 -24.09 -14.48 -17.34
CA PHE C 146 -25.52 -14.79 -17.28
C PHE C 146 -25.96 -15.04 -15.85
N PHE C 147 -25.39 -16.06 -15.21
CA PHE C 147 -25.94 -16.54 -13.94
C PHE C 147 -25.85 -15.49 -12.85
N VAL C 148 -24.72 -14.78 -12.77
CA VAL C 148 -24.52 -13.83 -11.68
C VAL C 148 -24.87 -12.42 -12.13
N SER C 149 -24.19 -11.91 -13.15
CA SER C 149 -24.35 -10.51 -13.53
C SER C 149 -25.74 -10.23 -14.08
N TYR C 150 -26.20 -11.03 -15.05
CA TYR C 150 -27.48 -10.75 -15.68
C TYR C 150 -28.64 -10.94 -14.71
N LEU C 151 -28.61 -12.02 -13.94
CA LEU C 151 -29.68 -12.29 -12.98
C LEU C 151 -29.56 -11.43 -11.72
N SER C 152 -28.39 -10.85 -11.47
CA SER C 152 -28.26 -9.88 -10.39
C SER C 152 -29.06 -8.61 -10.63
N GLY C 153 -29.34 -8.28 -11.89
CA GLY C 153 -30.05 -7.06 -12.21
C GLY C 153 -29.25 -5.80 -11.99
N ALA C 154 -27.95 -5.92 -11.69
CA ALA C 154 -27.15 -4.75 -11.35
C ALA C 154 -27.01 -3.80 -12.53
N PHE C 155 -26.83 -4.36 -13.73
CA PHE C 155 -26.58 -3.57 -14.93
C PHE C 155 -27.84 -3.42 -15.79
N THR C 156 -29.02 -3.64 -15.21
CA THR C 156 -30.25 -3.41 -15.95
C THR C 156 -30.44 -1.92 -16.18
N ASN C 157 -31.08 -1.60 -17.31
CA ASN C 157 -31.35 -0.22 -17.69
C ASN C 157 -32.50 0.33 -16.85
N VAL C 158 -32.17 1.18 -15.88
CA VAL C 158 -33.14 1.90 -15.08
C VAL C 158 -33.20 3.31 -15.66
N HIS C 159 -34.23 3.55 -16.47
CA HIS C 159 -34.18 4.68 -17.41
C HIS C 159 -33.98 6.01 -16.71
N ALA C 160 -34.32 6.11 -15.43
CA ALA C 160 -34.05 7.33 -14.67
C ALA C 160 -32.57 7.65 -14.70
N VAL C 161 -32.26 8.88 -15.13
CA VAL C 161 -30.87 9.23 -15.45
C VAL C 161 -29.97 9.14 -14.24
N GLU C 162 -30.51 9.34 -13.04
CA GLU C 162 -29.66 9.44 -11.86
C GLU C 162 -29.27 8.07 -11.30
N LYS C 163 -30.11 7.06 -11.49
CA LYS C 163 -29.79 5.70 -11.06
C LYS C 163 -29.19 4.86 -12.17
N ASN C 164 -29.11 5.39 -13.39
CA ASN C 164 -28.70 4.63 -14.56
C ASN C 164 -27.18 4.56 -14.72
N HIS C 165 -26.42 5.02 -13.73
CA HIS C 165 -24.97 5.13 -13.89
C HIS C 165 -24.34 3.75 -14.12
N PHE C 166 -24.83 2.72 -13.42
CA PHE C 166 -24.26 1.38 -13.59
C PHE C 166 -24.44 0.91 -15.04
N PHE C 167 -25.63 1.07 -15.59
CA PHE C 167 -25.88 0.69 -16.98
C PHE C 167 -25.10 1.58 -17.94
N GLN C 168 -25.07 2.88 -17.66
CA GLN C 168 -24.41 3.82 -18.57
C GLN C 168 -22.92 3.53 -18.68
N PHE C 169 -22.27 3.20 -17.56
CA PHE C 169 -20.85 2.89 -17.61
C PHE C 169 -20.58 1.70 -18.52
N LEU C 170 -21.32 0.61 -18.33
CA LEU C 170 -21.14 -0.56 -19.18
C LEU C 170 -21.42 -0.21 -20.64
N ASN C 171 -22.48 0.56 -20.90
CA ASN C 171 -22.81 0.93 -22.26
C ASN C 171 -21.67 1.68 -22.92
N ASP C 172 -21.13 2.68 -22.23
CA ASP C 172 -20.08 3.50 -22.82
C ASP C 172 -18.79 2.72 -23.01
N ILE C 173 -18.44 1.86 -22.05
CA ILE C 173 -17.26 1.03 -22.21
C ILE C 173 -17.42 0.09 -23.40
N ALA C 174 -18.61 -0.50 -23.56
CA ALA C 174 -18.85 -1.38 -24.71
C ALA C 174 -18.72 -0.59 -26.02
N GLU C 175 -19.29 0.61 -26.07
CA GLU C 175 -19.15 1.42 -27.27
C GLU C 175 -17.69 1.69 -27.58
N LYS C 176 -16.91 2.06 -26.57
CA LYS C 176 -15.49 2.32 -26.77
C LYS C 176 -14.78 1.09 -27.31
N LYS C 177 -15.05 -0.08 -26.72
CA LYS C 177 -14.38 -1.29 -27.17
C LYS C 177 -14.75 -1.65 -28.61
N VAL C 178 -16.01 -1.45 -28.99
CA VAL C 178 -16.47 -1.91 -30.30
C VAL C 178 -16.28 -0.88 -31.40
N HIS C 179 -15.91 0.36 -31.07
CA HIS C 179 -15.77 1.39 -32.09
C HIS C 179 -14.32 1.66 -32.46
N HIS C 180 -13.41 0.71 -32.22
CA HIS C 180 -12.07 0.80 -32.77
C HIS C 180 -12.05 0.23 -34.19
N THR C 181 -10.88 0.30 -34.81
CA THR C 181 -10.63 -0.38 -36.07
C THR C 181 -9.75 -1.61 -35.83
N PHE C 182 -9.57 -2.39 -36.89
CA PHE C 182 -8.81 -3.63 -36.77
C PHE C 182 -7.42 -3.37 -36.20
N VAL C 183 -6.67 -2.44 -36.81
CA VAL C 183 -5.30 -2.19 -36.40
C VAL C 183 -5.26 -1.69 -34.96
N GLU C 184 -6.15 -0.75 -34.63
CA GLU C 184 -6.13 -0.16 -33.29
C GLU C 184 -6.42 -1.22 -32.23
N CYS C 185 -7.42 -2.07 -32.48
CA CYS C 185 -7.75 -3.11 -31.52
C CYS C 185 -6.60 -4.11 -31.39
N VAL C 186 -5.96 -4.46 -32.50
CA VAL C 186 -4.83 -5.39 -32.43
C VAL C 186 -3.72 -4.80 -31.59
N SER C 187 -3.41 -3.52 -31.79
CA SER C 187 -2.36 -2.88 -31.00
C SER C 187 -2.71 -2.87 -29.52
N LEU C 188 -3.96 -2.51 -29.20
CA LEU C 188 -4.35 -2.43 -27.79
C LEU C 188 -4.30 -3.81 -27.13
N ALA C 189 -4.72 -4.84 -27.86
CA ALA C 189 -4.64 -6.19 -27.31
C ALA C 189 -3.19 -6.63 -27.13
N VAL C 190 -2.32 -6.23 -28.06
CA VAL C 190 -0.90 -6.51 -27.91
C VAL C 190 -0.40 -5.91 -26.60
N GLY C 191 -0.75 -4.65 -26.34
CA GLY C 191 -0.33 -4.02 -25.10
C GLY C 191 -0.87 -4.75 -23.87
N CYS C 192 -2.15 -5.09 -23.91
CA CYS C 192 -2.76 -5.78 -22.76
C CYS C 192 -2.02 -7.08 -22.47
N ASN C 193 -1.83 -7.91 -23.49
CA ASN C 193 -1.21 -9.21 -23.23
C ASN C 193 0.25 -9.07 -22.86
N ILE C 194 0.93 -8.03 -23.35
CA ILE C 194 2.29 -7.78 -22.87
C ILE C 194 2.27 -7.54 -21.37
N PHE C 195 1.31 -6.72 -20.90
CA PHE C 195 1.21 -6.48 -19.47
C PHE C 195 0.90 -7.76 -18.70
N VAL C 196 -0.02 -8.58 -19.23
CA VAL C 196 -0.39 -9.81 -18.52
C VAL C 196 0.79 -10.78 -18.44
N CYS C 197 1.52 -10.93 -19.56
CA CYS C 197 2.70 -11.78 -19.55
C CYS C 197 3.76 -11.26 -18.58
N LEU C 198 3.91 -9.94 -18.51
CA LEU C 198 4.84 -9.37 -17.55
C LEU C 198 4.40 -9.66 -16.11
N ALA C 199 3.09 -9.62 -15.86
CA ALA C 199 2.60 -9.99 -14.53
C ALA C 199 2.89 -11.45 -14.22
N VAL C 200 2.75 -12.32 -15.22
CA VAL C 200 3.07 -13.73 -15.03
C VAL C 200 4.55 -13.87 -14.66
N TYR C 201 5.42 -13.17 -15.39
CA TYR C 201 6.84 -13.18 -15.04
C TYR C 201 7.07 -12.63 -13.64
N PHE C 202 6.31 -11.60 -13.25
CA PHE C 202 6.45 -11.05 -11.91
C PHE C 202 6.18 -12.12 -10.86
N VAL C 203 5.06 -12.84 -10.98
CA VAL C 203 4.76 -13.87 -10.00
C VAL C 203 5.80 -14.98 -10.06
N LEU C 204 6.31 -15.29 -11.24
CA LEU C 204 7.34 -16.32 -11.35
C LEU C 204 8.64 -15.87 -10.69
N THR C 205 8.91 -14.57 -10.66
CA THR C 205 10.15 -14.03 -10.14
C THR C 205 10.05 -13.71 -8.65
N LEU C 206 8.96 -13.10 -8.23
CA LEU C 206 8.78 -12.67 -6.84
C LEU C 206 8.01 -13.75 -6.09
N LYS C 207 8.70 -14.45 -5.19
CA LYS C 207 8.12 -15.55 -4.43
C LYS C 207 7.66 -15.09 -3.05
N ASP C 208 7.28 -13.83 -2.93
CA ASP C 208 6.83 -13.25 -1.67
C ASP C 208 5.38 -12.79 -1.84
N GLY C 209 4.66 -12.78 -0.72
CA GLY C 209 3.28 -12.32 -0.76
C GLY C 209 3.16 -10.89 -1.28
N ALA C 210 3.99 -10.00 -0.77
CA ALA C 210 3.95 -8.62 -1.25
C ALA C 210 4.18 -8.56 -2.75
N GLY C 211 5.18 -9.29 -3.24
CA GLY C 211 5.40 -9.37 -4.66
C GLY C 211 4.17 -9.86 -5.38
N TYR C 212 3.73 -11.08 -5.02
CA TYR C 212 2.57 -11.68 -5.66
C TYR C 212 1.43 -10.69 -5.81
N VAL C 213 1.03 -10.04 -4.72
CA VAL C 213 -0.09 -9.11 -4.80
C VAL C 213 0.27 -7.90 -5.65
N PHE C 214 1.26 -7.12 -5.22
CA PHE C 214 1.41 -5.77 -5.75
C PHE C 214 2.02 -5.73 -7.14
N SER C 215 2.99 -6.59 -7.42
CA SER C 215 3.62 -6.58 -8.73
C SER C 215 2.60 -6.78 -9.84
N VAL C 216 1.65 -7.69 -9.62
CA VAL C 216 0.63 -7.92 -10.63
C VAL C 216 -0.52 -6.91 -10.49
N PHE C 217 -0.78 -6.42 -9.27
CA PHE C 217 -1.81 -5.42 -9.11
C PHE C 217 -1.51 -4.19 -9.95
N PHE C 218 -0.29 -3.68 -9.84
CA PHE C 218 0.07 -2.47 -10.58
C PHE C 218 0.02 -2.71 -12.08
N ALA C 219 0.54 -3.85 -12.54
CA ALA C 219 0.54 -4.13 -13.98
C ALA C 219 -0.88 -4.26 -14.53
N VAL C 220 -1.75 -4.97 -13.80
CA VAL C 220 -3.11 -5.17 -14.27
C VAL C 220 -3.86 -3.85 -14.29
N TYR C 221 -3.72 -3.06 -13.21
CA TYR C 221 -4.34 -1.74 -13.19
C TYR C 221 -3.83 -0.87 -14.32
N ALA C 222 -2.52 -0.96 -14.62
CA ALA C 222 -1.95 -0.17 -15.71
C ALA C 222 -2.59 -0.52 -17.04
N PHE C 223 -2.65 -1.82 -17.37
CA PHE C 223 -3.24 -2.16 -18.67
C PHE C 223 -4.73 -1.84 -18.69
N ALA C 224 -5.42 -1.99 -17.56
CA ALA C 224 -6.85 -1.69 -17.53
C ALA C 224 -7.11 -0.21 -17.78
N ILE C 225 -6.42 0.67 -17.05
CA ILE C 225 -6.63 2.11 -17.23
C ILE C 225 -6.15 2.55 -18.60
N ALA C 226 -5.11 1.91 -19.14
CA ALA C 226 -4.54 2.32 -20.42
C ALA C 226 -5.48 2.07 -21.58
N GLY C 227 -6.58 1.33 -21.38
CA GLY C 227 -7.47 1.00 -22.46
C GLY C 227 -7.05 -0.19 -23.30
N TYR C 228 -6.02 -0.91 -22.89
CA TYR C 228 -5.62 -2.12 -23.59
C TYR C 228 -6.70 -3.19 -23.45
N GLU C 229 -6.82 -4.03 -24.47
CA GLU C 229 -7.95 -4.94 -24.62
C GLU C 229 -7.56 -6.35 -24.16
N HIS C 230 -8.31 -6.87 -23.19
CA HIS C 230 -8.15 -8.26 -22.72
C HIS C 230 -9.25 -9.12 -23.35
N ILE C 231 -8.85 -10.26 -23.92
CA ILE C 231 -9.79 -11.06 -24.69
C ILE C 231 -10.89 -11.64 -23.78
N ILE C 232 -10.52 -12.14 -22.60
CA ILE C 232 -11.50 -12.77 -21.74
C ILE C 232 -12.35 -11.72 -21.02
N ALA C 233 -11.72 -10.65 -20.54
CA ALA C 233 -12.48 -9.55 -19.97
C ALA C 233 -13.38 -8.93 -21.03
N ASN C 234 -12.89 -8.82 -22.26
CA ASN C 234 -13.74 -8.33 -23.35
C ASN C 234 -14.90 -9.27 -23.59
N ILE C 235 -14.67 -10.58 -23.52
CA ILE C 235 -15.74 -11.54 -23.69
C ILE C 235 -16.83 -11.29 -22.66
N TYR C 236 -16.44 -11.20 -21.39
CA TYR C 236 -17.42 -11.00 -20.34
C TYR C 236 -18.17 -9.68 -20.54
N THR C 237 -17.43 -8.60 -20.80
CA THR C 237 -18.04 -7.29 -20.91
C THR C 237 -19.02 -7.23 -22.08
N LEU C 238 -18.61 -7.76 -23.23
CA LEU C 238 -19.47 -7.71 -24.41
C LEU C 238 -20.69 -8.60 -24.24
N ASN C 239 -20.52 -9.78 -23.64
CA ASN C 239 -21.67 -10.65 -23.45
C ASN C 239 -22.67 -10.05 -22.46
N ILE C 240 -22.17 -9.46 -21.37
CA ILE C 240 -23.10 -8.84 -20.42
C ILE C 240 -23.74 -7.60 -21.03
N ALA C 241 -23.01 -6.88 -21.90
CA ALA C 241 -23.60 -5.75 -22.60
C ALA C 241 -24.73 -6.19 -23.51
N LEU C 242 -24.54 -7.30 -24.24
CA LEU C 242 -25.62 -7.83 -25.06
C LEU C 242 -26.79 -8.25 -24.19
N MET C 243 -26.50 -8.88 -23.05
CA MET C 243 -27.58 -9.32 -22.17
C MET C 243 -28.39 -8.15 -21.66
N VAL C 244 -27.73 -7.04 -21.29
CA VAL C 244 -28.44 -5.90 -20.73
C VAL C 244 -28.99 -4.96 -21.79
N ASN C 245 -28.80 -5.29 -23.07
CA ASN C 245 -29.36 -4.50 -24.17
C ASN C 245 -28.76 -3.08 -24.22
N THR C 246 -27.43 -3.02 -24.36
CA THR C 246 -26.76 -1.78 -24.67
C THR C 246 -26.88 -1.51 -26.17
N LYS C 247 -26.10 -0.56 -26.68
CA LYS C 247 -26.18 -0.18 -28.09
C LYS C 247 -25.41 -1.11 -29.01
N ILE C 248 -24.53 -1.95 -28.48
CA ILE C 248 -23.65 -2.74 -29.32
C ILE C 248 -24.42 -3.90 -29.96
N THR C 249 -23.89 -4.40 -31.06
CA THR C 249 -24.41 -5.56 -31.75
C THR C 249 -23.52 -6.77 -31.51
N VAL C 250 -24.07 -7.95 -31.74
CA VAL C 250 -23.28 -9.17 -31.64
C VAL C 250 -22.16 -9.17 -32.67
N TYR C 251 -22.49 -8.79 -33.91
CA TYR C 251 -21.46 -8.68 -34.94
C TYR C 251 -20.35 -7.74 -34.50
N GLN C 252 -20.71 -6.59 -33.92
CA GLN C 252 -19.69 -5.69 -33.41
C GLN C 252 -18.93 -6.31 -32.25
N ALA C 253 -19.63 -7.05 -31.38
CA ALA C 253 -18.98 -7.63 -30.21
C ALA C 253 -17.90 -8.62 -30.62
N TYR C 254 -18.20 -9.47 -31.61
CA TYR C 254 -17.34 -10.59 -31.95
C TYR C 254 -16.39 -10.28 -33.09
N ILE C 255 -16.91 -9.93 -34.26
CA ILE C 255 -16.05 -9.70 -35.41
C ILE C 255 -15.23 -8.42 -35.21
N LYS C 256 -15.88 -7.34 -34.77
CA LYS C 256 -15.22 -6.05 -34.72
C LYS C 256 -14.19 -5.96 -33.59
N ASN C 257 -14.41 -6.64 -32.47
CA ASN C 257 -13.53 -6.52 -31.32
C ASN C 257 -12.85 -7.83 -30.94
N LEU C 258 -13.62 -8.91 -30.75
CA LEU C 258 -13.07 -10.09 -30.10
C LEU C 258 -11.98 -10.75 -30.94
N LEU C 259 -12.21 -10.93 -32.23
CA LEU C 259 -11.18 -11.54 -33.08
C LEU C 259 -9.92 -10.70 -33.12
N PRO C 260 -9.97 -9.39 -33.36
CA PRO C 260 -8.74 -8.59 -33.24
C PRO C 260 -8.09 -8.69 -31.87
N THR C 261 -8.89 -8.74 -30.80
CA THR C 261 -8.32 -8.82 -29.47
C THR C 261 -7.56 -10.12 -29.27
N LEU C 262 -8.14 -11.23 -29.70
CA LEU C 262 -7.45 -12.52 -29.59
C LEU C 262 -6.18 -12.52 -30.42
N LEU C 263 -6.24 -12.00 -31.64
CA LEU C 263 -5.06 -11.98 -32.48
C LEU C 263 -3.94 -11.16 -31.84
N GLY C 264 -4.29 -9.97 -31.34
CA GLY C 264 -3.27 -9.13 -30.71
C GLY C 264 -2.70 -9.76 -29.46
N ASN C 265 -3.55 -10.35 -28.62
CA ASN C 265 -3.06 -10.98 -27.40
C ASN C 265 -2.12 -12.13 -27.73
N TYR C 266 -2.48 -12.96 -28.72
CA TYR C 266 -1.60 -14.06 -29.09
C TYR C 266 -0.28 -13.55 -29.64
N ILE C 267 -0.33 -12.53 -30.49
CA ILE C 267 0.91 -11.98 -31.05
C ILE C 267 1.80 -11.46 -29.94
N ALA C 268 1.21 -10.75 -28.97
CA ALA C 268 2.00 -10.23 -27.85
C ALA C 268 2.61 -11.36 -27.03
N GLY C 269 1.84 -12.41 -26.76
CA GLY C 269 2.32 -13.49 -25.92
C GLY C 269 3.30 -14.42 -26.60
N ALA C 270 3.33 -14.45 -27.92
CA ALA C 270 4.09 -15.45 -28.65
C ALA C 270 5.25 -14.89 -29.47
N ILE C 271 5.14 -13.67 -29.98
CA ILE C 271 6.17 -13.13 -30.86
C ILE C 271 6.82 -11.89 -30.23
N VAL C 272 6.06 -11.15 -29.44
CA VAL C 272 6.60 -9.92 -28.86
C VAL C 272 7.53 -10.22 -27.69
N LEU C 273 7.12 -11.14 -26.82
CA LEU C 273 7.92 -11.53 -25.67
C LEU C 273 8.53 -12.91 -25.80
N GLY C 274 7.87 -13.83 -26.50
CA GLY C 274 8.37 -15.19 -26.58
C GLY C 274 9.69 -15.29 -27.33
N LEU C 275 9.70 -14.87 -28.60
CA LEU C 275 10.89 -15.06 -29.42
C LEU C 275 12.09 -14.33 -28.86
N PRO C 276 11.99 -13.05 -28.46
CA PRO C 276 13.19 -12.39 -27.91
C PRO C 276 13.72 -13.03 -26.64
N LEU C 277 12.84 -13.36 -25.69
CA LEU C 277 13.31 -13.99 -24.46
C LEU C 277 13.92 -15.36 -24.73
N TYR C 278 13.37 -16.09 -25.71
CA TYR C 278 13.98 -17.35 -26.12
C TYR C 278 15.38 -17.10 -26.67
N PHE C 279 15.50 -16.19 -27.63
CA PHE C 279 16.80 -15.88 -28.22
C PHE C 279 17.80 -15.42 -27.17
N ILE C 280 17.30 -14.86 -26.07
CA ILE C 280 18.18 -14.41 -24.99
C ILE C 280 18.63 -15.59 -24.12
N TYR C 281 17.68 -16.33 -23.57
CA TYR C 281 17.94 -17.28 -22.50
C TYR C 281 18.01 -18.73 -22.96
N LYS C 282 18.10 -18.98 -24.27
CA LYS C 282 18.13 -20.36 -24.74
C LYS C 282 19.34 -21.11 -24.20
N GLU C 283 20.51 -20.47 -24.20
CA GLU C 283 21.71 -21.15 -23.68
C GLU C 283 21.60 -21.39 -22.18
N HIS C 284 21.08 -20.41 -21.44
CA HIS C 284 20.92 -20.59 -20.01
C HIS C 284 20.00 -21.78 -19.71
N TYR C 285 18.89 -21.89 -20.43
CA TYR C 285 18.03 -23.05 -20.23
C TYR C 285 18.73 -24.33 -20.64
N TYR C 286 19.47 -24.30 -21.76
CA TYR C 286 20.23 -25.47 -22.17
C TYR C 286 21.12 -25.97 -21.04
N ASN C 287 21.83 -25.06 -20.38
CA ASN C 287 22.74 -25.49 -19.31
C ASN C 287 21.97 -25.95 -18.08
N PHE C 288 20.92 -25.23 -17.69
CA PHE C 288 20.11 -25.67 -16.56
C PHE C 288 19.62 -27.10 -16.78
N GLU C 289 19.21 -27.41 -18.02
CA GLU C 289 18.81 -28.77 -18.34
C GLU C 289 19.96 -29.75 -18.19
N ARG C 290 21.19 -29.25 -18.16
CA ARG C 290 22.37 -30.10 -17.99
C ARG C 290 22.64 -30.35 -16.51
N VAL D 9 7.12 -32.54 3.67
CA VAL D 9 6.04 -32.32 2.71
C VAL D 9 5.51 -30.89 2.86
N LEU D 10 4.52 -30.71 3.74
CA LEU D 10 3.94 -29.40 4.03
C LEU D 10 4.36 -29.03 5.46
N ASP D 11 5.48 -28.33 5.57
CA ASP D 11 6.00 -27.90 6.86
C ASP D 11 6.93 -26.72 6.67
N PRO D 12 6.41 -25.52 6.42
CA PRO D 12 7.29 -24.35 6.28
C PRO D 12 8.01 -24.02 7.58
N VAL D 13 9.18 -23.41 7.44
CA VAL D 13 9.96 -22.99 8.59
C VAL D 13 9.38 -21.68 9.12
N SER D 14 9.14 -21.63 10.42
CA SER D 14 8.66 -20.41 11.05
C SER D 14 9.80 -19.39 11.13
N ILE D 15 9.55 -18.18 10.65
CA ILE D 15 10.55 -17.14 10.59
C ILE D 15 9.96 -15.83 11.08
N LYS D 16 10.80 -14.99 11.68
CA LYS D 16 10.44 -13.63 12.04
C LYS D 16 11.49 -12.67 11.50
N SER D 17 11.02 -11.54 10.97
CA SER D 17 11.89 -10.49 10.46
C SER D 17 11.94 -9.28 11.40
N VAL D 18 11.31 -9.38 12.56
CA VAL D 18 11.17 -8.26 13.48
C VAL D 18 11.66 -8.68 14.86
N CYS D 19 12.49 -7.85 15.48
CA CYS D 19 12.94 -8.06 16.86
C CYS D 19 13.11 -6.67 17.48
N GLY D 20 12.11 -6.26 18.25
CA GLY D 20 12.06 -4.91 18.79
C GLY D 20 12.63 -4.80 20.20
N GLY D 21 12.54 -3.59 20.72
CA GLY D 21 12.97 -3.31 22.08
C GLY D 21 14.45 -3.49 22.32
N GLU D 22 14.80 -4.55 23.04
CA GLU D 22 16.18 -4.73 23.49
C GLU D 22 17.14 -4.83 22.31
N GLU D 23 16.80 -5.68 21.33
CA GLU D 23 17.68 -5.85 20.18
C GLU D 23 17.80 -4.55 19.39
N SER D 24 16.70 -3.82 19.25
CA SER D 24 16.76 -2.54 18.55
C SER D 24 17.71 -1.58 19.24
N TYR D 25 17.68 -1.53 20.57
CA TYR D 25 18.60 -0.67 21.30
C TYR D 25 20.04 -1.09 21.09
N ILE D 26 20.31 -2.40 21.13
CA ILE D 26 21.67 -2.87 20.94
C ILE D 26 22.17 -2.49 19.55
N ARG D 27 21.33 -2.70 18.54
CA ARG D 27 21.70 -2.37 17.17
C ARG D 27 21.91 -0.86 17.02
N CYS D 28 21.09 -0.05 17.69
CA CYS D 28 21.27 1.39 17.63
C CYS D 28 22.61 1.79 18.22
N VAL D 29 22.98 1.21 19.36
CA VAL D 29 24.27 1.55 19.97
C VAL D 29 25.41 1.13 19.05
N GLU D 30 25.31 -0.05 18.44
CA GLU D 30 26.36 -0.51 17.54
C GLU D 30 26.46 0.40 16.32
N TYR D 31 25.32 0.79 15.75
CA TYR D 31 25.31 1.69 14.60
C TYR D 31 25.93 3.04 14.97
N GLY D 32 25.65 3.54 16.17
CA GLY D 32 26.28 4.76 16.61
C GLY D 32 27.78 4.63 16.72
N LYS D 33 28.25 3.52 17.32
CA LYS D 33 29.68 3.34 17.46
C LYS D 33 30.37 3.21 16.11
N LYS D 34 29.71 2.58 15.13
CA LYS D 34 30.34 2.34 13.84
C LYS D 34 30.78 3.64 13.18
N LYS D 35 30.14 4.76 13.50
CA LYS D 35 30.48 6.04 12.88
C LYS D 35 31.79 6.60 13.43
N ALA D 36 32.11 6.35 14.69
CA ALA D 36 33.25 7.00 15.32
C ALA D 36 34.59 6.50 14.79
N HIS D 37 34.60 5.65 13.77
CA HIS D 37 35.83 5.11 13.21
C HIS D 37 36.09 5.51 11.77
N TYR D 38 35.07 5.99 11.05
CA TYR D 38 35.28 6.42 9.67
C TYR D 38 36.21 7.63 9.62
N SER D 39 36.96 7.73 8.53
CA SER D 39 37.85 8.86 8.37
C SER D 39 37.06 10.14 8.12
N ASN D 40 37.72 11.27 8.36
CA ASN D 40 37.07 12.56 8.19
C ASN D 40 36.50 12.72 6.79
N LEU D 41 37.31 12.40 5.77
CA LEU D 41 36.86 12.55 4.39
C LEU D 41 35.68 11.62 4.10
N ASN D 42 35.73 10.39 4.61
CA ASN D 42 34.65 9.45 4.38
C ASN D 42 33.35 9.96 4.98
N LEU D 43 33.41 10.44 6.23
CA LEU D 43 32.22 10.97 6.88
C LEU D 43 31.70 12.19 6.14
N LEU D 44 32.60 13.07 5.71
CA LEU D 44 32.16 14.25 4.98
C LEU D 44 31.46 13.86 3.69
N ALA D 45 32.02 12.90 2.96
CA ALA D 45 31.38 12.45 1.72
C ALA D 45 30.00 11.87 2.00
N LYS D 46 29.89 11.03 3.03
CA LYS D 46 28.59 10.45 3.37
C LYS D 46 27.57 11.53 3.72
N ALA D 47 27.98 12.50 4.53
CA ALA D 47 27.06 13.57 4.93
C ALA D 47 26.66 14.42 3.74
N ILE D 48 27.60 14.69 2.84
CA ILE D 48 27.29 15.45 1.63
C ILE D 48 26.28 14.70 0.77
N LEU D 49 26.48 13.39 0.60
CA LEU D 49 25.54 12.62 -0.19
C LEU D 49 24.15 12.61 0.44
N ALA D 50 24.10 12.49 1.77
CA ALA D 50 22.81 12.50 2.45
C ALA D 50 22.12 13.85 2.28
N GLY D 51 22.86 14.94 2.39
CA GLY D 51 22.28 16.25 2.16
C GLY D 51 21.77 16.40 0.74
N MET D 52 22.53 15.90 -0.23
CA MET D 52 22.11 15.94 -1.62
C MET D 52 20.79 15.19 -1.81
N PHE D 53 20.69 14.01 -1.21
CA PHE D 53 19.46 13.21 -1.33
C PHE D 53 18.28 13.93 -0.69
N VAL D 54 18.50 14.53 0.48
CA VAL D 54 17.44 15.27 1.14
C VAL D 54 16.98 16.43 0.26
N GLY D 55 17.93 17.13 -0.36
CA GLY D 55 17.58 18.21 -1.26
C GLY D 55 16.77 17.72 -2.45
N LEU D 56 17.16 16.59 -3.03
CA LEU D 56 16.42 16.04 -4.17
C LEU D 56 14.99 15.71 -3.78
N CYS D 57 14.81 15.04 -2.66
CA CYS D 57 13.47 14.62 -2.27
C CYS D 57 12.62 15.82 -1.86
N ALA D 58 13.25 16.82 -1.23
CA ALA D 58 12.52 18.05 -0.90
C ALA D 58 12.12 18.80 -2.15
N HIS D 59 12.97 18.83 -3.17
CA HIS D 59 12.62 19.47 -4.44
C HIS D 59 11.44 18.77 -5.07
N ALA D 60 11.46 17.44 -5.11
CA ALA D 60 10.34 16.70 -5.69
C ALA D 60 9.05 16.95 -4.91
N SER D 61 9.14 16.93 -3.58
CA SER D 61 7.97 17.19 -2.76
C SER D 61 7.43 18.59 -2.98
N GLY D 62 8.31 19.58 -3.09
CA GLY D 62 7.88 20.94 -3.34
C GLY D 62 7.21 21.09 -4.70
N ILE D 63 7.74 20.40 -5.71
CA ILE D 63 7.13 20.48 -7.03
C ILE D 63 5.74 19.85 -7.01
N ALA D 64 5.60 18.71 -6.33
CA ALA D 64 4.28 18.09 -6.24
C ALA D 64 3.29 18.98 -5.49
N GLY D 65 3.73 19.54 -4.37
CA GLY D 65 2.87 20.45 -3.63
C GLY D 65 2.49 21.68 -4.43
N GLY D 66 3.43 22.21 -5.21
CA GLY D 66 3.12 23.34 -6.08
C GLY D 66 2.12 22.96 -7.15
N LEU D 67 2.24 21.76 -7.70
CA LEU D 67 1.22 21.27 -8.63
C LEU D 67 -0.15 21.29 -7.97
N PHE D 68 -0.23 20.77 -6.76
CA PHE D 68 -1.50 20.74 -6.03
C PHE D 68 -1.78 22.02 -5.27
N TYR D 69 -1.08 23.11 -5.58
CA TYR D 69 -1.34 24.44 -5.02
C TYR D 69 -1.99 25.36 -6.04
N TYR D 70 -2.66 24.78 -7.03
CA TYR D 70 -3.31 25.58 -8.08
C TYR D 70 -4.28 26.57 -7.47
N HIS D 71 -4.29 27.79 -8.01
CA HIS D 71 -5.04 28.87 -7.36
C HIS D 71 -6.52 28.54 -7.26
N LYS D 72 -7.12 28.02 -8.33
CA LYS D 72 -8.53 27.63 -8.26
C LYS D 72 -8.75 26.51 -7.26
N LEU D 73 -7.87 25.50 -7.28
CA LEU D 73 -7.98 24.41 -6.31
C LEU D 73 -7.71 24.92 -4.90
N ARG D 74 -6.70 25.77 -4.75
CA ARG D 74 -6.36 26.31 -3.44
C ARG D 74 -7.52 27.12 -2.86
N GLU D 75 -8.26 27.83 -3.72
CA GLU D 75 -9.38 28.63 -3.24
C GLU D 75 -10.48 27.78 -2.63
N ILE D 76 -10.49 26.49 -2.89
CA ILE D 76 -11.50 25.58 -2.36
C ILE D 76 -10.95 24.75 -1.21
N VAL D 77 -9.79 24.11 -1.41
CA VAL D 77 -9.22 23.23 -0.41
C VAL D 77 -8.12 23.89 0.41
N GLY D 78 -7.81 25.15 0.14
CA GLY D 78 -6.72 25.79 0.85
C GLY D 78 -5.40 25.12 0.51
N ALA D 79 -4.63 24.75 1.53
CA ALA D 79 -3.32 24.16 1.36
C ALA D 79 -3.31 22.69 1.80
N SER D 80 -4.48 22.09 1.97
CA SER D 80 -4.54 20.71 2.44
C SER D 80 -3.99 19.74 1.40
N MET D 81 -4.43 19.86 0.15
CA MET D 81 -4.01 18.91 -0.88
C MET D 81 -2.51 18.99 -1.10
N SER D 82 -1.97 20.20 -1.19
CA SER D 82 -0.54 20.37 -1.44
C SER D 82 0.29 19.80 -0.30
N VAL D 83 -0.15 20.04 0.94
CA VAL D 83 0.59 19.52 2.09
C VAL D 83 0.55 18.00 2.11
N PHE D 84 -0.62 17.41 1.84
CA PHE D 84 -0.70 15.95 1.77
C PHE D 84 0.21 15.40 0.69
N VAL D 85 0.23 16.03 -0.48
CA VAL D 85 1.04 15.51 -1.57
C VAL D 85 2.53 15.64 -1.24
N TYR D 86 2.90 16.75 -0.61
CA TYR D 86 4.29 16.93 -0.19
C TYR D 86 4.69 15.85 0.81
N GLY D 87 3.82 15.57 1.77
CA GLY D 87 4.11 14.52 2.74
C GLY D 87 4.14 13.14 2.14
N PHE D 88 3.38 12.93 1.05
CA PHE D 88 3.43 11.66 0.37
C PHE D 88 4.72 11.49 -0.43
N THR D 89 5.18 12.57 -1.07
CA THR D 89 6.36 12.47 -1.92
C THR D 89 7.66 12.46 -1.12
N PHE D 90 7.74 13.21 -0.02
CA PHE D 90 9.02 13.36 0.68
C PHE D 90 9.59 12.06 1.22
N PRO D 91 8.83 11.17 1.86
CA PRO D 91 9.43 10.09 2.66
C PRO D 91 10.49 9.25 1.96
N ILE D 92 10.53 9.22 0.64
CA ILE D 92 11.57 8.52 -0.12
C ILE D 92 13.01 8.83 0.32
N ALA D 93 13.26 9.95 0.98
CA ALA D 93 14.62 10.34 1.38
C ALA D 93 15.25 9.34 2.28
N PHE D 94 14.46 8.78 3.20
CA PHE D 94 14.99 7.85 4.18
C PHE D 94 15.55 6.70 3.45
N MET D 95 14.85 6.30 2.42
CA MET D 95 15.30 5.20 1.59
C MET D 95 16.60 5.51 0.90
N CYS D 96 16.76 6.71 0.42
CA CYS D 96 18.02 7.09 -0.17
C CYS D 96 19.13 7.02 0.85
N ILE D 97 18.94 7.54 2.04
CA ILE D 97 20.02 7.60 3.02
C ILE D 97 20.43 6.22 3.46
N ILE D 98 19.46 5.36 3.73
CA ILE D 98 19.81 4.07 4.28
C ILE D 98 20.48 3.22 3.25
N CYS D 99 19.95 3.23 2.04
CA CYS D 99 20.55 2.30 1.07
C CYS D 99 21.92 2.77 0.59
N THR D 100 22.17 4.07 0.59
CA THR D 100 23.48 4.54 0.14
C THR D 100 24.53 4.42 1.22
N GLY D 101 24.13 4.14 2.47
CA GLY D 101 25.03 4.10 3.59
C GLY D 101 25.38 5.45 4.16
N SER D 102 24.73 6.52 3.69
CA SER D 102 25.01 7.86 4.16
C SER D 102 24.41 8.06 5.54
N ASP D 103 24.58 9.27 6.08
CA ASP D 103 24.09 9.59 7.40
C ASP D 103 23.51 11.00 7.40
N LEU D 104 22.55 11.22 8.31
CA LEU D 104 21.96 12.53 8.51
C LEU D 104 22.10 12.92 9.97
N PHE D 105 22.21 14.23 10.20
CA PHE D 105 22.46 14.73 11.54
C PHE D 105 21.34 14.33 12.50
N THR D 106 20.09 14.41 12.04
CA THR D 106 18.95 14.20 12.94
C THR D 106 18.95 12.80 13.54
N GLY D 107 19.20 11.78 12.72
CA GLY D 107 19.27 10.43 13.25
C GLY D 107 20.50 10.19 14.08
N ASN D 108 21.59 10.87 13.75
CA ASN D 108 22.79 10.80 14.58
C ASN D 108 22.51 11.33 15.97
N THR D 109 21.69 12.36 16.12
CA THR D 109 21.38 12.97 17.45
C THR D 109 20.83 11.94 18.39
N LEU D 110 20.34 10.81 17.89
CA LEU D 110 19.98 9.68 18.74
C LEU D 110 21.04 8.59 18.72
N ALA D 111 21.43 8.12 17.53
CA ALA D 111 22.33 6.97 17.46
C ALA D 111 23.67 7.25 18.14
N VAL D 112 24.33 8.34 17.75
CA VAL D 112 25.66 8.62 18.27
C VAL D 112 25.57 9.08 19.71
N THR D 113 24.53 9.82 20.06
CA THR D 113 24.35 10.22 21.45
C THR D 113 24.16 9.01 22.34
N MET D 114 23.46 7.98 21.85
CA MET D 114 23.33 6.73 22.57
C MET D 114 24.67 6.04 22.72
N ALA D 115 25.42 5.91 21.61
CA ALA D 115 26.73 5.29 21.68
C ALA D 115 27.67 6.06 22.61
N LEU D 116 27.40 7.34 22.84
CA LEU D 116 28.14 8.11 23.83
C LEU D 116 27.69 7.77 25.24
N TYR D 117 26.38 7.71 25.47
CA TYR D 117 25.87 7.37 26.80
C TYR D 117 26.43 6.06 27.29
N GLU D 118 26.42 5.03 26.42
CA GLU D 118 26.99 3.74 26.80
C GLU D 118 28.50 3.78 26.91
N LYS D 119 29.13 4.88 26.48
CA LYS D 119 30.58 5.05 26.51
C LYS D 119 31.28 4.24 25.43
N LYS D 120 30.57 3.89 24.36
CA LYS D 120 31.19 3.24 23.22
C LYS D 120 31.83 4.23 22.26
N VAL D 121 31.57 5.52 22.44
CA VAL D 121 32.22 6.59 21.68
C VAL D 121 32.76 7.58 22.69
N LYS D 122 33.82 8.30 22.30
CA LYS D 122 34.38 9.33 23.16
C LYS D 122 33.77 10.69 22.81
N LEU D 123 34.09 11.69 23.64
CA LEU D 123 33.45 12.99 23.47
C LEU D 123 34.01 13.74 22.27
N LEU D 124 35.33 13.74 22.12
CA LEU D 124 35.93 14.33 20.94
C LEU D 124 35.43 13.65 19.68
N ASP D 125 35.40 12.32 19.68
CA ASP D 125 34.89 11.60 18.53
C ASP D 125 33.44 11.97 18.24
N TYR D 126 32.61 12.02 19.30
CA TYR D 126 31.20 12.33 19.11
C TYR D 126 31.02 13.71 18.52
N LEU D 127 31.71 14.70 19.08
CA LEU D 127 31.58 16.07 18.58
C LEU D 127 32.07 16.18 17.15
N ARG D 128 33.21 15.54 16.84
CA ARG D 128 33.72 15.56 15.49
C ARG D 128 32.71 14.98 14.51
N VAL D 129 32.17 13.80 14.82
CA VAL D 129 31.24 13.15 13.92
C VAL D 129 29.99 14.01 13.75
N MET D 130 29.46 14.54 14.85
CA MET D 130 28.22 15.31 14.77
C MET D 130 28.43 16.56 13.92
N THR D 131 29.50 17.30 14.18
CA THR D 131 29.75 18.52 13.43
C THR D 131 30.01 18.23 11.97
N ILE D 132 30.74 17.14 11.67
CA ILE D 132 31.02 16.80 10.29
C ILE D 132 29.72 16.43 9.56
N SER D 133 28.86 15.66 10.23
CA SER D 133 27.59 15.30 9.61
C SER D 133 26.76 16.55 9.32
N LEU D 134 26.69 17.47 10.29
CA LEU D 134 25.93 18.69 10.08
C LEU D 134 26.49 19.50 8.91
N PHE D 135 27.82 19.69 8.89
CA PHE D 135 28.42 20.50 7.84
C PHE D 135 28.24 19.86 6.46
N GLY D 136 28.41 18.54 6.38
CA GLY D 136 28.24 17.87 5.11
C GLY D 136 26.81 17.92 4.61
N ASN D 137 25.86 17.74 5.51
CA ASN D 137 24.45 17.88 5.12
C ASN D 137 24.16 19.29 4.66
N TYR D 138 24.70 20.30 5.36
CA TYR D 138 24.56 21.68 4.93
C TYR D 138 25.05 21.86 3.51
N VAL D 139 26.28 21.42 3.24
CA VAL D 139 26.88 21.64 1.93
C VAL D 139 26.07 20.92 0.85
N GLY D 140 25.69 19.67 1.12
CA GLY D 140 24.92 18.93 0.13
C GLY D 140 23.58 19.57 -0.18
N ALA D 141 22.84 19.95 0.86
CA ALA D 141 21.53 20.55 0.67
C ALA D 141 21.64 21.87 -0.09
N VAL D 142 22.61 22.70 0.26
CA VAL D 142 22.74 23.99 -0.41
C VAL D 142 23.18 23.81 -1.86
N SER D 143 24.14 22.91 -2.09
CA SER D 143 24.58 22.67 -3.46
C SER D 143 23.46 22.10 -4.31
N PHE D 144 22.55 21.33 -3.72
CA PHE D 144 21.40 20.86 -4.50
C PHE D 144 20.39 21.98 -4.73
N ALA D 145 20.16 22.82 -3.72
CA ALA D 145 19.25 23.95 -3.90
C ALA D 145 19.75 24.90 -4.97
N PHE D 146 21.06 24.97 -5.20
CA PHE D 146 21.62 25.80 -6.26
C PHE D 146 21.69 25.09 -7.60
N PHE D 147 22.42 23.98 -7.68
CA PHE D 147 22.76 23.39 -8.96
C PHE D 147 21.58 22.69 -9.62
N VAL D 148 20.62 22.22 -8.84
CA VAL D 148 19.47 21.48 -9.35
C VAL D 148 18.20 22.33 -9.32
N SER D 149 17.89 22.92 -8.16
CA SER D 149 16.63 23.64 -8.03
C SER D 149 16.70 25.00 -8.72
N TYR D 150 17.60 25.87 -8.27
CA TYR D 150 17.66 27.22 -8.81
C TYR D 150 18.00 27.21 -10.29
N LEU D 151 18.99 26.41 -10.68
CA LEU D 151 19.43 26.41 -12.07
C LEU D 151 18.40 25.80 -13.01
N SER D 152 17.38 25.12 -12.47
CA SER D 152 16.34 24.54 -13.30
C SER D 152 15.18 25.51 -13.55
N GLY D 153 15.05 26.56 -12.74
CA GLY D 153 13.94 27.48 -12.87
C GLY D 153 12.61 26.94 -12.37
N ALA D 154 12.58 25.70 -11.87
CA ALA D 154 11.31 25.08 -11.50
C ALA D 154 10.57 25.88 -10.45
N PHE D 155 11.28 26.69 -9.67
CA PHE D 155 10.68 27.49 -8.60
C PHE D 155 10.81 28.99 -8.87
N THR D 156 11.00 29.37 -10.13
CA THR D 156 11.08 30.79 -10.46
C THR D 156 9.73 31.46 -10.27
N ASN D 157 9.77 32.77 -10.04
CA ASN D 157 8.56 33.57 -9.87
C ASN D 157 8.05 33.95 -11.25
N VAL D 158 7.05 33.21 -11.74
CA VAL D 158 6.42 33.51 -13.03
C VAL D 158 5.13 34.25 -12.69
N HIS D 159 5.22 35.58 -12.71
CA HIS D 159 4.20 36.44 -12.10
C HIS D 159 2.78 35.94 -12.30
N ALA D 160 2.43 35.58 -13.54
CA ALA D 160 1.06 35.17 -13.87
C ALA D 160 0.55 34.12 -12.89
N VAL D 161 -0.55 34.45 -12.21
CA VAL D 161 -1.01 33.65 -11.07
C VAL D 161 -1.40 32.24 -11.50
N GLU D 162 -1.83 32.06 -12.75
CA GLU D 162 -2.31 30.75 -13.16
C GLU D 162 -1.20 29.71 -13.10
N LYS D 163 0.01 30.09 -13.50
CA LYS D 163 1.16 29.20 -13.50
C LYS D 163 2.04 29.36 -12.26
N ASN D 164 1.85 30.42 -11.49
CA ASN D 164 2.74 30.75 -10.38
C ASN D 164 2.35 30.02 -9.10
N HIS D 165 2.21 28.69 -9.18
CA HIS D 165 1.80 27.92 -8.02
C HIS D 165 2.96 27.24 -7.32
N PHE D 166 3.99 26.81 -8.04
CA PHE D 166 5.18 26.28 -7.39
C PHE D 166 5.85 27.35 -6.54
N PHE D 167 6.05 28.53 -7.13
CA PHE D 167 6.64 29.64 -6.39
C PHE D 167 5.78 30.02 -5.19
N GLN D 168 4.46 30.10 -5.39
CA GLN D 168 3.60 30.52 -4.30
C GLN D 168 3.59 29.49 -3.16
N PHE D 169 3.57 28.20 -3.49
CA PHE D 169 3.63 27.17 -2.47
C PHE D 169 4.94 27.26 -1.69
N LEU D 170 6.06 27.39 -2.40
CA LEU D 170 7.35 27.50 -1.73
C LEU D 170 7.40 28.75 -0.85
N ASN D 171 6.89 29.87 -1.36
CA ASN D 171 6.89 31.13 -0.62
C ASN D 171 6.07 31.00 0.65
N ASP D 172 4.89 30.39 0.55
CA ASP D 172 4.02 30.26 1.72
C ASP D 172 4.63 29.30 2.75
N ILE D 173 5.25 28.22 2.29
CA ILE D 173 5.92 27.30 3.21
C ILE D 173 7.05 28.02 3.95
N ALA D 174 7.84 28.80 3.20
CA ALA D 174 8.92 29.55 3.83
C ALA D 174 8.38 30.55 4.84
N GLU D 175 7.31 31.27 4.48
CA GLU D 175 6.74 32.24 5.40
C GLU D 175 6.21 31.57 6.66
N LYS D 176 5.62 30.39 6.51
CA LYS D 176 5.17 29.62 7.68
C LYS D 176 6.36 29.27 8.57
N LYS D 177 7.43 28.75 7.97
CA LYS D 177 8.57 28.34 8.77
C LYS D 177 9.25 29.54 9.44
N VAL D 178 9.14 30.72 8.84
CA VAL D 178 9.92 31.87 9.32
C VAL D 178 9.21 32.70 10.38
N HIS D 179 7.89 32.57 10.51
CA HIS D 179 7.10 33.46 11.36
C HIS D 179 6.67 32.79 12.67
N HIS D 180 7.47 31.85 13.16
CA HIS D 180 7.27 31.32 14.51
C HIS D 180 8.07 32.15 15.50
N THR D 181 7.99 31.76 16.78
CA THR D 181 8.86 32.29 17.80
C THR D 181 9.83 31.18 18.24
N PHE D 182 10.77 31.55 19.12
CA PHE D 182 11.80 30.59 19.53
C PHE D 182 11.17 29.31 20.08
N VAL D 183 10.21 29.45 21.00
CA VAL D 183 9.67 28.27 21.69
C VAL D 183 8.90 27.39 20.71
N GLU D 184 8.07 27.99 19.86
CA GLU D 184 7.29 27.19 18.92
C GLU D 184 8.19 26.47 17.94
N CYS D 185 9.17 27.18 17.39
CA CYS D 185 10.10 26.55 16.46
C CYS D 185 10.82 25.38 17.14
N VAL D 186 11.26 25.58 18.39
CA VAL D 186 11.96 24.53 19.11
C VAL D 186 11.05 23.31 19.31
N SER D 187 9.80 23.55 19.71
CA SER D 187 8.88 22.43 19.94
C SER D 187 8.60 21.66 18.66
N LEU D 188 8.37 22.38 17.56
CA LEU D 188 8.09 21.70 16.29
C LEU D 188 9.31 20.91 15.82
N ALA D 189 10.50 21.40 16.15
CA ALA D 189 11.71 20.64 15.82
C ALA D 189 11.80 19.42 16.69
N VAL D 190 11.43 19.55 17.94
CA VAL D 190 11.45 18.42 18.83
C VAL D 190 10.52 17.34 18.26
N GLY D 191 9.35 17.71 17.78
CA GLY D 191 8.45 16.75 17.18
C GLY D 191 8.97 16.09 15.95
N CYS D 192 9.63 16.85 15.08
CA CYS D 192 10.11 16.30 13.84
C CYS D 192 11.11 15.25 14.10
N ASN D 193 12.05 15.52 14.99
CA ASN D 193 13.11 14.59 15.21
C ASN D 193 12.70 13.45 16.07
N ILE D 194 11.69 13.60 16.89
CA ILE D 194 11.25 12.44 17.61
C ILE D 194 10.79 11.51 16.49
N PHE D 195 10.08 12.05 15.50
CA PHE D 195 9.59 11.22 14.42
C PHE D 195 10.73 10.61 13.62
N VAL D 196 11.77 11.39 13.31
CA VAL D 196 12.88 10.86 12.54
C VAL D 196 13.61 9.77 13.30
N CYS D 197 13.86 9.98 14.59
CA CYS D 197 14.53 8.97 15.40
C CYS D 197 13.69 7.70 15.50
N LEU D 198 12.37 7.86 15.63
CA LEU D 198 11.50 6.69 15.63
C LEU D 198 11.54 5.97 14.30
N ALA D 199 11.66 6.70 13.19
CA ALA D 199 11.80 6.05 11.89
C ALA D 199 13.10 5.27 11.82
N VAL D 200 14.18 5.84 12.37
CA VAL D 200 15.46 5.11 12.40
C VAL D 200 15.32 3.84 13.23
N TYR D 201 14.63 3.93 14.36
CA TYR D 201 14.41 2.75 15.18
C TYR D 201 13.57 1.72 14.42
N PHE D 202 12.57 2.17 13.67
CA PHE D 202 11.78 1.26 12.85
C PHE D 202 12.68 0.53 11.85
N VAL D 203 13.55 1.28 11.18
CA VAL D 203 14.46 0.67 10.22
C VAL D 203 15.35 -0.36 10.90
N LEU D 204 15.80 -0.06 12.12
CA LEU D 204 16.75 -0.95 12.79
C LEU D 204 16.07 -2.19 13.32
N THR D 205 14.78 -2.09 13.68
CA THR D 205 14.08 -3.23 14.27
C THR D 205 13.47 -4.14 13.21
N LEU D 206 12.93 -3.54 12.15
CA LEU D 206 12.37 -4.32 11.04
C LEU D 206 13.45 -4.54 9.99
N LYS D 207 13.73 -5.81 9.70
CA LYS D 207 14.82 -6.19 8.79
C LYS D 207 14.27 -6.77 7.48
N ASP D 208 13.16 -6.20 7.01
CA ASP D 208 12.53 -6.65 5.79
C ASP D 208 12.13 -5.44 4.96
N GLY D 209 12.05 -5.62 3.65
CA GLY D 209 11.81 -4.51 2.76
C GLY D 209 10.48 -3.82 3.02
N ALA D 210 9.43 -4.61 3.27
CA ALA D 210 8.12 -4.01 3.50
C ALA D 210 8.14 -3.04 4.67
N GLY D 211 8.62 -3.50 5.83
CA GLY D 211 8.70 -2.61 6.97
C GLY D 211 9.65 -1.45 6.71
N TYR D 212 10.83 -1.75 6.18
CA TYR D 212 11.80 -0.73 5.80
C TYR D 212 11.11 0.43 5.10
N VAL D 213 10.41 0.14 4.01
CA VAL D 213 9.77 1.19 3.23
C VAL D 213 8.65 1.84 4.03
N PHE D 214 7.74 1.05 4.58
CA PHE D 214 6.45 1.58 5.01
C PHE D 214 6.47 2.22 6.39
N SER D 215 7.19 1.65 7.35
CA SER D 215 7.27 2.28 8.67
C SER D 215 7.90 3.67 8.57
N VAL D 216 9.02 3.77 7.86
CA VAL D 216 9.67 5.06 7.69
C VAL D 216 8.81 5.98 6.83
N PHE D 217 8.12 5.43 5.83
CA PHE D 217 7.21 6.24 5.03
C PHE D 217 6.18 6.91 5.92
N PHE D 218 5.50 6.13 6.76
CA PHE D 218 4.45 6.68 7.60
C PHE D 218 5.02 7.68 8.61
N ALA D 219 6.16 7.36 9.21
CA ALA D 219 6.75 8.27 10.19
C ALA D 219 7.11 9.61 9.54
N VAL D 220 7.78 9.56 8.38
CA VAL D 220 8.20 10.79 7.72
C VAL D 220 7.00 11.59 7.23
N TYR D 221 6.00 10.90 6.67
CA TYR D 221 4.81 11.61 6.21
C TYR D 221 4.09 12.26 7.39
N ALA D 222 4.01 11.58 8.52
CA ALA D 222 3.38 12.16 9.70
C ALA D 222 4.13 13.39 10.16
N PHE D 223 5.45 13.33 10.20
CA PHE D 223 6.22 14.49 10.61
C PHE D 223 6.04 15.65 9.64
N ALA D 224 6.01 15.35 8.33
CA ALA D 224 5.95 16.42 7.33
C ALA D 224 4.57 17.08 7.31
N ILE D 225 3.50 16.28 7.35
CA ILE D 225 2.16 16.85 7.35
C ILE D 225 1.89 17.61 8.64
N ALA D 226 2.45 17.13 9.76
CA ALA D 226 2.21 17.75 11.05
C ALA D 226 2.80 19.15 11.17
N GLY D 227 3.63 19.56 10.23
CA GLY D 227 4.28 20.84 10.32
C GLY D 227 5.53 20.86 11.17
N TYR D 228 5.97 19.70 11.66
CA TYR D 228 7.21 19.63 12.41
C TYR D 228 8.38 19.98 11.49
N GLU D 229 9.41 20.60 12.08
CA GLU D 229 10.48 21.22 11.31
C GLU D 229 11.74 20.36 11.36
N HIS D 230 12.26 20.05 10.18
CA HIS D 230 13.47 19.24 10.03
C HIS D 230 14.61 20.15 9.59
N ILE D 231 15.75 20.01 10.26
CA ILE D 231 16.84 20.97 10.06
C ILE D 231 17.37 20.90 8.63
N ILE D 232 17.55 19.69 8.09
CA ILE D 232 18.07 19.56 6.73
C ILE D 232 17.02 20.01 5.71
N ALA D 233 15.78 19.60 5.90
CA ALA D 233 14.71 20.09 5.03
C ALA D 233 14.55 21.59 5.18
N ASN D 234 14.72 22.09 6.40
CA ASN D 234 14.57 23.53 6.63
C ASN D 234 15.65 24.31 5.89
N ILE D 235 16.90 23.86 5.99
CA ILE D 235 17.97 24.54 5.27
C ILE D 235 17.67 24.52 3.77
N TYR D 236 17.33 23.35 3.23
CA TYR D 236 17.06 23.31 1.80
C TYR D 236 15.97 24.29 1.41
N THR D 237 14.84 24.26 2.13
CA THR D 237 13.70 25.08 1.78
C THR D 237 14.04 26.56 1.87
N LEU D 238 14.68 26.98 2.96
CA LEU D 238 14.95 28.39 3.15
C LEU D 238 16.03 28.89 2.19
N ASN D 239 17.03 28.06 1.89
CA ASN D 239 18.04 28.46 0.92
C ASN D 239 17.44 28.63 -0.47
N ILE D 240 16.58 27.68 -0.89
CA ILE D 240 15.97 27.81 -2.20
C ILE D 240 15.01 28.99 -2.22
N ALA D 241 14.34 29.27 -1.10
CA ALA D 241 13.48 30.45 -1.04
C ALA D 241 14.28 31.73 -1.18
N LEU D 242 15.44 31.80 -0.54
CA LEU D 242 16.32 32.95 -0.71
C LEU D 242 16.78 33.06 -2.16
N MET D 243 17.07 31.93 -2.79
CA MET D 243 17.57 31.94 -4.16
C MET D 243 16.53 32.50 -5.12
N VAL D 244 15.26 32.12 -4.94
CA VAL D 244 14.21 32.45 -5.91
C VAL D 244 13.52 33.74 -5.53
N ASN D 245 14.08 34.48 -4.57
CA ASN D 245 13.55 35.80 -4.19
C ASN D 245 12.11 35.70 -3.69
N THR D 246 11.94 34.99 -2.57
CA THR D 246 10.68 35.01 -1.84
C THR D 246 10.65 36.23 -0.94
N LYS D 247 9.68 36.29 -0.02
CA LYS D 247 9.55 37.41 0.90
C LYS D 247 10.44 37.27 2.14
N ILE D 248 10.97 36.08 2.42
CA ILE D 248 11.80 35.92 3.60
C ILE D 248 13.16 36.60 3.38
N THR D 249 13.85 36.85 4.49
CA THR D 249 15.14 37.52 4.48
C THR D 249 16.24 36.55 4.87
N VAL D 250 17.48 36.93 4.58
CA VAL D 250 18.62 36.06 4.89
C VAL D 250 18.70 35.85 6.40
N TYR D 251 18.56 36.91 7.18
CA TYR D 251 18.59 36.78 8.64
C TYR D 251 17.45 35.91 9.13
N GLN D 252 16.24 36.14 8.59
CA GLN D 252 15.07 35.44 9.09
C GLN D 252 15.19 33.93 8.93
N ALA D 253 15.98 33.47 7.95
CA ALA D 253 16.13 32.04 7.75
C ALA D 253 16.90 31.41 8.90
N TYR D 254 18.05 31.98 9.25
CA TYR D 254 18.98 31.34 10.16
C TYR D 254 18.68 31.64 11.62
N ILE D 255 18.45 32.91 11.95
CA ILE D 255 18.24 33.28 13.35
C ILE D 255 16.81 33.01 13.80
N LYS D 256 15.88 32.80 12.87
CA LYS D 256 14.48 32.58 13.21
C LYS D 256 14.07 31.11 13.14
N ASN D 257 14.62 30.35 12.20
CA ASN D 257 14.17 28.98 11.98
C ASN D 257 15.26 27.94 12.18
N LEU D 258 16.42 28.10 11.53
CA LEU D 258 17.40 27.02 11.55
C LEU D 258 18.08 26.88 12.90
N LEU D 259 18.43 27.98 13.56
CA LEU D 259 19.02 27.84 14.89
C LEU D 259 18.06 27.18 15.87
N PRO D 260 16.82 27.66 16.05
CA PRO D 260 15.89 26.94 16.92
C PRO D 260 15.61 25.53 16.44
N THR D 261 15.53 25.32 15.14
CA THR D 261 15.28 24.00 14.62
C THR D 261 16.37 23.05 15.01
N LEU D 262 17.61 23.42 14.76
CA LEU D 262 18.74 22.58 15.13
C LEU D 262 18.74 22.31 16.63
N LEU D 263 18.53 23.34 17.43
CA LEU D 263 18.48 23.15 18.88
C LEU D 263 17.43 22.10 19.24
N GLY D 264 16.20 22.27 18.75
CA GLY D 264 15.13 21.36 19.12
C GLY D 264 15.34 19.95 18.61
N ASN D 265 15.87 19.82 17.39
CA ASN D 265 16.17 18.48 16.88
C ASN D 265 17.20 17.79 17.75
N TYR D 266 18.21 18.54 18.20
CA TYR D 266 19.20 17.94 19.09
C TYR D 266 18.56 17.53 20.42
N ILE D 267 17.68 18.37 20.98
CA ILE D 267 17.02 17.99 22.23
C ILE D 267 16.23 16.71 22.02
N ALA D 268 15.49 16.63 20.91
CA ALA D 268 14.69 15.44 20.64
C ALA D 268 15.57 14.21 20.54
N GLY D 269 16.67 14.29 19.80
CA GLY D 269 17.52 13.14 19.61
C GLY D 269 18.21 12.69 20.88
N ALA D 270 18.64 13.64 21.71
CA ALA D 270 19.53 13.32 22.82
C ALA D 270 18.79 13.06 24.12
N ILE D 271 18.03 14.03 24.62
CA ILE D 271 17.42 13.95 25.94
C ILE D 271 16.01 13.38 25.89
N VAL D 272 15.20 13.82 24.92
CA VAL D 272 13.80 13.39 24.89
C VAL D 272 13.71 11.88 24.70
N LEU D 273 14.50 11.32 23.79
CA LEU D 273 14.49 9.89 23.52
C LEU D 273 15.71 9.19 24.11
N GLY D 274 16.90 9.76 23.95
CA GLY D 274 18.11 9.04 24.35
C GLY D 274 18.13 8.70 25.82
N LEU D 275 17.83 9.67 26.68
CA LEU D 275 17.94 9.43 28.12
C LEU D 275 16.99 8.35 28.60
N PRO D 276 15.68 8.39 28.30
CA PRO D 276 14.80 7.30 28.77
C PRO D 276 15.19 5.93 28.24
N LEU D 277 15.47 5.80 26.95
CA LEU D 277 15.87 4.50 26.42
C LEU D 277 17.16 4.01 27.04
N TYR D 278 18.11 4.91 27.28
CA TYR D 278 19.33 4.53 27.99
C TYR D 278 19.01 4.01 29.39
N PHE D 279 18.21 4.77 30.15
CA PHE D 279 17.89 4.33 31.50
C PHE D 279 17.10 3.03 31.48
N ILE D 280 16.47 2.71 30.35
CA ILE D 280 15.73 1.47 30.23
C ILE D 280 16.66 0.29 29.94
N TYR D 281 17.55 0.44 28.97
CA TYR D 281 18.30 -0.68 28.42
C TYR D 281 19.78 -0.69 28.82
N LYS D 282 20.18 0.14 29.78
CA LYS D 282 21.59 0.19 30.17
C LYS D 282 22.08 -1.15 30.68
N GLU D 283 21.38 -1.73 31.66
CA GLU D 283 21.84 -2.99 32.24
C GLU D 283 21.72 -4.13 31.25
N HIS D 284 20.76 -4.06 30.33
CA HIS D 284 20.65 -5.13 29.34
C HIS D 284 21.78 -5.07 28.34
N TYR D 285 22.22 -3.87 27.95
CA TYR D 285 23.42 -3.77 27.13
C TYR D 285 24.64 -4.27 27.90
N TYR D 286 24.74 -3.89 29.18
CA TYR D 286 25.81 -4.41 30.03
C TYR D 286 25.86 -5.92 29.95
N ASN D 287 24.69 -6.57 30.09
CA ASN D 287 24.61 -8.01 29.93
C ASN D 287 25.06 -8.44 28.54
N PHE D 288 24.59 -7.76 27.49
CA PHE D 288 24.85 -8.19 26.12
C PHE D 288 26.34 -8.17 25.80
N GLU D 289 27.11 -7.31 26.46
CA GLU D 289 28.54 -7.21 26.17
C GLU D 289 29.39 -8.03 27.13
N ARG D 290 28.89 -9.19 27.54
CA ARG D 290 29.61 -10.06 28.46
C ARG D 290 29.02 -11.46 28.42
N VAL E 9 19.28 -27.85 -9.86
CA VAL E 9 17.86 -27.56 -9.74
C VAL E 9 17.65 -26.48 -8.68
N LEU E 10 16.56 -25.74 -8.83
CA LEU E 10 16.23 -24.65 -7.91
C LEU E 10 15.32 -25.19 -6.81
N ASP E 11 15.70 -24.97 -5.57
CA ASP E 11 14.95 -25.44 -4.40
C ASP E 11 14.77 -24.30 -3.41
N PRO E 12 13.93 -23.32 -3.74
CA PRO E 12 13.62 -22.28 -2.76
C PRO E 12 12.99 -22.89 -1.51
N VAL E 13 13.30 -22.32 -0.36
CA VAL E 13 12.89 -22.87 0.91
C VAL E 13 11.53 -22.29 1.28
N SER E 14 10.57 -23.17 1.54
CA SER E 14 9.23 -22.74 1.93
C SER E 14 9.26 -22.24 3.37
N ILE E 15 8.87 -20.98 3.56
CA ILE E 15 8.94 -20.32 4.86
C ILE E 15 7.58 -19.73 5.18
N LYS E 16 7.17 -19.87 6.45
CA LYS E 16 5.96 -19.24 6.96
C LYS E 16 6.36 -18.09 7.87
N SER E 17 5.85 -16.90 7.59
CA SER E 17 6.09 -15.73 8.42
C SER E 17 4.96 -15.44 9.37
N VAL E 18 3.93 -16.29 9.41
CA VAL E 18 2.75 -16.06 10.22
C VAL E 18 2.46 -17.31 11.04
N CYS E 19 1.67 -17.12 12.10
CA CYS E 19 1.17 -18.22 12.89
C CYS E 19 -0.31 -17.99 13.16
N GLY E 20 -0.91 -18.81 14.01
CA GLY E 20 -2.31 -18.61 14.35
C GLY E 20 -2.75 -19.59 15.41
N GLY E 21 -3.97 -19.42 15.85
CA GLY E 21 -4.54 -20.33 16.83
C GLY E 21 -3.82 -20.22 18.16
N GLU E 22 -3.38 -21.37 18.67
CA GLU E 22 -2.83 -21.40 20.02
C GLU E 22 -1.51 -20.65 20.10
N GLU E 23 -0.74 -20.59 19.01
CA GLU E 23 0.55 -19.90 19.05
C GLU E 23 0.38 -18.45 19.47
N SER E 24 -0.57 -17.74 18.86
CA SER E 24 -0.76 -16.34 19.16
C SER E 24 -1.21 -16.14 20.61
N TYR E 25 -2.10 -17.01 21.10
CA TYR E 25 -2.55 -16.90 22.49
C TYR E 25 -1.39 -17.11 23.45
N ILE E 26 -0.57 -18.12 23.20
CA ILE E 26 0.56 -18.39 24.09
C ILE E 26 1.54 -17.22 24.06
N ARG E 27 1.79 -16.66 22.88
CA ARG E 27 2.67 -15.50 22.80
C ARG E 27 2.09 -14.32 23.55
N CYS E 28 0.78 -14.11 23.46
CA CYS E 28 0.14 -13.03 24.20
C CYS E 28 0.29 -13.23 25.70
N VAL E 29 0.08 -14.46 26.18
CA VAL E 29 0.23 -14.73 27.60
C VAL E 29 1.66 -14.49 28.06
N GLU E 30 2.62 -14.92 27.25
CA GLU E 30 4.02 -14.72 27.60
C GLU E 30 4.36 -13.23 27.65
N TYR E 31 3.91 -12.48 26.66
CA TYR E 31 4.13 -11.03 26.66
C TYR E 31 3.51 -10.37 27.88
N GLY E 32 2.32 -10.82 28.27
CA GLY E 32 1.69 -10.27 29.45
C GLY E 32 2.50 -10.55 30.71
N LYS E 33 2.85 -11.81 30.95
CA LYS E 33 3.57 -12.15 32.17
C LYS E 33 5.00 -11.61 32.18
N LYS E 34 5.52 -11.21 31.01
CA LYS E 34 6.85 -10.59 30.99
C LYS E 34 6.85 -9.26 31.74
N LYS E 35 5.79 -8.47 31.60
CA LYS E 35 5.80 -7.10 32.10
C LYS E 35 5.84 -7.02 33.62
N ALA E 36 5.26 -7.99 34.32
CA ALA E 36 5.23 -7.93 35.78
C ALA E 36 6.60 -8.18 36.41
N HIS E 37 7.59 -8.59 35.62
CA HIS E 37 8.93 -8.82 36.13
C HIS E 37 9.81 -7.59 36.08
N TYR E 38 9.36 -6.52 35.44
CA TYR E 38 10.10 -5.27 35.40
C TYR E 38 10.02 -4.55 36.74
N SER E 39 10.97 -3.64 36.96
CA SER E 39 10.93 -2.81 38.15
C SER E 39 9.99 -1.63 37.95
N ASN E 40 9.59 -1.03 39.07
CA ASN E 40 8.61 0.05 39.03
C ASN E 40 9.08 1.19 38.13
N LEU E 41 10.37 1.54 38.19
CA LEU E 41 10.85 2.68 37.44
C LEU E 41 10.96 2.37 35.95
N ASN E 42 11.36 1.14 35.60
CA ASN E 42 11.38 0.76 34.19
C ASN E 42 9.98 0.81 33.60
N LEU E 43 8.99 0.30 34.33
CA LEU E 43 7.61 0.36 33.86
C LEU E 43 7.15 1.80 33.72
N LEU E 44 7.44 2.63 34.71
CA LEU E 44 7.08 4.04 34.63
C LEU E 44 7.67 4.67 33.39
N ALA E 45 8.96 4.44 33.14
CA ALA E 45 9.61 5.04 31.98
C ALA E 45 8.96 4.59 30.69
N LYS E 46 8.70 3.28 30.57
CA LYS E 46 8.07 2.77 29.35
C LYS E 46 6.69 3.40 29.15
N ALA E 47 5.91 3.50 30.22
CA ALA E 47 4.57 4.08 30.12
C ALA E 47 4.64 5.54 29.73
N ILE E 48 5.59 6.29 30.29
CA ILE E 48 5.77 7.69 29.93
C ILE E 48 6.10 7.80 28.45
N LEU E 49 7.03 6.99 27.97
CA LEU E 49 7.41 7.06 26.56
C LEU E 49 6.23 6.73 25.66
N ALA E 50 5.44 5.74 26.06
CA ALA E 50 4.28 5.38 25.25
C ALA E 50 3.26 6.50 25.20
N GLY E 51 2.97 7.11 26.34
CA GLY E 51 2.07 8.26 26.35
C GLY E 51 2.58 9.39 25.49
N MET E 52 3.88 9.65 25.53
CA MET E 52 4.46 10.72 24.72
C MET E 52 4.34 10.41 23.23
N PHE E 53 4.58 9.15 22.84
CA PHE E 53 4.42 8.77 21.45
C PHE E 53 2.97 8.93 21.00
N VAL E 54 2.03 8.54 21.85
CA VAL E 54 0.61 8.71 21.52
C VAL E 54 0.29 10.18 21.33
N GLY E 55 0.79 11.03 22.22
CA GLY E 55 0.56 12.46 22.08
C GLY E 55 1.14 13.01 20.80
N LEU E 56 2.33 12.55 20.41
CA LEU E 56 2.94 13.02 19.17
C LEU E 56 2.08 12.63 17.97
N CYS E 57 1.68 11.37 17.89
CA CYS E 57 0.87 10.93 16.76
C CYS E 57 -0.46 11.66 16.74
N ALA E 58 -1.05 11.88 17.91
CA ALA E 58 -2.32 12.60 17.98
C ALA E 58 -2.17 14.04 17.51
N HIS E 59 -1.07 14.70 17.88
CA HIS E 59 -0.84 16.05 17.40
C HIS E 59 -0.70 16.08 15.88
N ALA E 60 0.05 15.12 15.32
CA ALA E 60 0.21 15.07 13.88
C ALA E 60 -1.13 14.87 13.19
N SER E 61 -1.93 13.95 13.71
CA SER E 61 -3.24 13.68 13.12
C SER E 61 -4.16 14.89 13.24
N GLY E 62 -4.09 15.61 14.37
CA GLY E 62 -4.89 16.80 14.53
C GLY E 62 -4.50 17.89 13.55
N ILE E 63 -3.20 18.07 13.32
CA ILE E 63 -2.77 19.03 12.31
C ILE E 63 -3.30 18.64 10.95
N ALA E 64 -3.18 17.36 10.58
CA ALA E 64 -3.67 16.93 9.28
C ALA E 64 -5.18 17.15 9.15
N GLY E 65 -5.94 16.77 10.18
CA GLY E 65 -7.38 16.94 10.13
C GLY E 65 -7.80 18.39 10.03
N GLY E 66 -7.18 19.27 10.82
CA GLY E 66 -7.43 20.69 10.69
C GLY E 66 -7.06 21.20 9.32
N LEU E 67 -6.00 20.66 8.72
CA LEU E 67 -5.67 21.02 7.35
C LEU E 67 -6.82 20.68 6.42
N PHE E 68 -7.42 19.50 6.59
CA PHE E 68 -8.58 19.10 5.80
C PHE E 68 -9.90 19.51 6.43
N TYR E 69 -9.87 20.24 7.55
CA TYR E 69 -11.07 20.88 8.10
C TYR E 69 -11.21 22.32 7.63
N TYR E 70 -10.71 22.63 6.43
CA TYR E 70 -10.63 24.01 5.97
C TYR E 70 -12.02 24.60 5.81
N HIS E 71 -12.10 25.93 5.99
CA HIS E 71 -13.37 26.66 5.89
C HIS E 71 -14.21 26.24 4.70
N LYS E 72 -13.67 26.44 3.49
CA LYS E 72 -14.48 26.27 2.28
C LYS E 72 -14.70 24.80 1.96
N LEU E 73 -13.69 23.96 2.14
CA LEU E 73 -13.85 22.53 1.88
C LEU E 73 -14.88 21.93 2.83
N ARG E 74 -14.86 22.34 4.10
CA ARG E 74 -15.77 21.79 5.10
C ARG E 74 -17.22 21.98 4.69
N GLU E 75 -17.53 23.06 3.96
CA GLU E 75 -18.91 23.28 3.53
C GLU E 75 -19.35 22.28 2.47
N ILE E 76 -18.43 21.55 1.86
CA ILE E 76 -18.75 20.55 0.85
C ILE E 76 -18.63 19.14 1.40
N VAL E 77 -17.52 18.84 2.10
CA VAL E 77 -17.29 17.51 2.61
C VAL E 77 -17.86 17.30 4.01
N GLY E 78 -18.22 18.38 4.70
CA GLY E 78 -18.87 18.25 6.00
C GLY E 78 -18.05 17.48 7.03
N ALA E 79 -16.75 17.74 7.10
CA ALA E 79 -15.89 17.15 8.12
C ALA E 79 -15.61 15.67 7.87
N SER E 80 -15.71 15.23 6.61
CA SER E 80 -15.45 13.83 6.27
C SER E 80 -13.98 13.60 5.94
N MET E 81 -13.40 14.46 5.10
CA MET E 81 -12.01 14.28 4.72
C MET E 81 -11.08 14.44 5.91
N SER E 82 -11.41 15.37 6.83
CA SER E 82 -10.55 15.59 7.98
C SER E 82 -10.45 14.34 8.84
N VAL E 83 -11.57 13.66 9.08
CA VAL E 83 -11.55 12.47 9.93
C VAL E 83 -10.81 11.33 9.22
N PHE E 84 -11.04 11.18 7.91
CA PHE E 84 -10.30 10.18 7.16
C PHE E 84 -8.80 10.40 7.25
N VAL E 85 -8.36 11.65 7.10
CA VAL E 85 -6.94 11.95 7.16
C VAL E 85 -6.39 11.76 8.57
N TYR E 86 -7.16 12.14 9.59
CA TYR E 86 -6.71 11.95 10.96
C TYR E 86 -6.51 10.46 11.25
N GLY E 87 -7.45 9.63 10.80
CA GLY E 87 -7.31 8.19 10.98
C GLY E 87 -6.24 7.57 10.09
N PHE E 88 -5.92 8.21 8.98
CA PHE E 88 -4.81 7.73 8.15
C PHE E 88 -3.47 8.07 8.78
N THR E 89 -3.37 9.21 9.46
CA THR E 89 -2.12 9.63 10.08
C THR E 89 -1.86 8.98 11.43
N PHE E 90 -2.91 8.74 12.22
CA PHE E 90 -2.70 8.24 13.57
C PHE E 90 -1.97 6.90 13.65
N PRO E 91 -2.27 5.89 12.82
CA PRO E 91 -1.83 4.51 13.14
C PRO E 91 -0.34 4.34 13.47
N ILE E 92 0.54 5.19 12.93
CA ILE E 92 1.96 5.06 13.19
C ILE E 92 2.28 4.98 14.68
N ALA E 93 1.35 5.42 15.53
CA ALA E 93 1.56 5.32 16.98
C ALA E 93 1.87 3.90 17.39
N PHE E 94 1.23 2.91 16.75
CA PHE E 94 1.48 1.52 17.12
C PHE E 94 2.94 1.16 16.88
N MET E 95 3.48 1.54 15.71
CA MET E 95 4.89 1.30 15.44
C MET E 95 5.77 1.99 16.46
N CYS E 96 5.47 3.25 16.78
CA CYS E 96 6.27 3.96 17.77
C CYS E 96 6.27 3.22 19.11
N ILE E 97 5.10 2.74 19.54
CA ILE E 97 5.01 2.08 20.84
C ILE E 97 5.76 0.76 20.82
N ILE E 98 5.55 -0.05 19.79
CA ILE E 98 6.03 -1.43 19.83
C ILE E 98 7.53 -1.47 19.56
N CYS E 99 8.00 -0.72 18.56
CA CYS E 99 9.40 -0.81 18.18
C CYS E 99 10.32 -0.35 19.30
N THR E 100 9.91 0.67 20.04
CA THR E 100 10.68 1.13 21.20
C THR E 100 10.56 0.19 22.39
N GLY E 101 9.68 -0.80 22.33
CA GLY E 101 9.49 -1.72 23.44
C GLY E 101 8.59 -1.20 24.54
N SER E 102 8.03 -0.01 24.40
CA SER E 102 7.13 0.53 25.40
C SER E 102 5.76 -0.13 25.28
N ASP E 103 4.95 0.03 26.33
CA ASP E 103 3.62 -0.53 26.40
C ASP E 103 2.59 0.57 26.61
N LEU E 104 1.36 0.29 26.18
CA LEU E 104 0.23 1.17 26.42
C LEU E 104 -0.83 0.43 27.23
N PHE E 105 -1.53 1.19 28.08
CA PHE E 105 -2.47 0.56 29.00
C PHE E 105 -3.55 -0.23 28.26
N THR E 106 -4.01 0.31 27.14
CA THR E 106 -5.06 -0.31 26.38
C THR E 106 -4.66 -1.70 25.95
N GLY E 107 -3.46 -1.88 25.43
CA GLY E 107 -3.00 -3.22 25.09
C GLY E 107 -2.85 -4.10 26.29
N ASN E 108 -2.38 -3.55 27.40
CA ASN E 108 -2.15 -4.32 28.62
C ASN E 108 -3.45 -4.91 29.14
N THR E 109 -4.53 -4.16 29.02
CA THR E 109 -5.83 -4.60 29.50
C THR E 109 -6.17 -5.93 28.89
N LEU E 110 -5.54 -6.35 27.78
CA LEU E 110 -5.66 -7.71 27.26
C LEU E 110 -4.48 -8.58 27.68
N ALA E 111 -3.25 -8.11 27.45
CA ALA E 111 -2.09 -8.98 27.65
C ALA E 111 -1.95 -9.41 29.11
N VAL E 112 -1.95 -8.44 30.03
CA VAL E 112 -1.73 -8.77 31.43
C VAL E 112 -2.96 -9.48 32.00
N THR E 113 -4.15 -9.19 31.50
CA THR E 113 -5.33 -9.89 31.97
C THR E 113 -5.25 -11.33 31.55
N MET E 114 -4.79 -11.60 30.32
CA MET E 114 -4.59 -12.98 29.90
C MET E 114 -3.57 -13.68 30.78
N ALA E 115 -2.45 -13.01 31.05
CA ALA E 115 -1.43 -13.61 31.91
C ALA E 115 -1.98 -13.91 33.30
N LEU E 116 -2.86 -13.04 33.80
CA LEU E 116 -3.43 -13.24 35.14
C LEU E 116 -4.45 -14.36 35.14
N TYR E 117 -5.24 -14.46 34.07
CA TYR E 117 -6.27 -15.50 34.00
C TYR E 117 -5.64 -16.89 34.07
N GLU E 118 -4.50 -17.05 33.35
CA GLU E 118 -3.75 -18.27 33.39
C GLU E 118 -3.05 -18.43 34.72
N LYS E 119 -3.09 -17.46 35.61
CA LYS E 119 -2.48 -17.51 36.93
C LYS E 119 -0.96 -17.46 36.85
N LYS E 120 -0.43 -16.69 35.90
CA LYS E 120 1.01 -16.46 35.84
C LYS E 120 1.41 -15.30 36.74
N VAL E 121 0.84 -14.12 36.49
CA VAL E 121 1.01 -12.97 37.36
C VAL E 121 0.04 -13.10 38.51
N LYS E 122 0.21 -12.27 39.55
CA LYS E 122 -0.66 -12.26 40.71
C LYS E 122 -1.49 -10.99 40.75
N LEU E 123 -2.46 -10.96 41.67
CA LEU E 123 -3.42 -9.86 41.68
C LEU E 123 -2.74 -8.55 42.06
N LEU E 124 -1.91 -8.56 43.10
CA LEU E 124 -1.18 -7.35 43.47
C LEU E 124 -0.25 -6.92 42.34
N ASP E 125 0.42 -7.88 41.70
CA ASP E 125 1.26 -7.55 40.56
C ASP E 125 0.45 -6.94 39.43
N TYR E 126 -0.72 -7.51 39.16
CA TYR E 126 -1.58 -6.97 38.11
C TYR E 126 -2.00 -5.54 38.43
N LEU E 127 -2.38 -5.29 39.69
CA LEU E 127 -2.72 -3.94 40.12
C LEU E 127 -1.55 -3.00 39.90
N ARG E 128 -0.36 -3.39 40.35
CA ARG E 128 0.83 -2.56 40.16
C ARG E 128 1.01 -2.21 38.69
N VAL E 129 1.02 -3.22 37.83
CA VAL E 129 1.31 -2.99 36.42
C VAL E 129 0.26 -2.07 35.82
N MET E 130 -1.02 -2.33 36.09
CA MET E 130 -2.07 -1.52 35.49
C MET E 130 -1.99 -0.07 35.97
N THR E 131 -1.83 0.13 37.28
CA THR E 131 -1.79 1.49 37.81
C THR E 131 -0.59 2.26 37.27
N ILE E 132 0.58 1.62 37.27
CA ILE E 132 1.78 2.30 36.80
C ILE E 132 1.65 2.64 35.31
N SER E 133 1.15 1.69 34.52
CA SER E 133 1.02 1.95 33.08
C SER E 133 0.05 3.10 32.83
N LEU E 134 -1.10 3.08 33.52
CA LEU E 134 -2.08 4.16 33.33
C LEU E 134 -1.49 5.51 33.71
N PHE E 135 -0.85 5.58 34.88
CA PHE E 135 -0.30 6.85 35.33
C PHE E 135 0.78 7.34 34.38
N GLY E 136 1.67 6.45 33.96
CA GLY E 136 2.74 6.86 33.07
C GLY E 136 2.22 7.35 31.73
N ASN E 137 1.27 6.62 31.16
CA ASN E 137 0.68 7.06 29.89
C ASN E 137 0.00 8.41 30.06
N TYR E 138 -0.74 8.60 31.15
CA TYR E 138 -1.45 9.87 31.35
C TYR E 138 -0.47 11.03 31.43
N VAL E 139 0.53 10.94 32.30
CA VAL E 139 1.43 12.06 32.48
C VAL E 139 2.27 12.27 31.22
N GLY E 140 2.67 11.19 30.54
CA GLY E 140 3.37 11.36 29.27
C GLY E 140 2.54 12.12 28.26
N ALA E 141 1.26 11.74 28.12
CA ALA E 141 0.40 12.39 27.15
C ALA E 141 0.20 13.86 27.48
N VAL E 142 -0.07 14.19 28.75
CA VAL E 142 -0.32 15.58 29.11
C VAL E 142 0.97 16.39 28.98
N SER E 143 2.11 15.80 29.34
CA SER E 143 3.38 16.51 29.20
C SER E 143 3.67 16.82 27.74
N PHE E 144 3.46 15.85 26.85
CA PHE E 144 3.64 16.15 25.43
C PHE E 144 2.67 17.23 24.98
N ALA E 145 1.38 17.06 25.31
CA ALA E 145 0.39 18.06 24.97
C ALA E 145 0.94 19.45 25.27
N PHE E 146 1.21 19.71 26.54
CA PHE E 146 1.70 21.03 26.91
C PHE E 146 2.96 21.36 26.12
N PHE E 147 4.07 20.67 26.42
CA PHE E 147 5.37 21.16 26.02
C PHE E 147 5.48 21.31 24.50
N VAL E 148 4.92 20.38 23.74
CA VAL E 148 5.04 20.44 22.29
C VAL E 148 3.87 21.23 21.71
N SER E 149 2.65 20.70 21.88
CA SER E 149 1.52 21.23 21.13
C SER E 149 1.10 22.60 21.63
N TYR E 150 0.99 22.77 22.95
CA TYR E 150 0.47 24.04 23.45
C TYR E 150 1.47 25.16 23.21
N LEU E 151 2.76 24.90 23.42
CA LEU E 151 3.77 25.91 23.22
C LEU E 151 4.09 26.15 21.74
N SER E 152 3.78 25.19 20.87
CA SER E 152 3.92 25.41 19.44
C SER E 152 2.85 26.32 18.87
N GLY E 153 1.77 26.55 19.60
CA GLY E 153 0.70 27.41 19.10
C GLY E 153 -0.01 26.86 17.88
N ALA E 154 0.14 25.58 17.60
CA ALA E 154 -0.51 25.00 16.42
C ALA E 154 -2.02 24.95 16.57
N PHE E 155 -2.51 24.83 17.81
CA PHE E 155 -3.94 24.69 18.09
C PHE E 155 -4.50 25.91 18.80
N THR E 156 -3.97 27.09 18.54
CA THR E 156 -4.46 28.30 19.18
C THR E 156 -5.64 28.88 18.42
N ASN E 157 -6.56 29.50 19.16
CA ASN E 157 -7.71 30.16 18.57
C ASN E 157 -7.26 31.44 17.86
N VAL E 158 -7.27 31.42 16.53
CA VAL E 158 -6.82 32.58 15.77
C VAL E 158 -7.92 33.64 15.64
N HIS E 159 -9.19 33.27 15.81
CA HIS E 159 -10.31 34.19 15.72
C HIS E 159 -10.54 34.67 14.28
N ALA E 160 -10.34 33.77 13.31
CA ALA E 160 -10.54 34.12 11.90
C ALA E 160 -10.81 32.82 11.16
N VAL E 161 -12.03 32.67 10.65
CA VAL E 161 -12.48 31.39 10.08
C VAL E 161 -11.51 30.90 9.02
N GLU E 162 -10.85 31.81 8.31
CA GLU E 162 -9.98 31.41 7.21
C GLU E 162 -8.76 30.65 7.73
N LYS E 163 -8.26 31.04 8.90
CA LYS E 163 -7.03 30.45 9.45
C LYS E 163 -7.29 29.57 10.67
N ASN E 164 -8.49 29.59 11.23
CA ASN E 164 -8.77 28.91 12.49
C ASN E 164 -9.23 27.48 12.30
N HIS E 165 -8.86 26.83 11.20
CA HIS E 165 -9.39 25.50 10.92
C HIS E 165 -8.86 24.45 11.90
N PHE E 166 -7.61 24.60 12.36
CA PHE E 166 -7.07 23.66 13.33
C PHE E 166 -7.80 23.77 14.66
N PHE E 167 -7.96 24.99 15.16
CA PHE E 167 -8.64 25.19 16.43
C PHE E 167 -10.09 24.72 16.34
N GLN E 168 -10.76 25.02 15.23
CA GLN E 168 -12.14 24.57 15.06
C GLN E 168 -12.22 23.05 15.01
N PHE E 169 -11.27 22.41 14.32
CA PHE E 169 -11.24 20.95 14.29
C PHE E 169 -11.12 20.39 15.70
N LEU E 170 -10.15 20.91 16.47
CA LEU E 170 -9.97 20.42 17.83
C LEU E 170 -11.22 20.66 18.67
N ASN E 171 -11.83 21.84 18.55
CA ASN E 171 -13.03 22.15 19.31
C ASN E 171 -14.16 21.20 18.96
N ASP E 172 -14.30 20.90 17.69
CA ASP E 172 -15.39 20.06 17.28
C ASP E 172 -15.18 18.62 17.71
N ILE E 173 -13.95 18.08 17.64
CA ILE E 173 -13.68 16.73 18.15
C ILE E 173 -13.91 16.69 19.66
N ALA E 174 -13.48 17.73 20.38
CA ALA E 174 -13.66 17.75 21.82
C ALA E 174 -15.13 17.77 22.19
N GLU E 175 -15.92 18.60 21.51
CA GLU E 175 -17.35 18.65 21.79
C GLU E 175 -18.01 17.31 21.51
N LYS E 176 -17.63 16.67 20.40
CA LYS E 176 -18.17 15.34 20.10
C LYS E 176 -17.85 14.37 21.21
N LYS E 177 -16.60 14.38 21.68
CA LYS E 177 -16.19 13.46 22.74
C LYS E 177 -16.81 13.81 24.08
N VAL E 178 -17.34 15.03 24.25
CA VAL E 178 -17.81 15.50 25.54
C VAL E 178 -19.32 15.44 25.69
N HIS E 179 -20.08 15.38 24.59
CA HIS E 179 -21.54 15.46 24.65
C HIS E 179 -22.20 14.11 24.40
N HIS E 180 -21.52 13.03 24.78
CA HIS E 180 -22.14 11.71 24.81
C HIS E 180 -22.88 11.56 26.14
N THR E 181 -23.36 10.36 26.42
CA THR E 181 -23.83 9.97 27.74
C THR E 181 -22.95 8.85 28.26
N PHE E 182 -23.22 8.41 29.49
CA PHE E 182 -22.39 7.38 30.11
C PHE E 182 -22.32 6.13 29.24
N VAL E 183 -23.50 5.60 28.86
CA VAL E 183 -23.54 4.30 28.20
C VAL E 183 -22.93 4.38 26.81
N GLU E 184 -23.22 5.44 26.06
CA GLU E 184 -22.70 5.55 24.71
C GLU E 184 -21.18 5.64 24.71
N CYS E 185 -20.62 6.44 25.62
CA CYS E 185 -19.17 6.53 25.70
C CYS E 185 -18.57 5.21 26.13
N VAL E 186 -19.21 4.51 27.07
CA VAL E 186 -18.74 3.19 27.46
C VAL E 186 -18.67 2.27 26.26
N SER E 187 -19.73 2.27 25.44
CA SER E 187 -19.77 1.39 24.27
C SER E 187 -18.68 1.76 23.27
N LEU E 188 -18.49 3.05 23.01
CA LEU E 188 -17.47 3.47 22.07
C LEU E 188 -16.08 3.06 22.55
N ALA E 189 -15.83 3.19 23.86
CA ALA E 189 -14.55 2.75 24.41
C ALA E 189 -14.39 1.24 24.32
N VAL E 190 -15.48 0.50 24.50
CA VAL E 190 -15.42 -0.95 24.34
C VAL E 190 -14.96 -1.30 22.92
N GLY E 191 -15.57 -0.67 21.93
CA GLY E 191 -15.15 -0.91 20.55
C GLY E 191 -13.71 -0.50 20.31
N CYS E 192 -13.31 0.64 20.86
CA CYS E 192 -11.94 1.11 20.74
C CYS E 192 -10.96 0.06 21.24
N ASN E 193 -11.16 -0.42 22.45
CA ASN E 193 -10.23 -1.38 23.02
C ASN E 193 -10.29 -2.71 22.29
N ILE E 194 -11.46 -3.09 21.77
CA ILE E 194 -11.51 -4.29 20.94
C ILE E 194 -10.56 -4.16 19.76
N PHE E 195 -10.62 -3.01 19.08
CA PHE E 195 -9.71 -2.79 17.95
C PHE E 195 -8.24 -2.80 18.39
N VAL E 196 -7.94 -2.15 19.51
CA VAL E 196 -6.54 -2.07 19.96
C VAL E 196 -6.02 -3.45 20.32
N CYS E 197 -6.82 -4.22 21.07
CA CYS E 197 -6.43 -5.56 21.44
C CYS E 197 -6.24 -6.43 20.20
N LEU E 198 -7.10 -6.27 19.20
CA LEU E 198 -6.93 -7.03 17.98
C LEU E 198 -5.63 -6.64 17.27
N ALA E 199 -5.27 -5.35 17.32
CA ALA E 199 -4.02 -4.93 16.70
C ALA E 199 -2.81 -5.54 17.40
N VAL E 200 -2.81 -5.55 18.73
CA VAL E 200 -1.70 -6.16 19.44
C VAL E 200 -1.64 -7.65 19.15
N TYR E 201 -2.80 -8.30 19.06
CA TYR E 201 -2.82 -9.70 18.64
C TYR E 201 -2.24 -9.87 17.25
N PHE E 202 -2.58 -8.97 16.33
CA PHE E 202 -2.05 -9.04 14.97
C PHE E 202 -0.53 -9.01 14.99
N VAL E 203 0.06 -8.05 15.68
CA VAL E 203 1.52 -7.99 15.72
C VAL E 203 2.09 -9.21 16.41
N LEU E 204 1.39 -9.72 17.44
CA LEU E 204 1.83 -10.96 18.08
C LEU E 204 1.81 -12.13 17.10
N THR E 205 0.99 -12.04 16.05
CA THR E 205 0.83 -13.15 15.11
C THR E 205 1.69 -12.98 13.85
N LEU E 206 1.58 -11.83 13.19
CA LEU E 206 2.28 -11.59 11.93
C LEU E 206 3.70 -11.11 12.23
N LYS E 207 4.63 -12.06 12.30
CA LYS E 207 6.01 -11.76 12.68
C LYS E 207 6.81 -11.26 11.49
N ASP E 208 6.30 -10.19 10.86
CA ASP E 208 6.97 -9.57 9.74
C ASP E 208 6.64 -8.09 9.73
N GLY E 209 7.49 -7.32 9.05
CA GLY E 209 7.27 -5.88 9.00
C GLY E 209 6.01 -5.49 8.27
N ALA E 210 5.73 -6.17 7.14
CA ALA E 210 4.53 -5.86 6.38
C ALA E 210 3.27 -5.99 7.24
N GLY E 211 3.12 -7.14 7.90
CA GLY E 211 1.98 -7.32 8.79
C GLY E 211 2.01 -6.34 9.94
N TYR E 212 3.17 -6.20 10.59
CA TYR E 212 3.30 -5.29 11.73
C TYR E 212 2.77 -3.91 11.37
N VAL E 213 3.14 -3.41 10.20
CA VAL E 213 2.67 -2.10 9.77
C VAL E 213 1.18 -2.15 9.46
N PHE E 214 0.80 -2.97 8.47
CA PHE E 214 -0.50 -2.78 7.83
C PHE E 214 -1.66 -3.31 8.65
N SER E 215 -1.50 -4.43 9.36
CA SER E 215 -2.61 -4.94 10.15
C SER E 215 -3.03 -3.93 11.20
N VAL E 216 -2.06 -3.44 11.99
CA VAL E 216 -2.39 -2.44 12.99
C VAL E 216 -2.76 -1.12 12.34
N PHE E 217 -2.22 -0.82 11.16
CA PHE E 217 -2.66 0.37 10.45
C PHE E 217 -4.15 0.33 10.19
N PHE E 218 -4.63 -0.76 9.61
CA PHE E 218 -6.06 -0.88 9.32
C PHE E 218 -6.87 -0.87 10.60
N ALA E 219 -6.42 -1.59 11.63
CA ALA E 219 -7.17 -1.62 12.89
C ALA E 219 -7.30 -0.23 13.49
N VAL E 220 -6.18 0.50 13.57
CA VAL E 220 -6.18 1.81 14.21
C VAL E 220 -6.95 2.81 13.37
N TYR E 221 -6.79 2.77 12.05
CA TYR E 221 -7.58 3.65 11.19
C TYR E 221 -9.06 3.37 11.33
N ALA E 222 -9.45 2.10 11.43
CA ALA E 222 -10.86 1.76 11.58
C ALA E 222 -11.41 2.31 12.88
N PHE E 223 -10.69 2.12 13.99
CA PHE E 223 -11.23 2.62 15.26
C PHE E 223 -11.15 4.14 15.34
N ALA E 224 -10.25 4.77 14.61
CA ALA E 224 -10.17 6.23 14.63
C ALA E 224 -11.29 6.85 13.81
N ILE E 225 -11.48 6.39 12.58
CA ILE E 225 -12.55 6.92 11.74
C ILE E 225 -13.90 6.55 12.32
N ALA E 226 -14.03 5.34 12.88
CA ALA E 226 -15.30 4.90 13.43
C ALA E 226 -15.79 5.81 14.54
N GLY E 227 -14.88 6.48 15.25
CA GLY E 227 -15.26 7.32 16.37
C GLY E 227 -15.22 6.65 17.72
N TYR E 228 -14.56 5.49 17.82
CA TYR E 228 -14.41 4.84 19.11
C TYR E 228 -13.46 5.64 20.00
N GLU E 229 -13.71 5.58 21.31
CA GLU E 229 -13.01 6.41 22.28
C GLU E 229 -11.79 5.66 22.83
N HIS E 230 -10.61 6.23 22.63
CA HIS E 230 -9.37 5.68 23.15
C HIS E 230 -8.93 6.48 24.36
N ILE E 231 -8.57 5.78 25.44
CA ILE E 231 -8.34 6.44 26.72
C ILE E 231 -7.17 7.42 26.62
N ILE E 232 -6.05 6.98 26.04
CA ILE E 232 -4.87 7.84 26.00
C ILE E 232 -5.06 8.98 24.99
N ALA E 233 -5.57 8.65 23.81
CA ALA E 233 -5.84 9.68 22.81
C ALA E 233 -6.85 10.68 23.35
N ASN E 234 -7.86 10.19 24.07
CA ASN E 234 -8.84 11.11 24.65
C ASN E 234 -8.22 11.97 25.73
N ILE E 235 -7.34 11.40 26.56
CA ILE E 235 -6.66 12.20 27.57
C ILE E 235 -5.90 13.34 26.91
N TYR E 236 -5.10 13.01 25.90
CA TYR E 236 -4.32 14.03 25.21
C TYR E 236 -5.22 15.09 24.58
N THR E 237 -6.22 14.64 23.81
CA THR E 237 -7.05 15.58 23.08
C THR E 237 -7.84 16.48 24.02
N LEU E 238 -8.44 15.90 25.05
CA LEU E 238 -9.22 16.70 25.99
C LEU E 238 -8.35 17.68 26.74
N ASN E 239 -7.16 17.24 27.17
CA ASN E 239 -6.27 18.15 27.89
C ASN E 239 -5.85 19.32 26.99
N ILE E 240 -5.46 19.03 25.75
CA ILE E 240 -5.01 20.11 24.88
C ILE E 240 -6.15 21.03 24.49
N ALA E 241 -7.35 20.47 24.31
CA ALA E 241 -8.52 21.30 24.06
C ALA E 241 -8.78 22.22 25.23
N LEU E 242 -8.63 21.71 26.45
CA LEU E 242 -8.76 22.55 27.63
C LEU E 242 -7.70 23.65 27.61
N MET E 243 -6.47 23.30 27.25
CA MET E 243 -5.39 24.29 27.27
C MET E 243 -5.66 25.45 26.32
N VAL E 244 -6.15 25.14 25.11
CA VAL E 244 -6.30 26.16 24.08
C VAL E 244 -7.65 26.88 24.21
N ASN E 245 -8.35 26.64 25.32
CA ASN E 245 -9.59 27.35 25.64
C ASN E 245 -10.67 27.08 24.59
N THR E 246 -11.03 25.81 24.44
CA THR E 246 -12.20 25.40 23.69
C THR E 246 -13.44 25.55 24.58
N LYS E 247 -14.56 25.00 24.12
CA LYS E 247 -15.80 25.10 24.89
C LYS E 247 -15.86 24.05 25.99
N ILE E 248 -15.16 22.92 25.83
CA ILE E 248 -15.19 21.87 26.83
C ILE E 248 -14.63 22.39 28.15
N THR E 249 -15.27 21.98 29.25
CA THR E 249 -14.77 22.27 30.59
C THR E 249 -14.05 21.05 31.16
N VAL E 250 -13.31 21.29 32.24
CA VAL E 250 -12.52 20.22 32.84
C VAL E 250 -13.42 19.14 33.42
N TYR E 251 -14.48 19.56 34.12
CA TYR E 251 -15.45 18.60 34.61
C TYR E 251 -16.03 17.77 33.47
N GLN E 252 -16.38 18.42 32.37
CA GLN E 252 -16.86 17.69 31.20
C GLN E 252 -15.79 16.77 30.65
N ALA E 253 -14.56 17.28 30.54
CA ALA E 253 -13.49 16.49 29.94
C ALA E 253 -13.24 15.21 30.72
N TYR E 254 -13.29 15.29 32.04
CA TYR E 254 -12.93 14.14 32.87
C TYR E 254 -14.13 13.26 33.21
N ILE E 255 -15.16 13.84 33.85
CA ILE E 255 -16.28 13.04 34.31
C ILE E 255 -17.05 12.45 33.13
N LYS E 256 -17.39 13.29 32.14
CA LYS E 256 -18.26 12.84 31.07
C LYS E 256 -17.60 11.76 30.21
N ASN E 257 -16.30 11.89 29.94
CA ASN E 257 -15.67 11.08 28.90
C ASN E 257 -14.61 10.13 29.44
N LEU E 258 -13.60 10.63 30.14
CA LEU E 258 -12.45 9.79 30.45
C LEU E 258 -12.81 8.67 31.43
N LEU E 259 -13.68 8.94 32.40
CA LEU E 259 -14.13 7.86 33.28
C LEU E 259 -14.87 6.77 32.51
N PRO E 260 -15.92 7.06 31.74
CA PRO E 260 -16.53 6.00 30.93
C PRO E 260 -15.58 5.41 29.90
N THR E 261 -14.58 6.16 29.44
CA THR E 261 -13.69 5.61 28.48
C THR E 261 -12.75 4.58 29.09
N LEU E 262 -12.22 4.87 30.27
CA LEU E 262 -11.32 3.97 30.89
C LEU E 262 -12.09 2.70 31.11
N LEU E 263 -13.33 2.83 31.58
CA LEU E 263 -14.14 1.66 31.87
C LEU E 263 -14.44 0.81 30.66
N GLY E 264 -14.76 1.41 29.55
CA GLY E 264 -15.14 0.65 28.40
C GLY E 264 -13.96 -0.10 27.94
N ASN E 265 -12.84 0.57 27.97
CA ASN E 265 -11.64 -0.06 27.55
C ASN E 265 -11.36 -1.21 28.48
N TYR E 266 -11.51 -1.00 29.76
CA TYR E 266 -11.18 -2.06 30.63
C TYR E 266 -12.01 -3.27 30.35
N ILE E 267 -13.31 -3.09 30.16
CA ILE E 267 -14.19 -4.21 29.92
C ILE E 267 -13.86 -4.86 28.62
N ALA E 268 -13.58 -4.08 27.61
CA ALA E 268 -13.35 -4.69 26.33
C ALA E 268 -12.17 -5.58 26.34
N GLY E 269 -11.10 -5.14 26.97
CA GLY E 269 -9.87 -5.89 26.93
C GLY E 269 -9.92 -7.04 27.86
N ALA E 270 -10.50 -6.87 29.05
CA ALA E 270 -10.47 -7.96 30.02
C ALA E 270 -11.61 -8.95 29.85
N ILE E 271 -12.85 -8.46 29.82
CA ILE E 271 -14.01 -9.35 29.89
C ILE E 271 -14.47 -9.78 28.51
N VAL E 272 -14.61 -8.85 27.57
CA VAL E 272 -15.19 -9.18 26.28
C VAL E 272 -14.23 -10.06 25.47
N LEU E 273 -12.95 -9.69 25.43
CA LEU E 273 -11.98 -10.37 24.60
C LEU E 273 -11.13 -11.38 25.36
N GLY E 274 -10.66 -11.02 26.56
CA GLY E 274 -9.78 -11.90 27.29
C GLY E 274 -10.46 -13.17 27.77
N LEU E 275 -11.67 -13.05 28.34
CA LEU E 275 -12.31 -14.20 28.96
C LEU E 275 -12.65 -15.30 27.96
N PRO E 276 -13.32 -15.01 26.83
CA PRO E 276 -13.61 -16.09 25.89
C PRO E 276 -12.37 -16.66 25.23
N LEU E 277 -11.36 -15.83 24.95
CA LEU E 277 -10.11 -16.35 24.40
C LEU E 277 -9.46 -17.31 25.39
N TYR E 278 -9.45 -16.96 26.67
CA TYR E 278 -8.95 -17.87 27.69
C TYR E 278 -9.73 -19.16 27.70
N PHE E 279 -11.06 -19.06 27.72
CA PHE E 279 -11.88 -20.28 27.72
C PHE E 279 -11.56 -21.15 26.52
N ILE E 280 -11.25 -20.53 25.38
CA ILE E 280 -10.94 -21.29 24.17
C ILE E 280 -9.59 -21.99 24.30
N TYR E 281 -8.57 -21.27 24.73
CA TYR E 281 -7.18 -21.70 24.57
C TYR E 281 -6.54 -22.18 25.87
N LYS E 282 -7.34 -22.36 26.92
CA LYS E 282 -6.80 -22.82 28.21
C LYS E 282 -6.07 -24.15 28.06
N GLU E 283 -6.72 -25.14 27.43
CA GLU E 283 -6.12 -26.46 27.31
C GLU E 283 -4.85 -26.40 26.46
N HIS E 284 -4.86 -25.61 25.39
CA HIS E 284 -3.69 -25.51 24.53
C HIS E 284 -2.50 -24.90 25.28
N TYR E 285 -2.74 -23.80 26.00
CA TYR E 285 -1.65 -23.20 26.77
C TYR E 285 -1.10 -24.19 27.80
N TYR E 286 -1.97 -25.03 28.38
CA TYR E 286 -1.51 -26.07 29.29
C TYR E 286 -0.62 -27.06 28.56
N ASN E 287 -1.07 -27.55 27.40
CA ASN E 287 -0.32 -28.56 26.68
C ASN E 287 1.05 -28.04 26.27
N PHE E 288 1.13 -26.77 25.87
CA PHE E 288 2.42 -26.19 25.55
C PHE E 288 3.32 -26.15 26.78
N GLU E 289 2.77 -25.73 27.92
CA GLU E 289 3.54 -25.62 29.15
C GLU E 289 3.49 -26.94 29.91
C12 HV6 F . 14.31 3.00 -14.92
C14 HV6 F . 12.91 3.54 -14.66
C01 HV6 F . 17.75 -4.88 -14.54
C03 HV6 F . 17.44 -2.66 -13.86
C04 HV6 F . 18.16 -1.90 -14.73
C05 HV6 F . 17.79 -0.64 -15.07
C06 HV6 F . 16.63 -0.09 -14.55
C07 HV6 F . 15.91 -0.86 -13.67
C08 HV6 F . 16.30 -2.13 -13.33
C09 HV6 F . 16.16 1.32 -14.89
C11 HV6 F . 14.72 1.79 -14.60
C15 HV6 F . 11.97 3.14 -15.77
F16 HV6 F . 10.75 3.62 -15.41
F17 HV6 F . 12.37 3.70 -16.95
F18 HV6 F . 11.92 1.79 -15.87
F19 HV6 F . 12.39 3.18 -13.47
F20 HV6 F . 13.01 4.90 -14.67
O02 HV6 F . 17.85 -3.95 -13.51
O10 HV6 F . 16.96 2.04 -15.37
O13 HV6 F . 18.64 0.02 -15.97
O21 HV6 F . 15.15 3.90 -15.51
H1 HV6 F . 18.54 -4.84 -15.10
H2 HV6 F . 17.68 -5.78 -14.17
H3 HV6 F . 16.98 -4.68 -15.07
H4 HV6 F . 18.91 -2.25 -15.10
H5 HV6 F . 15.14 -0.53 -13.30
H6 HV6 F . 15.80 -2.61 -12.74
H7 HV6 F . 14.11 1.21 -14.21
H8 HV6 F . 19.45 -0.23 -15.86
H9 HV6 F . 15.08 4.60 -15.05
C12 HV6 G . -15.36 -13.25 5.94
C14 HV6 G . -15.33 -11.76 5.57
C01 HV6 G . -9.23 -19.02 7.65
C03 HV6 G . -10.91 -17.47 8.15
C04 HV6 G . -12.11 -18.14 7.92
C05 HV6 G . -13.20 -17.44 7.45
C06 HV6 G . -13.11 -16.07 7.22
C07 HV6 G . -11.92 -15.42 7.44
C08 HV6 G . -10.81 -16.11 7.90
C09 HV6 G . -14.33 -15.33 6.70
C11 HV6 G . -14.27 -13.85 6.35
C15 HV6 G . -15.64 -10.92 6.81
F16 HV6 G . -14.81 -11.31 7.83
F17 HV6 G . -15.41 -9.62 6.53
F18 HV6 G . -16.94 -11.10 7.18
F19 HV6 G . -16.29 -11.51 4.63
F20 HV6 G . -14.11 -11.41 5.08
O02 HV6 G . -9.79 -18.18 8.61
O10 HV6 G . -15.36 -15.91 6.58
O13 HV6 G . -14.41 -18.10 7.23
O21 HV6 G . -16.55 -13.97 5.81
H1 HV6 G . -8.48 -19.51 8.06
H2 HV6 G . -9.88 -19.65 7.34
H3 HV6 G . -8.90 -18.49 6.91
H4 HV6 G . -12.17 -19.05 8.08
H5 HV6 G . -11.85 -14.50 7.27
H6 HV6 G . -10.01 -15.67 8.05
H7 HV6 G . -13.48 -13.38 6.44
H8 HV6 G . -14.66 -18.49 7.95
H9 HV6 G . -16.95 -13.74 5.10
C12 HV6 H . -4.86 -12.40 -16.61
C14 HV6 H . -5.40 -11.07 -16.11
C01 HV6 H . 0.12 -18.26 -12.65
C03 HV6 H . -1.83 -17.23 -13.46
C04 HV6 H . -1.84 -17.54 -14.82
C05 HV6 H . -2.39 -16.65 -15.72
C06 HV6 H . -2.93 -15.46 -15.28
C07 HV6 H . -2.92 -15.15 -13.93
C08 HV6 H . -2.36 -16.03 -13.02
C09 HV6 H . -3.54 -14.47 -16.28
C11 HV6 H . -4.12 -13.14 -15.81
C15 HV6 H . -6.57 -11.30 -15.15
F16 HV6 H . -7.50 -12.11 -15.74
F17 HV6 H . -6.11 -11.87 -14.01
F18 HV6 H . -7.15 -10.09 -14.85
F19 HV6 H . -4.42 -10.39 -15.46
F20 HV6 H . -5.84 -10.33 -17.18
O02 HV6 H . -1.27 -18.13 -12.54
O10 HV6 H . -3.55 -14.75 -17.43
O13 HV6 H . -2.41 -16.96 -17.08
O21 HV6 H . -5.13 -12.82 -17.92
H1 HV6 H . 0.34 -18.68 -13.50
H2 HV6 H . 0.54 -17.40 -12.60
H3 HV6 H . 0.45 -18.82 -11.93
H4 HV6 H . -1.48 -18.34 -15.11
H5 HV6 H . -3.28 -14.34 -13.63
H6 HV6 H . -2.35 -15.83 -12.11
H7 HV6 H . -3.94 -12.85 -14.95
H8 HV6 H . -3.20 -16.86 -17.38
H9 HV6 H . -4.47 -13.27 -18.22
C12 HV6 I . 16.04 11.76 7.62
C14 HV6 I . 15.09 12.24 6.53
C01 HV6 I . 21.52 5.27 7.29
C03 HV6 I . 19.84 6.52 8.35
C04 HV6 I . 20.22 7.48 9.27
C05 HV6 I . 19.53 8.69 9.34
C06 HV6 I . 18.47 8.93 8.49
C07 HV6 I . 18.09 7.96 7.57
C08 HV6 I . 18.77 6.76 7.50
C09 HV6 I . 17.72 10.24 8.58
C11 HV6 I . 16.78 10.69 7.45
C15 HV6 I . 13.68 12.28 7.11
F16 HV6 I . 12.78 12.12 6.09
F17 HV6 I . 13.53 11.28 8.02
F18 HV6 I . 13.48 13.49 7.72
F19 HV6 I . 15.44 13.50 6.14
F20 HV6 I . 15.12 11.41 5.45
O02 HV6 I . 20.53 5.31 8.28
O10 HV6 I . 17.86 10.95 9.52
O13 HV6 I . 19.92 9.66 10.27
O21 HV6 I . 16.15 12.47 8.82
H1 HV6 I . 21.67 4.35 7.03
H2 HV6 I . 21.22 5.78 6.52
H3 HV6 I . 22.33 5.65 7.64
H4 HV6 I . 20.94 7.33 9.84
H5 HV6 I . 17.37 8.12 7.01
H6 HV6 I . 18.52 6.11 6.89
H7 HV6 I . 16.74 10.19 6.67
H8 HV6 I . 20.35 10.26 9.87
H9 HV6 I . 15.37 12.71 9.08
C12 HV6 J . -2.31 2.01 20.92
C14 HV6 J . -2.27 3.16 19.94
C01 HV6 J . 4.21 -3.10 22.57
C03 HV6 J . 1.93 -2.78 22.15
C04 HV6 J . 1.17 -2.54 23.28
C05 HV6 J . 0.12 -1.64 23.23
C06 HV6 J . -0.17 -0.97 22.05
C07 HV6 J . 0.59 -1.22 20.92
C08 HV6 J . 1.64 -2.11 20.96
C09 HV6 J . -1.32 0.01 21.99
C11 HV6 J . -1.29 1.17 20.99
C15 HV6 J . -2.78 2.72 18.57
F16 HV6 J . -2.19 1.53 18.23
F17 HV6 J . -4.13 2.56 18.61
F18 HV6 J . -2.46 3.66 17.64
F19 HV6 J . -1.00 3.64 19.82
F20 HV6 J . -3.09 4.17 20.39
O02 HV6 J . 2.99 -3.69 22.20
O10 HV6 J . -2.26 -0.11 22.72
O13 HV6 J . -0.65 -1.39 24.37
O21 HV6 J . -3.42 1.81 21.75
H1 HV6 J . 4.26 -2.21 22.19
H2 HV6 J . 4.27 -3.05 23.54
H3 HV6 J . 4.94 -3.63 22.23
H4 HV6 J . 1.37 -2.98 24.07
H5 HV6 J . 0.40 -0.78 20.12
H6 HV6 J . 2.15 -2.28 20.21
H7 HV6 J . -0.55 1.29 20.45
H8 HV6 J . -0.28 -1.76 25.05
H9 HV6 J . -4.08 1.53 21.28
#